data_2AO5
# 
_entry.id   2AO5 
# 
_audit_conform.dict_name       mmcif_pdbx.dic 
_audit_conform.dict_version    5.388 
_audit_conform.dict_location   http://mmcif.pdb.org/dictionaries/ascii/mmcif_pdbx.dic 
# 
loop_
_database_2.database_id 
_database_2.database_code 
_database_2.pdbx_database_accession 
_database_2.pdbx_DOI 
PDB   2AO5         pdb_00002ao5 10.2210/pdb2ao5/pdb 
NDB   AR0065       ?            ?                   
RCSB  RCSB034119   ?            ?                   
WWPDB D_1000034119 ?            ?                   
# 
loop_
_pdbx_audit_revision_history.ordinal 
_pdbx_audit_revision_history.data_content_type 
_pdbx_audit_revision_history.major_revision 
_pdbx_audit_revision_history.minor_revision 
_pdbx_audit_revision_history.revision_date 
1 'Structure model' 1 0 2006-03-28 
2 'Structure model' 1 1 2008-04-30 
3 'Structure model' 1 2 2011-07-13 
4 'Structure model' 1 3 2024-03-13 
# 
_pdbx_audit_revision_details.ordinal             1 
_pdbx_audit_revision_details.revision_ordinal    1 
_pdbx_audit_revision_details.data_content_type   'Structure model' 
_pdbx_audit_revision_details.provider            repository 
_pdbx_audit_revision_details.type                'Initial release' 
_pdbx_audit_revision_details.description         ? 
_pdbx_audit_revision_details.details             ? 
# 
loop_
_pdbx_audit_revision_group.ordinal 
_pdbx_audit_revision_group.revision_ordinal 
_pdbx_audit_revision_group.data_content_type 
_pdbx_audit_revision_group.group 
1 2 'Structure model' 'Version format compliance' 
2 3 'Structure model' 'Version format compliance' 
3 4 'Structure model' 'Data collection'           
4 4 'Structure model' 'Database references'       
5 4 'Structure model' 'Derived calculations'      
# 
loop_
_pdbx_audit_revision_category.ordinal 
_pdbx_audit_revision_category.revision_ordinal 
_pdbx_audit_revision_category.data_content_type 
_pdbx_audit_revision_category.category 
1 4 'Structure model' chem_comp_atom         
2 4 'Structure model' chem_comp_bond         
3 4 'Structure model' database_2             
4 4 'Structure model' pdbx_struct_conn_angle 
5 4 'Structure model' struct_conn            
6 4 'Structure model' struct_site            
# 
loop_
_pdbx_audit_revision_item.ordinal 
_pdbx_audit_revision_item.revision_ordinal 
_pdbx_audit_revision_item.data_content_type 
_pdbx_audit_revision_item.item 
1  4 'Structure model' '_database_2.pdbx_DOI'                      
2  4 'Structure model' '_database_2.pdbx_database_accession'       
3  4 'Structure model' '_pdbx_struct_conn_angle.ptnr1_auth_seq_id' 
4  4 'Structure model' '_pdbx_struct_conn_angle.ptnr3_auth_seq_id' 
5  4 'Structure model' '_pdbx_struct_conn_angle.value'             
6  4 'Structure model' '_struct_conn.conn_type_id'                 
7  4 'Structure model' '_struct_conn.id'                           
8  4 'Structure model' '_struct_conn.pdbx_dist_value'              
9  4 'Structure model' '_struct_conn.pdbx_leaving_atom_flag'       
10 4 'Structure model' '_struct_conn.ptnr1_auth_asym_id'           
11 4 'Structure model' '_struct_conn.ptnr1_auth_comp_id'           
12 4 'Structure model' '_struct_conn.ptnr1_auth_seq_id'            
13 4 'Structure model' '_struct_conn.ptnr1_label_asym_id'          
14 4 'Structure model' '_struct_conn.ptnr1_label_atom_id'          
15 4 'Structure model' '_struct_conn.ptnr1_label_comp_id'          
16 4 'Structure model' '_struct_conn.ptnr1_label_seq_id'           
17 4 'Structure model' '_struct_conn.ptnr2_auth_asym_id'           
18 4 'Structure model' '_struct_conn.ptnr2_auth_comp_id'           
19 4 'Structure model' '_struct_conn.ptnr2_auth_seq_id'            
20 4 'Structure model' '_struct_conn.ptnr2_label_asym_id'          
21 4 'Structure model' '_struct_conn.ptnr2_label_atom_id'          
22 4 'Structure model' '_struct_conn.ptnr2_label_comp_id'          
23 4 'Structure model' '_struct_conn.ptnr2_label_seq_id'           
24 4 'Structure model' '_struct_site.pdbx_auth_asym_id'            
25 4 'Structure model' '_struct_site.pdbx_auth_comp_id'            
26 4 'Structure model' '_struct_site.pdbx_auth_seq_id'             
# 
_pdbx_database_status.status_code                     REL 
_pdbx_database_status.entry_id                        2AO5 
_pdbx_database_status.recvd_initial_deposition_date   2005-08-12 
_pdbx_database_status.deposit_site                    RCSB 
_pdbx_database_status.process_site                    PDBJ 
_pdbx_database_status.status_code_sf                  REL 
_pdbx_database_status.status_code_mr                  ? 
_pdbx_database_status.SG_entry                        ? 
_pdbx_database_status.pdb_format_compatible           Y 
_pdbx_database_status.status_code_cs                  ? 
_pdbx_database_status.status_code_nmr_data            ? 
_pdbx_database_status.methods_development_category    ? 
# 
loop_
_audit_author.name 
_audit_author.pdbx_ordinal 
'Utsunomiya, R.'     1 
'Suto, K.'           2 
'Balasundaresan, D.' 3 
'Fukamizu, A.'       4 
'Kumar, P.K.'        5 
'Mizuno, H.'         6 
# 
_citation.id                        primary 
_citation.title                     'Structure of an RNA duplex r(GGCGBrUGCGCU)2 with terminal and internal tandem G.U base pairs.' 
_citation.journal_abbrev            'Acta Crystallogr.,Sect.D' 
_citation.journal_volume            62 
_citation.page_first                331 
_citation.page_last                 338 
_citation.year                      2006 
_citation.journal_id_ASTM           ABCRE6 
_citation.country                   DK 
_citation.journal_id_ISSN           0907-4449 
_citation.journal_id_CSD            0766 
_citation.book_publisher            ? 
_citation.pdbx_database_id_PubMed   16510980 
_citation.pdbx_database_id_DOI      10.1107/S0907444905043210 
# 
loop_
_citation_author.citation_id 
_citation_author.name 
_citation_author.ordinal 
_citation_author.identifier_ORCID 
primary 'Utsunomiya, R.'     1 ? 
primary 'Suto, K.'           2 ? 
primary 'Balasundaresan, D.' 3 ? 
primary 'Fukamizu, A.'       4 ? 
primary 'Kumar, P.K.'        5 ? 
primary 'Mizuno, H.'         6 ? 
# 
loop_
_entity.id 
_entity.type 
_entity.src_method 
_entity.pdbx_description 
_entity.formula_weight 
_entity.pdbx_number_of_molecules 
_entity.pdbx_ec 
_entity.pdbx_mutation 
_entity.pdbx_fragment 
_entity.details 
1 polymer     syn "5'-R(*GP*GP*CP*GP*(5BU)P*GP*CP*GP*CP*U)-3'" 3287.844 4   ? ? ? ? 
2 non-polymer syn 'MAGNESIUM ION'                              24.305   1   ? ? ? ? 
3 water       nat water                                        18.015   250 ? ? ? ? 
# 
_entity_poly.entity_id                      1 
_entity_poly.type                           polyribonucleotide 
_entity_poly.nstd_linkage                   no 
_entity_poly.nstd_monomer                   yes 
_entity_poly.pdbx_seq_one_letter_code       'GGCG(5BU)GCGCU' 
_entity_poly.pdbx_seq_one_letter_code_can   GGCGUGCGCU 
_entity_poly.pdbx_strand_id                 A,B,C,D 
_entity_poly.pdbx_target_identifier         ? 
# 
loop_
_pdbx_entity_nonpoly.entity_id 
_pdbx_entity_nonpoly.name 
_pdbx_entity_nonpoly.comp_id 
2 'MAGNESIUM ION' MG  
3 water           HOH 
# 
loop_
_entity_poly_seq.entity_id 
_entity_poly_seq.num 
_entity_poly_seq.mon_id 
_entity_poly_seq.hetero 
1 1  G   n 
1 2  G   n 
1 3  C   n 
1 4  G   n 
1 5  5BU n 
1 6  G   n 
1 7  C   n 
1 8  G   n 
1 9  C   n 
1 10 U   n 
# 
loop_
_chem_comp.id 
_chem_comp.type 
_chem_comp.mon_nstd_flag 
_chem_comp.name 
_chem_comp.pdbx_synonyms 
_chem_comp.formula 
_chem_comp.formula_weight 
5BU 'RNA linking' n "5-BROMO-URIDINE-5'-MONOPHOSPHATE" ? 'C9 H12 Br N2 O9 P' 403.077 
C   'RNA linking' y "CYTIDINE-5'-MONOPHOSPHATE"        ? 'C9 H14 N3 O8 P'    323.197 
G   'RNA linking' y "GUANOSINE-5'-MONOPHOSPHATE"       ? 'C10 H14 N5 O8 P'   363.221 
HOH non-polymer   . WATER                              ? 'H2 O'              18.015  
MG  non-polymer   . 'MAGNESIUM ION'                    ? 'Mg 2'              24.305  
U   'RNA linking' y "URIDINE-5'-MONOPHOSPHATE"         ? 'C9 H13 N2 O9 P'    324.181 
# 
loop_
_pdbx_poly_seq_scheme.asym_id 
_pdbx_poly_seq_scheme.entity_id 
_pdbx_poly_seq_scheme.seq_id 
_pdbx_poly_seq_scheme.mon_id 
_pdbx_poly_seq_scheme.ndb_seq_num 
_pdbx_poly_seq_scheme.pdb_seq_num 
_pdbx_poly_seq_scheme.auth_seq_num 
_pdbx_poly_seq_scheme.pdb_mon_id 
_pdbx_poly_seq_scheme.auth_mon_id 
_pdbx_poly_seq_scheme.pdb_strand_id 
_pdbx_poly_seq_scheme.pdb_ins_code 
_pdbx_poly_seq_scheme.hetero 
A 1 1  G   1  1  1  G   G   A . n 
A 1 2  G   2  2  2  G   G   A . n 
A 1 3  C   3  3  3  C   C   A . n 
A 1 4  G   4  4  4  G   G   A . n 
A 1 5  5BU 5  5  5  5BU 5BU A . n 
A 1 6  G   6  6  6  G   G   A . n 
A 1 7  C   7  7  7  C   C   A . n 
A 1 8  G   8  8  8  G   G   A . n 
A 1 9  C   9  9  9  C   C   A . n 
A 1 10 U   10 10 10 U   U   A . n 
B 1 1  G   1  1  1  G   G   B . n 
B 1 2  G   2  2  2  G   G   B . n 
B 1 3  C   3  3  3  C   C   B . n 
B 1 4  G   4  4  4  G   G   B . n 
B 1 5  5BU 5  5  5  5BU 5BU B . n 
B 1 6  G   6  6  6  G   G   B . n 
B 1 7  C   7  7  7  C   C   B . n 
B 1 8  G   8  8  8  G   G   B . n 
B 1 9  C   9  9  9  C   C   B . n 
B 1 10 U   10 10 10 U   U   B . n 
C 1 1  G   1  1  1  G   G   C . n 
C 1 2  G   2  2  2  G   G   C . n 
C 1 3  C   3  3  3  C   C   C . n 
C 1 4  G   4  4  4  G   G   C . n 
C 1 5  5BU 5  5  5  5BU 5BU C . n 
C 1 6  G   6  6  6  G   G   C . n 
C 1 7  C   7  7  7  C   C   C . n 
C 1 8  G   8  8  8  G   G   C . n 
C 1 9  C   9  9  9  C   C   C . n 
C 1 10 U   10 10 10 U   U   C . n 
D 1 1  G   1  1  1  G   G   D . n 
D 1 2  G   2  2  2  G   G   D . n 
D 1 3  C   3  3  3  C   C   D . n 
D 1 4  G   4  4  4  G   G   D . n 
D 1 5  5BU 5  5  5  5BU 5BU D . n 
D 1 6  G   6  6  6  G   G   D . n 
D 1 7  C   7  7  7  C   C   D . n 
D 1 8  G   8  8  8  G   G   D . n 
D 1 9  C   9  9  9  C   C   D . n 
D 1 10 U   10 10 10 U   U   D . n 
# 
loop_
_pdbx_nonpoly_scheme.asym_id 
_pdbx_nonpoly_scheme.entity_id 
_pdbx_nonpoly_scheme.mon_id 
_pdbx_nonpoly_scheme.ndb_seq_num 
_pdbx_nonpoly_scheme.pdb_seq_num 
_pdbx_nonpoly_scheme.auth_seq_num 
_pdbx_nonpoly_scheme.pdb_mon_id 
_pdbx_nonpoly_scheme.auth_mon_id 
_pdbx_nonpoly_scheme.pdb_strand_id 
_pdbx_nonpoly_scheme.pdb_ins_code 
E 2 MG  1  198 198 MG  MG  A . 
F 3 HOH 1  12  12  HOH HOH A . 
F 3 HOH 2  14  14  HOH HOH A . 
F 3 HOH 3  15  15  HOH HOH A . 
F 3 HOH 4  21  21  HOH HOH A . 
F 3 HOH 5  24  24  HOH HOH A . 
F 3 HOH 6  25  25  HOH HOH A . 
F 3 HOH 7  33  33  HOH HOH A . 
F 3 HOH 8  34  34  HOH HOH A . 
F 3 HOH 9  35  35  HOH HOH A . 
F 3 HOH 10 36  36  HOH HOH A . 
F 3 HOH 11 37  37  HOH HOH A . 
F 3 HOH 12 38  38  HOH HOH A . 
F 3 HOH 13 39  39  HOH HOH A . 
F 3 HOH 14 46  46  HOH HOH A . 
F 3 HOH 15 51  51  HOH HOH A . 
F 3 HOH 16 57  57  HOH HOH A . 
F 3 HOH 17 58  58  HOH HOH A . 
F 3 HOH 18 59  59  HOH HOH A . 
F 3 HOH 19 60  60  HOH HOH A . 
F 3 HOH 20 71  71  HOH HOH A . 
F 3 HOH 21 85  85  HOH HOH A . 
F 3 HOH 22 86  86  HOH HOH A . 
F 3 HOH 23 94  94  HOH HOH A . 
F 3 HOH 24 105 105 HOH HOH A . 
F 3 HOH 25 106 106 HOH HOH A . 
F 3 HOH 26 112 112 HOH HOH A . 
F 3 HOH 27 116 116 HOH HOH A . 
F 3 HOH 28 125 125 HOH HOH A . 
F 3 HOH 29 131 131 HOH HOH A . 
F 3 HOH 30 133 133 HOH HOH A . 
F 3 HOH 31 134 134 HOH HOH A . 
F 3 HOH 32 136 136 HOH HOH A . 
F 3 HOH 33 137 137 HOH HOH A . 
F 3 HOH 34 163 163 HOH HOH A . 
F 3 HOH 35 167 167 HOH HOH A . 
F 3 HOH 36 169 169 HOH HOH A . 
F 3 HOH 37 170 170 HOH HOH A . 
F 3 HOH 38 174 174 HOH HOH A . 
F 3 HOH 39 175 175 HOH HOH A . 
F 3 HOH 40 176 176 HOH HOH A . 
F 3 HOH 41 180 180 HOH HOH A . 
F 3 HOH 42 183 183 HOH HOH A . 
F 3 HOH 43 184 184 HOH HOH A . 
F 3 HOH 44 188 188 HOH HOH A . 
F 3 HOH 45 189 189 HOH HOH A . 
F 3 HOH 46 190 190 HOH HOH A . 
F 3 HOH 47 192 192 HOH HOH A . 
F 3 HOH 48 196 196 HOH HOH A . 
F 3 HOH 49 199 199 HOH HOH A . 
F 3 HOH 50 203 203 HOH HOH A . 
F 3 HOH 51 204 204 HOH HOH A . 
F 3 HOH 52 206 206 HOH HOH A . 
F 3 HOH 53 208 208 HOH HOH A . 
F 3 HOH 54 211 211 HOH HOH A . 
F 3 HOH 55 213 213 HOH HOH A . 
F 3 HOH 56 215 215 HOH HOH A . 
F 3 HOH 57 216 216 HOH HOH A . 
F 3 HOH 58 220 220 HOH HOH A . 
F 3 HOH 59 221 221 HOH HOH A . 
F 3 HOH 60 225 225 HOH HOH A . 
F 3 HOH 61 227 227 HOH HOH A . 
F 3 HOH 62 228 228 HOH HOH A . 
F 3 HOH 63 229 229 HOH HOH A . 
F 3 HOH 64 232 232 HOH HOH A . 
F 3 HOH 65 234 234 HOH HOH A . 
F 3 HOH 66 236 236 HOH HOH A . 
F 3 HOH 67 237 237 HOH HOH A . 
F 3 HOH 68 242 242 HOH HOH A . 
F 3 HOH 69 246 246 HOH HOH A . 
F 3 HOH 70 247 247 HOH HOH A . 
F 3 HOH 71 249 249 HOH HOH A . 
F 3 HOH 72 250 250 HOH HOH A . 
F 3 HOH 73 251 251 HOH HOH A . 
G 3 HOH 1  16  16  HOH HOH B . 
G 3 HOH 2  20  20  HOH HOH B . 
G 3 HOH 3  22  22  HOH HOH B . 
G 3 HOH 4  23  23  HOH HOH B . 
G 3 HOH 5  26  26  HOH HOH B . 
G 3 HOH 6  27  27  HOH HOH B . 
G 3 HOH 7  28  28  HOH HOH B . 
G 3 HOH 8  29  29  HOH HOH B . 
G 3 HOH 9  30  30  HOH HOH B . 
G 3 HOH 10 31  31  HOH HOH B . 
G 3 HOH 11 32  32  HOH HOH B . 
G 3 HOH 12 41  41  HOH HOH B . 
G 3 HOH 13 42  42  HOH HOH B . 
G 3 HOH 14 43  43  HOH HOH B . 
G 3 HOH 15 48  48  HOH HOH B . 
G 3 HOH 16 52  52  HOH HOH B . 
G 3 HOH 17 54  54  HOH HOH B . 
G 3 HOH 18 61  61  HOH HOH B . 
G 3 HOH 19 62  62  HOH HOH B . 
G 3 HOH 20 64  64  HOH HOH B . 
G 3 HOH 21 72  72  HOH HOH B . 
G 3 HOH 22 73  73  HOH HOH B . 
G 3 HOH 23 75  75  HOH HOH B . 
G 3 HOH 24 76  76  HOH HOH B . 
G 3 HOH 25 79  79  HOH HOH B . 
G 3 HOH 26 81  81  HOH HOH B . 
G 3 HOH 27 83  83  HOH HOH B . 
G 3 HOH 28 84  84  HOH HOH B . 
G 3 HOH 29 90  90  HOH HOH B . 
G 3 HOH 30 91  91  HOH HOH B . 
G 3 HOH 31 93  93  HOH HOH B . 
G 3 HOH 32 101 101 HOH HOH B . 
G 3 HOH 33 102 102 HOH HOH B . 
G 3 HOH 34 107 107 HOH HOH B . 
G 3 HOH 35 109 109 HOH HOH B . 
G 3 HOH 36 110 110 HOH HOH B . 
G 3 HOH 37 113 113 HOH HOH B . 
G 3 HOH 38 120 120 HOH HOH B . 
G 3 HOH 39 121 121 HOH HOH B . 
G 3 HOH 40 126 126 HOH HOH B . 
G 3 HOH 41 127 127 HOH HOH B . 
G 3 HOH 42 128 128 HOH HOH B . 
G 3 HOH 43 129 129 HOH HOH B . 
G 3 HOH 44 130 130 HOH HOH B . 
G 3 HOH 45 138 138 HOH HOH B . 
G 3 HOH 46 148 148 HOH HOH B . 
G 3 HOH 47 149 149 HOH HOH B . 
G 3 HOH 48 159 159 HOH HOH B . 
G 3 HOH 49 160 160 HOH HOH B . 
G 3 HOH 50 161 161 HOH HOH B . 
G 3 HOH 51 164 164 HOH HOH B . 
G 3 HOH 52 173 173 HOH HOH B . 
G 3 HOH 53 178 178 HOH HOH B . 
G 3 HOH 54 182 182 HOH HOH B . 
G 3 HOH 55 191 191 HOH HOH B . 
G 3 HOH 56 197 197 HOH HOH B . 
G 3 HOH 57 202 202 HOH HOH B . 
G 3 HOH 58 207 207 HOH HOH B . 
G 3 HOH 59 209 209 HOH HOH B . 
G 3 HOH 60 212 212 HOH HOH B . 
G 3 HOH 61 217 217 HOH HOH B . 
G 3 HOH 62 219 219 HOH HOH B . 
G 3 HOH 63 223 223 HOH HOH B . 
G 3 HOH 64 230 230 HOH HOH B . 
G 3 HOH 65 240 240 HOH HOH B . 
G 3 HOH 66 241 241 HOH HOH B . 
G 3 HOH 67 248 248 HOH HOH B . 
H 3 HOH 1  11  2   HOH HOH C . 
H 3 HOH 2  12  3   HOH HOH C . 
H 3 HOH 3  13  5   HOH HOH C . 
H 3 HOH 4  14  6   HOH HOH C . 
H 3 HOH 5  15  8   HOH HOH C . 
H 3 HOH 6  16  9   HOH HOH C . 
H 3 HOH 7  17  13  HOH HOH C . 
H 3 HOH 8  18  50  HOH HOH C . 
H 3 HOH 9  19  53  HOH HOH C . 
H 3 HOH 10 20  55  HOH HOH C . 
H 3 HOH 11 21  56  HOH HOH C . 
H 3 HOH 12 22  63  HOH HOH C . 
H 3 HOH 13 23  66  HOH HOH C . 
H 3 HOH 14 24  70  HOH HOH C . 
H 3 HOH 15 25  87  HOH HOH C . 
H 3 HOH 16 26  88  HOH HOH C . 
H 3 HOH 17 27  97  HOH HOH C . 
H 3 HOH 18 28  98  HOH HOH C . 
H 3 HOH 19 29  99  HOH HOH C . 
H 3 HOH 20 30  100 HOH HOH C . 
H 3 HOH 21 31  108 HOH HOH C . 
H 3 HOH 22 32  118 HOH HOH C . 
H 3 HOH 23 33  119 HOH HOH C . 
H 3 HOH 24 34  124 HOH HOH C . 
H 3 HOH 25 35  132 HOH HOH C . 
H 3 HOH 26 36  135 HOH HOH C . 
H 3 HOH 27 37  140 HOH HOH C . 
H 3 HOH 28 38  146 HOH HOH C . 
H 3 HOH 29 39  155 HOH HOH C . 
H 3 HOH 30 40  156 HOH HOH C . 
H 3 HOH 31 41  157 HOH HOH C . 
H 3 HOH 32 42  158 HOH HOH C . 
H 3 HOH 33 43  162 HOH HOH C . 
H 3 HOH 34 44  168 HOH HOH C . 
H 3 HOH 35 45  179 HOH HOH C . 
H 3 HOH 36 46  185 HOH HOH C . 
H 3 HOH 37 47  186 HOH HOH C . 
H 3 HOH 38 48  187 HOH HOH C . 
H 3 HOH 39 49  194 HOH HOH C . 
H 3 HOH 40 50  195 HOH HOH C . 
H 3 HOH 41 51  200 HOH HOH C . 
H 3 HOH 42 52  205 HOH HOH C . 
H 3 HOH 43 53  210 HOH HOH C . 
H 3 HOH 44 54  214 HOH HOH C . 
H 3 HOH 45 55  218 HOH HOH C . 
H 3 HOH 46 56  226 HOH HOH C . 
H 3 HOH 47 57  231 HOH HOH C . 
H 3 HOH 48 58  235 HOH HOH C . 
H 3 HOH 49 59  238 HOH HOH C . 
H 3 HOH 50 60  239 HOH HOH C . 
H 3 HOH 51 61  244 HOH HOH C . 
H 3 HOH 52 62  245 HOH HOH C . 
I 3 HOH 1  11  1   HOH HOH D . 
I 3 HOH 2  12  4   HOH HOH D . 
I 3 HOH 3  13  7   HOH HOH D . 
I 3 HOH 4  14  10  HOH HOH D . 
I 3 HOH 5  15  11  HOH HOH D . 
I 3 HOH 6  16  17  HOH HOH D . 
I 3 HOH 7  17  18  HOH HOH D . 
I 3 HOH 8  18  19  HOH HOH D . 
I 3 HOH 9  19  40  HOH HOH D . 
I 3 HOH 10 20  44  HOH HOH D . 
I 3 HOH 11 21  45  HOH HOH D . 
I 3 HOH 12 22  47  HOH HOH D . 
I 3 HOH 13 23  49  HOH HOH D . 
I 3 HOH 14 24  65  HOH HOH D . 
I 3 HOH 15 25  67  HOH HOH D . 
I 3 HOH 16 26  68  HOH HOH D . 
I 3 HOH 17 27  69  HOH HOH D . 
I 3 HOH 18 28  74  HOH HOH D . 
I 3 HOH 19 29  77  HOH HOH D . 
I 3 HOH 20 30  78  HOH HOH D . 
I 3 HOH 21 31  80  HOH HOH D . 
I 3 HOH 22 32  82  HOH HOH D . 
I 3 HOH 23 33  89  HOH HOH D . 
I 3 HOH 24 34  92  HOH HOH D . 
I 3 HOH 25 35  95  HOH HOH D . 
I 3 HOH 26 36  96  HOH HOH D . 
I 3 HOH 27 37  103 HOH HOH D . 
I 3 HOH 28 38  104 HOH HOH D . 
I 3 HOH 29 39  111 HOH HOH D . 
I 3 HOH 30 40  114 HOH HOH D . 
I 3 HOH 31 41  115 HOH HOH D . 
I 3 HOH 32 42  117 HOH HOH D . 
I 3 HOH 33 43  122 HOH HOH D . 
I 3 HOH 34 44  123 HOH HOH D . 
I 3 HOH 35 45  139 HOH HOH D . 
I 3 HOH 36 46  141 HOH HOH D . 
I 3 HOH 37 47  142 HOH HOH D . 
I 3 HOH 38 48  143 HOH HOH D . 
I 3 HOH 39 49  144 HOH HOH D . 
I 3 HOH 40 50  145 HOH HOH D . 
I 3 HOH 41 51  147 HOH HOH D . 
I 3 HOH 42 52  150 HOH HOH D . 
I 3 HOH 43 53  151 HOH HOH D . 
I 3 HOH 44 54  152 HOH HOH D . 
I 3 HOH 45 55  153 HOH HOH D . 
I 3 HOH 46 56  154 HOH HOH D . 
I 3 HOH 47 57  165 HOH HOH D . 
I 3 HOH 48 58  166 HOH HOH D . 
I 3 HOH 49 59  171 HOH HOH D . 
I 3 HOH 50 60  172 HOH HOH D . 
I 3 HOH 51 61  177 HOH HOH D . 
I 3 HOH 52 62  181 HOH HOH D . 
I 3 HOH 53 63  193 HOH HOH D . 
I 3 HOH 54 64  201 HOH HOH D . 
I 3 HOH 55 65  222 HOH HOH D . 
I 3 HOH 56 66  224 HOH HOH D . 
I 3 HOH 57 67  233 HOH HOH D . 
I 3 HOH 58 68  243 HOH HOH D . 
# 
loop_
_software.name 
_software.classification 
_software.version 
_software.citation_id 
_software.pdbx_ordinal 
CNS       refinement       1.1 ? 1 
HKL-2000  'data reduction' .   ? 2 
SCALEPACK 'data scaling'   .   ? 3 
CNS       phasing          .   ? 4 
# 
_cell.entry_id           2AO5 
_cell.length_a           37.693 
_cell.length_b           37.693 
_cell.length_c           96.283 
_cell.angle_alpha        90.00 
_cell.angle_beta         90.00 
_cell.angle_gamma        90.00 
_cell.Z_PDB              16 
_cell.pdbx_unique_axis   ? 
_cell.length_a_esd       ? 
_cell.length_b_esd       ? 
_cell.length_c_esd       ? 
_cell.angle_alpha_esd    ? 
_cell.angle_beta_esd     ? 
_cell.angle_gamma_esd    ? 
# 
_symmetry.entry_id                         2AO5 
_symmetry.space_group_name_H-M             'P 43' 
_symmetry.pdbx_full_space_group_name_H-M   ? 
_symmetry.cell_setting                     ? 
_symmetry.Int_Tables_number                78 
_symmetry.space_group_name_Hall            ? 
# 
_exptl.entry_id          2AO5 
_exptl.method            'X-RAY DIFFRACTION' 
_exptl.crystals_number   1 
# 
_exptl_crystal.id                    1 
_exptl_crystal.density_meas          ? 
_exptl_crystal.density_Matthews      2.60 
_exptl_crystal.density_percent_sol   52.70 
_exptl_crystal.description           'the file contains Friedel pairs.' 
_exptl_crystal.F_000                 ? 
_exptl_crystal.preparation           ? 
# 
_exptl_crystal_grow.crystal_id      1 
_exptl_crystal_grow.method          'VAPOR DIFFUSION, HANGING DROP' 
_exptl_crystal_grow.temp            293 
_exptl_crystal_grow.temp_details    ? 
_exptl_crystal_grow.pH              6.0 
_exptl_crystal_grow.pdbx_details    
'MPD, spermine, magnesium chloride, cacodylate, pH 6.0, VAPOR DIFFUSION, HANGING DROP, temperature 293K' 
_exptl_crystal_grow.pdbx_pH_range   . 
# 
loop_
_exptl_crystal_grow_comp.crystal_id 
_exptl_crystal_grow_comp.id 
_exptl_crystal_grow_comp.sol_id 
_exptl_crystal_grow_comp.name 
_exptl_crystal_grow_comp.volume 
_exptl_crystal_grow_comp.conc 
_exptl_crystal_grow_comp.details 
1 1 1 MPD                  ? ? ? 
1 2 1 spermine             ? ? ? 
1 3 1 'magnesium chloride' ? ? ? 
1 4 1 cacodylate           ? ? ? 
1 5 1 H2O                  ? ? ? 
1 6 2 MPD                  ? ? ? 
1 7 2 'magnesium chloride' ? ? ? 
1 8 2 H2O                  ? ? ? 
# 
_diffrn.id                     1 
_diffrn.ambient_temp           100.0 
_diffrn.ambient_temp_details   ? 
_diffrn.crystal_id             1 
# 
_diffrn_detector.diffrn_id              1 
_diffrn_detector.detector               'IMAGE PLATE' 
_diffrn_detector.type                   'RIGAKU RAXIS IV' 
_diffrn_detector.pdbx_collection_date   2002-09-15 
_diffrn_detector.details                mirrors 
# 
_diffrn_radiation.diffrn_id                        1 
_diffrn_radiation.wavelength_id                    1 
_diffrn_radiation.pdbx_monochromatic_or_laue_m_l   M 
_diffrn_radiation.monochromator                    ? 
_diffrn_radiation.pdbx_diffrn_protocol             'SINGLE WAVELENGTH' 
_diffrn_radiation.pdbx_scattering_type             x-ray 
# 
_diffrn_radiation_wavelength.id           1 
_diffrn_radiation_wavelength.wavelength   0.921 
_diffrn_radiation_wavelength.wt           1.0 
# 
_diffrn_source.diffrn_id                   1 
_diffrn_source.source                      SYNCHROTRON 
_diffrn_source.type                        'PHOTON FACTORY BEAMLINE BL-6B' 
_diffrn_source.pdbx_synchrotron_site       'Photon Factory' 
_diffrn_source.pdbx_synchrotron_beamline   BL-6B 
_diffrn_source.pdbx_wavelength             ? 
_diffrn_source.pdbx_wavelength_list        0.921 
# 
_reflns.entry_id                     2AO5 
_reflns.observed_criterion_sigma_I   0.0 
_reflns.observed_criterion_sigma_F   0.0 
_reflns.d_resolution_low             30 
_reflns.d_resolution_high            2.1 
_reflns.number_obs                   15349 
_reflns.number_all                   ? 
_reflns.percent_possible_obs         99.5 
_reflns.pdbx_Rmerge_I_obs            0.068 
_reflns.pdbx_Rsym_value              0.068 
_reflns.pdbx_netI_over_sigmaI        36 
_reflns.B_iso_Wilson_estimate        28.8 
_reflns.pdbx_redundancy              11.3 
_reflns.R_free_details               ? 
_reflns.pdbx_chi_squared             ? 
_reflns.pdbx_scaling_rejects         ? 
_reflns.pdbx_diffrn_id               1 
_reflns.pdbx_ordinal                 1 
# 
_reflns_shell.d_res_high             2.1 
_reflns_shell.d_res_low              2.15 
_reflns_shell.percent_possible_all   99.5 
_reflns_shell.Rmerge_I_obs           0.203 
_reflns_shell.pdbx_Rsym_value        ? 
_reflns_shell.meanI_over_sigI_obs    19.1 
_reflns_shell.pdbx_redundancy        11.6 
_reflns_shell.percent_possible_obs   ? 
_reflns_shell.number_unique_all      750 
_reflns_shell.number_measured_all    ? 
_reflns_shell.number_measured_obs    ? 
_reflns_shell.number_unique_obs      ? 
_reflns_shell.pdbx_chi_squared       ? 
_reflns_shell.pdbx_diffrn_id         ? 
_reflns_shell.pdbx_ordinal           1 
# 
_refine.entry_id                                 2AO5 
_refine.ls_number_reflns_obs                     15349 
_refine.ls_number_reflns_all                     ? 
_refine.pdbx_ls_sigma_I                          ? 
_refine.pdbx_ls_sigma_F                          0.0 
_refine.pdbx_data_cutoff_high_absF               401225.26 
_refine.pdbx_data_cutoff_low_absF                0.000000 
_refine.pdbx_data_cutoff_high_rms_absF           ? 
_refine.ls_d_res_low                             29.68 
_refine.ls_d_res_high                            2.10 
_refine.ls_percent_reflns_obs                    99.2 
_refine.ls_R_factor_obs                          0.222 
_refine.ls_R_factor_all                          0.222 
_refine.ls_R_factor_R_work                       0.207 
_refine.ls_R_factor_R_free                       0.25 
_refine.ls_R_factor_R_free_error                 0.009 
_refine.ls_R_factor_R_free_error_details         ? 
_refine.ls_percent_reflns_R_free                 5.1 
_refine.ls_number_reflns_R_free                  779 
_refine.ls_number_parameters                     ? 
_refine.ls_number_restraints                     ? 
_refine.occupancy_min                            ? 
_refine.occupancy_max                            ? 
_refine.correlation_coeff_Fo_to_Fc               ? 
_refine.correlation_coeff_Fo_to_Fc_free          ? 
_refine.B_iso_mean                               36.9 
_refine.aniso_B[1][1]                            1.47 
_refine.aniso_B[2][2]                            1.47 
_refine.aniso_B[3][3]                            -2.95 
_refine.aniso_B[1][2]                            0.00 
_refine.aniso_B[1][3]                            0.00 
_refine.aniso_B[2][3]                            0.00 
_refine.solvent_model_details                    'FLAT MODEL' 
_refine.solvent_model_param_ksol                 0.289298 
_refine.solvent_model_param_bsol                 76.8665 
_refine.pdbx_solvent_vdw_probe_radii             ? 
_refine.pdbx_solvent_ion_probe_radii             ? 
_refine.pdbx_solvent_shrinkage_radii             ? 
_refine.pdbx_ls_cross_valid_method               THROUGHOUT 
_refine.details                                  'the file contains Friedel pairs.' 
_refine.pdbx_starting_model                      ? 
_refine.pdbx_method_to_determine_struct          'MOLECULAR REPLACEMENT' 
_refine.pdbx_isotropic_thermal_model             RESTRAINED 
_refine.pdbx_stereochemistry_target_values       'Engh & Huber' 
_refine.pdbx_stereochem_target_val_spec_case     ? 
_refine.pdbx_R_Free_selection_details            RANDOM 
_refine.pdbx_overall_ESU_R                       ? 
_refine.pdbx_overall_ESU_R_Free                  ? 
_refine.overall_SU_ML                            ? 
_refine.overall_SU_B                             ? 
_refine.ls_redundancy_reflns_obs                 ? 
_refine.overall_SU_R_Cruickshank_DPI             ? 
_refine.overall_SU_R_free                        ? 
_refine.ls_wR_factor_R_free                      ? 
_refine.ls_wR_factor_R_work                      ? 
_refine.overall_FOM_free_R_set                   ? 
_refine.overall_FOM_work_R_set                   ? 
_refine.pdbx_refine_id                           'X-RAY DIFFRACTION' 
_refine.pdbx_diffrn_id                           1 
_refine.pdbx_TLS_residual_ADP_flag               ? 
_refine.pdbx_overall_phase_error                 ? 
_refine.pdbx_overall_SU_R_free_Cruickshank_DPI   ? 
_refine.pdbx_overall_SU_R_Blow_DPI               ? 
_refine.pdbx_overall_SU_R_free_Blow_DPI          ? 
# 
_refine_analyze.entry_id                        2AO5 
_refine_analyze.Luzzati_coordinate_error_obs    0.27 
_refine_analyze.Luzzati_sigma_a_obs             0.26 
_refine_analyze.Luzzati_d_res_low_obs           5.00 
_refine_analyze.Luzzati_coordinate_error_free   0.36 
_refine_analyze.Luzzati_sigma_a_free            0.32 
_refine_analyze.Luzzati_d_res_low_free          ? 
_refine_analyze.number_disordered_residues      ? 
_refine_analyze.occupancy_sum_hydrogen          ? 
_refine_analyze.occupancy_sum_non_hydrogen      ? 
_refine_analyze.pdbx_refine_id                  'X-RAY DIFFRACTION' 
# 
_refine_hist.pdbx_refine_id                   'X-RAY DIFFRACTION' 
_refine_hist.cycle_id                         LAST 
_refine_hist.pdbx_number_atoms_protein        0 
_refine_hist.pdbx_number_atoms_nucleic_acid   852 
_refine_hist.pdbx_number_atoms_ligand         1 
_refine_hist.number_atoms_solvent             250 
_refine_hist.number_atoms_total               1103 
_refine_hist.d_res_high                       2.10 
_refine_hist.d_res_low                        29.68 
# 
loop_
_refine_ls_restr.type 
_refine_ls_restr.dev_ideal 
_refine_ls_restr.dev_ideal_target 
_refine_ls_restr.weight 
_refine_ls_restr.number 
_refine_ls_restr.pdbx_refine_id 
_refine_ls_restr.pdbx_restraint_function 
c_bond_d           0.004 ? ? ? 'X-RAY DIFFRACTION' ? 
c_angle_deg        0.8   ? ? ? 'X-RAY DIFFRACTION' ? 
c_dihedral_angle_d 6.6   ? ? ? 'X-RAY DIFFRACTION' ? 
c_improper_angle_d 1.34  ? ? ? 'X-RAY DIFFRACTION' ? 
# 
_refine_ls_shell.pdbx_total_number_of_bins_used   6 
_refine_ls_shell.d_res_high                       2.10 
_refine_ls_shell.d_res_low                        2.23 
_refine_ls_shell.number_reflns_R_work             2407 
_refine_ls_shell.R_factor_R_work                  0.279 
_refine_ls_shell.percent_reflns_obs               98.9 
_refine_ls_shell.R_factor_R_free                  0.35 
_refine_ls_shell.R_factor_R_free_error            0.030 
_refine_ls_shell.percent_reflns_R_free            5.2 
_refine_ls_shell.number_reflns_R_free             132 
_refine_ls_shell.redundancy_reflns_obs            ? 
_refine_ls_shell.number_reflns_all                ? 
_refine_ls_shell.number_reflns_obs                ? 
_refine_ls_shell.R_factor_all                     ? 
_refine_ls_shell.pdbx_refine_id                   'X-RAY DIFFRACTION' 
# 
loop_
_pdbx_xplor_file.serial_no 
_pdbx_xplor_file.param_file 
_pdbx_xplor_file.topol_file 
_pdbx_xplor_file.pdbx_refine_id 
1 water.param       water.top   'X-RAY DIFFRACTION' 
2 dna-rna_rep.param dna-rna.top 'X-RAY DIFFRACTION' 
3 bru.param         bru.top     'X-RAY DIFFRACTION' 
4 ion.param         ion.top     'X-RAY DIFFRACTION' 
# 
_struct.entry_id                  2AO5 
_struct.title                     
'Crystal structure of an RNA duplex r(GGCGBrUGCGCU)2 with terminal and internal tandem G-U base pairs' 
_struct.pdbx_model_details        ? 
_struct.pdbx_CASP_flag            ? 
_struct.pdbx_model_type_details   ? 
# 
_struct_keywords.entry_id        2AO5 
_struct_keywords.pdbx_keywords   RNA 
_struct_keywords.text            'G-U base pair, RNA duplex, RNA' 
# 
loop_
_struct_asym.id 
_struct_asym.pdbx_blank_PDB_chainid_flag 
_struct_asym.pdbx_modified 
_struct_asym.entity_id 
_struct_asym.details 
A N N 1 ? 
B N N 1 ? 
C N N 1 ? 
D N N 1 ? 
E N N 2 ? 
F N N 3 ? 
G N N 3 ? 
H N N 3 ? 
I N N 3 ? 
# 
_struct_ref.id                         1 
_struct_ref.entity_id                  1 
_struct_ref.db_name                    PDB 
_struct_ref.db_code                    2AO5 
_struct_ref.pdbx_db_accession          2AO5 
_struct_ref.pdbx_db_isoform            ? 
_struct_ref.pdbx_seq_one_letter_code   ? 
_struct_ref.pdbx_align_begin           ? 
# 
loop_
_struct_ref_seq.align_id 
_struct_ref_seq.ref_id 
_struct_ref_seq.pdbx_PDB_id_code 
_struct_ref_seq.pdbx_strand_id 
_struct_ref_seq.seq_align_beg 
_struct_ref_seq.pdbx_seq_align_beg_ins_code 
_struct_ref_seq.seq_align_end 
_struct_ref_seq.pdbx_seq_align_end_ins_code 
_struct_ref_seq.pdbx_db_accession 
_struct_ref_seq.db_align_beg 
_struct_ref_seq.pdbx_db_align_beg_ins_code 
_struct_ref_seq.db_align_end 
_struct_ref_seq.pdbx_db_align_end_ins_code 
_struct_ref_seq.pdbx_auth_seq_align_beg 
_struct_ref_seq.pdbx_auth_seq_align_end 
1 1 2AO5 A 1 ? 10 ? 2AO5 1 ? 10 ? 1 10 
2 1 2AO5 B 1 ? 10 ? 2AO5 1 ? 10 ? 1 10 
3 1 2AO5 C 1 ? 10 ? 2AO5 1 ? 10 ? 1 10 
4 1 2AO5 D 1 ? 10 ? 2AO5 1 ? 10 ? 1 10 
# 
loop_
_pdbx_struct_assembly.id 
_pdbx_struct_assembly.details 
_pdbx_struct_assembly.method_details 
_pdbx_struct_assembly.oligomeric_details 
_pdbx_struct_assembly.oligomeric_count 
1 author_defined_assembly ? dimeric 2 
2 author_defined_assembly ? dimeric 2 
# 
loop_
_pdbx_struct_assembly_gen.assembly_id 
_pdbx_struct_assembly_gen.oper_expression 
_pdbx_struct_assembly_gen.asym_id_list 
1 1 A,B,E,F,G 
2 1 C,D,H,I   
# 
_pdbx_struct_oper_list.id                   1 
_pdbx_struct_oper_list.type                 'identity operation' 
_pdbx_struct_oper_list.name                 1_555 
_pdbx_struct_oper_list.symmetry_operation   x,y,z 
_pdbx_struct_oper_list.matrix[1][1]         1.0000000000 
_pdbx_struct_oper_list.matrix[1][2]         0.0000000000 
_pdbx_struct_oper_list.matrix[1][3]         0.0000000000 
_pdbx_struct_oper_list.vector[1]            0.0000000000 
_pdbx_struct_oper_list.matrix[2][1]         0.0000000000 
_pdbx_struct_oper_list.matrix[2][2]         1.0000000000 
_pdbx_struct_oper_list.matrix[2][3]         0.0000000000 
_pdbx_struct_oper_list.vector[2]            0.0000000000 
_pdbx_struct_oper_list.matrix[3][1]         0.0000000000 
_pdbx_struct_oper_list.matrix[3][2]         0.0000000000 
_pdbx_struct_oper_list.matrix[3][3]         1.0000000000 
_pdbx_struct_oper_list.vector[3]            0.0000000000 
# 
loop_
_struct_biol.id 
_struct_biol.pdbx_parent_biol_id 
_struct_biol.details 
1 ? ? 
2 ? ? 
# 
loop_
_struct_conn.id 
_struct_conn.conn_type_id 
_struct_conn.pdbx_leaving_atom_flag 
_struct_conn.pdbx_PDB_id 
_struct_conn.ptnr1_label_asym_id 
_struct_conn.ptnr1_label_comp_id 
_struct_conn.ptnr1_label_seq_id 
_struct_conn.ptnr1_label_atom_id 
_struct_conn.pdbx_ptnr1_label_alt_id 
_struct_conn.pdbx_ptnr1_PDB_ins_code 
_struct_conn.pdbx_ptnr1_standard_comp_id 
_struct_conn.ptnr1_symmetry 
_struct_conn.ptnr2_label_asym_id 
_struct_conn.ptnr2_label_comp_id 
_struct_conn.ptnr2_label_seq_id 
_struct_conn.ptnr2_label_atom_id 
_struct_conn.pdbx_ptnr2_label_alt_id 
_struct_conn.pdbx_ptnr2_PDB_ins_code 
_struct_conn.ptnr1_auth_asym_id 
_struct_conn.ptnr1_auth_comp_id 
_struct_conn.ptnr1_auth_seq_id 
_struct_conn.ptnr2_auth_asym_id 
_struct_conn.ptnr2_auth_comp_id 
_struct_conn.ptnr2_auth_seq_id 
_struct_conn.ptnr2_symmetry 
_struct_conn.pdbx_ptnr3_label_atom_id 
_struct_conn.pdbx_ptnr3_label_seq_id 
_struct_conn.pdbx_ptnr3_label_comp_id 
_struct_conn.pdbx_ptnr3_label_asym_id 
_struct_conn.pdbx_ptnr3_label_alt_id 
_struct_conn.pdbx_ptnr3_PDB_ins_code 
_struct_conn.details 
_struct_conn.pdbx_dist_value 
_struct_conn.pdbx_value_order 
_struct_conn.pdbx_role 
covale1  covale both ? A G   4  "O3'" ? ? ? 1_555 A 5BU 5  P  ? ? A G   4   A 5BU 5   1_555 ? ? ? ? ? ? ?            1.612 ? ? 
covale2  covale both ? A 5BU 5  "O3'" ? ? ? 1_555 A G   6  P  ? ? A 5BU 5   A G   6   1_555 ? ? ? ? ? ? ?            1.607 ? ? 
covale3  covale both ? B G   4  "O3'" ? ? ? 1_555 B 5BU 5  P  ? ? B G   4   B 5BU 5   1_555 ? ? ? ? ? ? ?            1.609 ? ? 
covale4  covale both ? B 5BU 5  "O3'" ? ? ? 1_555 B G   6  P  ? ? B 5BU 5   B G   6   1_555 ? ? ? ? ? ? ?            1.610 ? ? 
covale5  covale both ? C G   4  "O3'" ? ? ? 1_555 C 5BU 5  P  ? ? C G   4   C 5BU 5   1_555 ? ? ? ? ? ? ?            1.603 ? ? 
covale6  covale both ? C 5BU 5  "O3'" ? ? ? 1_555 C G   6  P  ? ? C 5BU 5   C G   6   1_555 ? ? ? ? ? ? ?            1.604 ? ? 
covale7  covale both ? D G   4  "O3'" ? ? ? 1_555 D 5BU 5  P  ? ? D G   4   D 5BU 5   1_555 ? ? ? ? ? ? ?            1.597 ? ? 
covale8  covale both ? D 5BU 5  "O3'" ? ? ? 1_555 D G   6  P  ? ? D 5BU 5   D G   6   1_555 ? ? ? ? ? ? ?            1.609 ? ? 
metalc1  metalc ?    ? E MG  .  MG    ? ? ? 1_555 F HOH .  O  ? ? A MG  198 A HOH 228 1_555 ? ? ? ? ? ? ?            2.526 ? ? 
metalc2  metalc ?    ? E MG  .  MG    ? ? ? 1_555 F HOH .  O  ? ? A MG  198 A HOH 249 1_555 ? ? ? ? ? ? ?            2.158 ? ? 
metalc3  metalc ?    ? E MG  .  MG    ? ? ? 1_555 F HOH .  O  ? ? A MG  198 A HOH 250 1_555 ? ? ? ? ? ? ?            2.190 ? ? 
metalc4  metalc ?    ? E MG  .  MG    ? ? ? 1_555 F HOH .  O  ? ? A MG  198 A HOH 251 1_555 ? ? ? ? ? ? ?            1.787 ? ? 
hydrog1  hydrog ?    ? A G   1  N1    ? ? ? 1_555 B U   10 O2 ? ? A G   1   B U   10  1_555 ? ? ? ? ? ? TYPE_28_PAIR ?     ? ? 
hydrog2  hydrog ?    ? A G   1  O6    ? ? ? 1_555 B U   10 N3 ? ? A G   1   B U   10  1_555 ? ? ? ? ? ? TYPE_28_PAIR ?     ? ? 
hydrog3  hydrog ?    ? A G   2  N1    ? ? ? 1_555 B C   9  N3 ? ? A G   2   B C   9   1_555 ? ? ? ? ? ? WATSON-CRICK ?     ? ? 
hydrog4  hydrog ?    ? A G   2  N2    ? ? ? 1_555 B C   9  O2 ? ? A G   2   B C   9   1_555 ? ? ? ? ? ? WATSON-CRICK ?     ? ? 
hydrog5  hydrog ?    ? A G   2  O6    ? ? ? 1_555 B C   9  N4 ? ? A G   2   B C   9   1_555 ? ? ? ? ? ? WATSON-CRICK ?     ? ? 
hydrog6  hydrog ?    ? A C   3  N3    ? ? ? 1_555 B G   8  N1 ? ? A C   3   B G   8   1_555 ? ? ? ? ? ? WATSON-CRICK ?     ? ? 
hydrog7  hydrog ?    ? A C   3  N4    ? ? ? 1_555 B G   8  O6 ? ? A C   3   B G   8   1_555 ? ? ? ? ? ? WATSON-CRICK ?     ? ? 
hydrog8  hydrog ?    ? A C   3  O2    ? ? ? 1_555 B G   8  N2 ? ? A C   3   B G   8   1_555 ? ? ? ? ? ? WATSON-CRICK ?     ? ? 
hydrog9  hydrog ?    ? A G   4  N1    ? ? ? 1_555 B C   7  N3 ? ? A G   4   B C   7   1_555 ? ? ? ? ? ? WATSON-CRICK ?     ? ? 
hydrog10 hydrog ?    ? A G   4  N2    ? ? ? 1_555 B C   7  O2 ? ? A G   4   B C   7   1_555 ? ? ? ? ? ? WATSON-CRICK ?     ? ? 
hydrog11 hydrog ?    ? A G   4  O6    ? ? ? 1_555 B C   7  N4 ? ? A G   4   B C   7   1_555 ? ? ? ? ? ? WATSON-CRICK ?     ? ? 
hydrog12 hydrog ?    ? A 5BU 5  N3    ? ? ? 1_555 B G   6  O6 ? ? A 5BU 5   B G   6   1_555 ? ? ? ? ? ? TYPE_28_PAIR ?     ? ? 
hydrog13 hydrog ?    ? A 5BU 5  O2    ? ? ? 1_555 B G   6  N1 ? ? A 5BU 5   B G   6   1_555 ? ? ? ? ? ? TYPE_28_PAIR ?     ? ? 
hydrog14 hydrog ?    ? A G   6  N1    ? ? ? 1_555 B 5BU 5  O2 ? ? A G   6   B 5BU 5   1_555 ? ? ? ? ? ? TYPE_28_PAIR ?     ? ? 
hydrog15 hydrog ?    ? A G   6  O6    ? ? ? 1_555 B 5BU 5  N3 ? ? A G   6   B 5BU 5   1_555 ? ? ? ? ? ? TYPE_28_PAIR ?     ? ? 
hydrog16 hydrog ?    ? A C   7  N3    ? ? ? 1_555 B G   4  N1 ? ? A C   7   B G   4   1_555 ? ? ? ? ? ? WATSON-CRICK ?     ? ? 
hydrog17 hydrog ?    ? A C   7  N4    ? ? ? 1_555 B G   4  O6 ? ? A C   7   B G   4   1_555 ? ? ? ? ? ? WATSON-CRICK ?     ? ? 
hydrog18 hydrog ?    ? A C   7  O2    ? ? ? 1_555 B G   4  N2 ? ? A C   7   B G   4   1_555 ? ? ? ? ? ? WATSON-CRICK ?     ? ? 
hydrog19 hydrog ?    ? A G   8  N1    ? ? ? 1_555 B C   3  N3 ? ? A G   8   B C   3   1_555 ? ? ? ? ? ? WATSON-CRICK ?     ? ? 
hydrog20 hydrog ?    ? A G   8  N2    ? ? ? 1_555 B C   3  O2 ? ? A G   8   B C   3   1_555 ? ? ? ? ? ? WATSON-CRICK ?     ? ? 
hydrog21 hydrog ?    ? A G   8  O6    ? ? ? 1_555 B C   3  N4 ? ? A G   8   B C   3   1_555 ? ? ? ? ? ? WATSON-CRICK ?     ? ? 
hydrog22 hydrog ?    ? A C   9  N3    ? ? ? 1_555 B G   2  N1 ? ? A C   9   B G   2   1_555 ? ? ? ? ? ? WATSON-CRICK ?     ? ? 
hydrog23 hydrog ?    ? A C   9  N4    ? ? ? 1_555 B G   2  O6 ? ? A C   9   B G   2   1_555 ? ? ? ? ? ? WATSON-CRICK ?     ? ? 
hydrog24 hydrog ?    ? A C   9  O2    ? ? ? 1_555 B G   2  N2 ? ? A C   9   B G   2   1_555 ? ? ? ? ? ? WATSON-CRICK ?     ? ? 
hydrog25 hydrog ?    ? A U   10 N3    ? ? ? 1_555 B G   1  O6 ? ? A U   10  B G   1   1_555 ? ? ? ? ? ? TYPE_28_PAIR ?     ? ? 
hydrog26 hydrog ?    ? A U   10 O2    ? ? ? 1_555 B G   1  N1 ? ? A U   10  B G   1   1_555 ? ? ? ? ? ? TYPE_28_PAIR ?     ? ? 
hydrog27 hydrog ?    ? C G   1  N1    ? ? ? 1_555 D U   10 O2 ? ? C G   1   D U   10  1_555 ? ? ? ? ? ? TYPE_28_PAIR ?     ? ? 
hydrog28 hydrog ?    ? C G   1  O6    ? ? ? 1_555 D U   10 N3 ? ? C G   1   D U   10  1_555 ? ? ? ? ? ? TYPE_28_PAIR ?     ? ? 
hydrog29 hydrog ?    ? C G   2  N1    ? ? ? 1_555 D C   9  N3 ? ? C G   2   D C   9   1_555 ? ? ? ? ? ? WATSON-CRICK ?     ? ? 
hydrog30 hydrog ?    ? C G   2  N2    ? ? ? 1_555 D C   9  O2 ? ? C G   2   D C   9   1_555 ? ? ? ? ? ? WATSON-CRICK ?     ? ? 
hydrog31 hydrog ?    ? C G   2  O6    ? ? ? 1_555 D C   9  N4 ? ? C G   2   D C   9   1_555 ? ? ? ? ? ? WATSON-CRICK ?     ? ? 
hydrog32 hydrog ?    ? C C   3  N3    ? ? ? 1_555 D G   8  N1 ? ? C C   3   D G   8   1_555 ? ? ? ? ? ? WATSON-CRICK ?     ? ? 
hydrog33 hydrog ?    ? C C   3  N4    ? ? ? 1_555 D G   8  O6 ? ? C C   3   D G   8   1_555 ? ? ? ? ? ? WATSON-CRICK ?     ? ? 
hydrog34 hydrog ?    ? C C   3  O2    ? ? ? 1_555 D G   8  N2 ? ? C C   3   D G   8   1_555 ? ? ? ? ? ? WATSON-CRICK ?     ? ? 
hydrog35 hydrog ?    ? C G   4  N1    ? ? ? 1_555 D C   7  N3 ? ? C G   4   D C   7   1_555 ? ? ? ? ? ? WATSON-CRICK ?     ? ? 
hydrog36 hydrog ?    ? C G   4  N2    ? ? ? 1_555 D C   7  O2 ? ? C G   4   D C   7   1_555 ? ? ? ? ? ? WATSON-CRICK ?     ? ? 
hydrog37 hydrog ?    ? C G   4  O6    ? ? ? 1_555 D C   7  N4 ? ? C G   4   D C   7   1_555 ? ? ? ? ? ? WATSON-CRICK ?     ? ? 
hydrog38 hydrog ?    ? C 5BU 5  N3    ? ? ? 1_555 D G   6  O6 ? ? C 5BU 5   D G   6   1_555 ? ? ? ? ? ? TYPE_28_PAIR ?     ? ? 
hydrog39 hydrog ?    ? C 5BU 5  O2    ? ? ? 1_555 D G   6  N1 ? ? C 5BU 5   D G   6   1_555 ? ? ? ? ? ? TYPE_28_PAIR ?     ? ? 
hydrog40 hydrog ?    ? C G   6  N1    ? ? ? 1_555 D 5BU 5  O2 ? ? C G   6   D 5BU 5   1_555 ? ? ? ? ? ? TYPE_28_PAIR ?     ? ? 
hydrog41 hydrog ?    ? C G   6  O6    ? ? ? 1_555 D 5BU 5  N3 ? ? C G   6   D 5BU 5   1_555 ? ? ? ? ? ? TYPE_28_PAIR ?     ? ? 
hydrog42 hydrog ?    ? C C   7  N3    ? ? ? 1_555 D G   4  N1 ? ? C C   7   D G   4   1_555 ? ? ? ? ? ? WATSON-CRICK ?     ? ? 
hydrog43 hydrog ?    ? C C   7  N4    ? ? ? 1_555 D G   4  O6 ? ? C C   7   D G   4   1_555 ? ? ? ? ? ? WATSON-CRICK ?     ? ? 
hydrog44 hydrog ?    ? C C   7  O2    ? ? ? 1_555 D G   4  N2 ? ? C C   7   D G   4   1_555 ? ? ? ? ? ? WATSON-CRICK ?     ? ? 
hydrog45 hydrog ?    ? C G   8  N1    ? ? ? 1_555 D C   3  N3 ? ? C G   8   D C   3   1_555 ? ? ? ? ? ? WATSON-CRICK ?     ? ? 
hydrog46 hydrog ?    ? C G   8  N2    ? ? ? 1_555 D C   3  O2 ? ? C G   8   D C   3   1_555 ? ? ? ? ? ? WATSON-CRICK ?     ? ? 
hydrog47 hydrog ?    ? C G   8  O6    ? ? ? 1_555 D C   3  N4 ? ? C G   8   D C   3   1_555 ? ? ? ? ? ? WATSON-CRICK ?     ? ? 
hydrog48 hydrog ?    ? C C   9  N3    ? ? ? 1_555 D G   2  N1 ? ? C C   9   D G   2   1_555 ? ? ? ? ? ? WATSON-CRICK ?     ? ? 
hydrog49 hydrog ?    ? C C   9  N4    ? ? ? 1_555 D G   2  O6 ? ? C C   9   D G   2   1_555 ? ? ? ? ? ? WATSON-CRICK ?     ? ? 
hydrog50 hydrog ?    ? C C   9  O2    ? ? ? 1_555 D G   2  N2 ? ? C C   9   D G   2   1_555 ? ? ? ? ? ? WATSON-CRICK ?     ? ? 
hydrog51 hydrog ?    ? C U   10 N3    ? ? ? 1_555 D G   1  O6 ? ? C U   10  D G   1   1_555 ? ? ? ? ? ? TYPE_28_PAIR ?     ? ? 
hydrog52 hydrog ?    ? C U   10 O2    ? ? ? 1_555 D G   1  N1 ? ? C U   10  D G   1   1_555 ? ? ? ? ? ? TYPE_28_PAIR ?     ? ? 
# 
loop_
_struct_conn_type.id 
_struct_conn_type.criteria 
_struct_conn_type.reference 
covale ? ? 
metalc ? ? 
hydrog ? ? 
# 
loop_
_pdbx_struct_conn_angle.id 
_pdbx_struct_conn_angle.ptnr1_label_atom_id 
_pdbx_struct_conn_angle.ptnr1_label_alt_id 
_pdbx_struct_conn_angle.ptnr1_label_asym_id 
_pdbx_struct_conn_angle.ptnr1_label_comp_id 
_pdbx_struct_conn_angle.ptnr1_label_seq_id 
_pdbx_struct_conn_angle.ptnr1_auth_atom_id 
_pdbx_struct_conn_angle.ptnr1_auth_asym_id 
_pdbx_struct_conn_angle.ptnr1_auth_comp_id 
_pdbx_struct_conn_angle.ptnr1_auth_seq_id 
_pdbx_struct_conn_angle.ptnr1_PDB_ins_code 
_pdbx_struct_conn_angle.ptnr1_symmetry 
_pdbx_struct_conn_angle.ptnr2_label_atom_id 
_pdbx_struct_conn_angle.ptnr2_label_alt_id 
_pdbx_struct_conn_angle.ptnr2_label_asym_id 
_pdbx_struct_conn_angle.ptnr2_label_comp_id 
_pdbx_struct_conn_angle.ptnr2_label_seq_id 
_pdbx_struct_conn_angle.ptnr2_auth_atom_id 
_pdbx_struct_conn_angle.ptnr2_auth_asym_id 
_pdbx_struct_conn_angle.ptnr2_auth_comp_id 
_pdbx_struct_conn_angle.ptnr2_auth_seq_id 
_pdbx_struct_conn_angle.ptnr2_PDB_ins_code 
_pdbx_struct_conn_angle.ptnr2_symmetry 
_pdbx_struct_conn_angle.ptnr3_label_atom_id 
_pdbx_struct_conn_angle.ptnr3_label_alt_id 
_pdbx_struct_conn_angle.ptnr3_label_asym_id 
_pdbx_struct_conn_angle.ptnr3_label_comp_id 
_pdbx_struct_conn_angle.ptnr3_label_seq_id 
_pdbx_struct_conn_angle.ptnr3_auth_atom_id 
_pdbx_struct_conn_angle.ptnr3_auth_asym_id 
_pdbx_struct_conn_angle.ptnr3_auth_comp_id 
_pdbx_struct_conn_angle.ptnr3_auth_seq_id 
_pdbx_struct_conn_angle.ptnr3_PDB_ins_code 
_pdbx_struct_conn_angle.ptnr3_symmetry 
_pdbx_struct_conn_angle.value 
_pdbx_struct_conn_angle.value_esd 
1 O ? F HOH . ? A HOH 228 ? 1_555 MG ? E MG . ? A MG 198 ? 1_555 O ? F HOH . ? A HOH 249 ? 1_555 123.1 ? 
2 O ? F HOH . ? A HOH 228 ? 1_555 MG ? E MG . ? A MG 198 ? 1_555 O ? F HOH . ? A HOH 250 ? 1_555 67.0  ? 
3 O ? F HOH . ? A HOH 249 ? 1_555 MG ? E MG . ? A MG 198 ? 1_555 O ? F HOH . ? A HOH 250 ? 1_555 113.9 ? 
4 O ? F HOH . ? A HOH 228 ? 1_555 MG ? E MG . ? A MG 198 ? 1_555 O ? F HOH . ? A HOH 251 ? 1_555 79.0  ? 
5 O ? F HOH . ? A HOH 249 ? 1_555 MG ? E MG . ? A MG 198 ? 1_555 O ? F HOH . ? A HOH 251 ? 1_555 125.1 ? 
6 O ? F HOH . ? A HOH 250 ? 1_555 MG ? E MG . ? A MG 198 ? 1_555 O ? F HOH . ? A HOH 251 ? 1_555 120.9 ? 
# 
_struct_site.id                   AC1 
_struct_site.pdbx_evidence_code   Software 
_struct_site.pdbx_auth_asym_id    A 
_struct_site.pdbx_auth_comp_id    MG 
_struct_site.pdbx_auth_seq_id     198 
_struct_site.pdbx_auth_ins_code   ? 
_struct_site.pdbx_num_residues    6 
_struct_site.details              'BINDING SITE FOR RESIDUE MG A 198' 
# 
loop_
_struct_site_gen.id 
_struct_site_gen.site_id 
_struct_site_gen.pdbx_num_res 
_struct_site_gen.label_comp_id 
_struct_site_gen.label_asym_id 
_struct_site_gen.label_seq_id 
_struct_site_gen.pdbx_auth_ins_code 
_struct_site_gen.auth_comp_id 
_struct_site_gen.auth_asym_id 
_struct_site_gen.auth_seq_id 
_struct_site_gen.label_atom_id 
_struct_site_gen.label_alt_id 
_struct_site_gen.symmetry 
_struct_site_gen.details 
1 AC1 6 5BU A 5 ? 5BU A 5   . ? 1_555 ? 
2 AC1 6 G   A 6 ? G   A 6   . ? 1_555 ? 
3 AC1 6 HOH F . ? HOH A 228 . ? 1_555 ? 
4 AC1 6 HOH F . ? HOH A 249 . ? 1_555 ? 
5 AC1 6 HOH F . ? HOH A 250 . ? 1_555 ? 
6 AC1 6 HOH F . ? HOH A 251 . ? 1_555 ? 
# 
loop_
_pdbx_struct_mod_residue.id 
_pdbx_struct_mod_residue.label_asym_id 
_pdbx_struct_mod_residue.label_comp_id 
_pdbx_struct_mod_residue.label_seq_id 
_pdbx_struct_mod_residue.auth_asym_id 
_pdbx_struct_mod_residue.auth_comp_id 
_pdbx_struct_mod_residue.auth_seq_id 
_pdbx_struct_mod_residue.PDB_ins_code 
_pdbx_struct_mod_residue.parent_comp_id 
_pdbx_struct_mod_residue.details 
1 A 5BU 5 A 5BU 5 ? U "5-BROMO-URIDINE-5'-MONOPHOSPHATE" 
2 B 5BU 5 B 5BU 5 ? U "5-BROMO-URIDINE-5'-MONOPHOSPHATE" 
3 C 5BU 5 C 5BU 5 ? U "5-BROMO-URIDINE-5'-MONOPHOSPHATE" 
4 D 5BU 5 D 5BU 5 ? U "5-BROMO-URIDINE-5'-MONOPHOSPHATE" 
# 
loop_
_chem_comp_atom.comp_id 
_chem_comp_atom.atom_id 
_chem_comp_atom.type_symbol 
_chem_comp_atom.pdbx_aromatic_flag 
_chem_comp_atom.pdbx_stereo_config 
_chem_comp_atom.pdbx_ordinal 
5BU P      P  N N 1   
5BU OP1    O  N N 2   
5BU OP2    O  N N 3   
5BU OP3    O  N N 4   
5BU "O5'"  O  N N 5   
5BU "C5'"  C  N N 6   
5BU "C4'"  C  N R 7   
5BU "O4'"  O  N N 8   
5BU "C3'"  C  N S 9   
5BU "O3'"  O  N N 10  
5BU "C2'"  C  N R 11  
5BU "O2'"  O  N N 12  
5BU "C1'"  C  N R 13  
5BU N1     N  N N 14  
5BU C2     C  N N 15  
5BU O2     O  N N 16  
5BU N3     N  N N 17  
5BU C4     C  N N 18  
5BU O4     O  N N 19  
5BU C5     C  N N 20  
5BU C6     C  N N 21  
5BU BR     BR N N 22  
5BU HOP2   H  N N 23  
5BU HOP3   H  N N 24  
5BU "H5'"  H  N N 25  
5BU "H5''" H  N N 26  
5BU "H4'"  H  N N 27  
5BU "H3'"  H  N N 28  
5BU "HO3'" H  N N 29  
5BU "H2'"  H  N N 30  
5BU "HO2'" H  N N 31  
5BU "H1'"  H  N N 32  
5BU H3     H  N N 33  
5BU H6     H  N N 34  
C   OP3    O  N N 35  
C   P      P  N N 36  
C   OP1    O  N N 37  
C   OP2    O  N N 38  
C   "O5'"  O  N N 39  
C   "C5'"  C  N N 40  
C   "C4'"  C  N R 41  
C   "O4'"  O  N N 42  
C   "C3'"  C  N S 43  
C   "O3'"  O  N N 44  
C   "C2'"  C  N R 45  
C   "O2'"  O  N N 46  
C   "C1'"  C  N R 47  
C   N1     N  N N 48  
C   C2     C  N N 49  
C   O2     O  N N 50  
C   N3     N  N N 51  
C   C4     C  N N 52  
C   N4     N  N N 53  
C   C5     C  N N 54  
C   C6     C  N N 55  
C   HOP3   H  N N 56  
C   HOP2   H  N N 57  
C   "H5'"  H  N N 58  
C   "H5''" H  N N 59  
C   "H4'"  H  N N 60  
C   "H3'"  H  N N 61  
C   "HO3'" H  N N 62  
C   "H2'"  H  N N 63  
C   "HO2'" H  N N 64  
C   "H1'"  H  N N 65  
C   H41    H  N N 66  
C   H42    H  N N 67  
C   H5     H  N N 68  
C   H6     H  N N 69  
G   OP3    O  N N 70  
G   P      P  N N 71  
G   OP1    O  N N 72  
G   OP2    O  N N 73  
G   "O5'"  O  N N 74  
G   "C5'"  C  N N 75  
G   "C4'"  C  N R 76  
G   "O4'"  O  N N 77  
G   "C3'"  C  N S 78  
G   "O3'"  O  N N 79  
G   "C2'"  C  N R 80  
G   "O2'"  O  N N 81  
G   "C1'"  C  N R 82  
G   N9     N  Y N 83  
G   C8     C  Y N 84  
G   N7     N  Y N 85  
G   C5     C  Y N 86  
G   C6     C  N N 87  
G   O6     O  N N 88  
G   N1     N  N N 89  
G   C2     C  N N 90  
G   N2     N  N N 91  
G   N3     N  N N 92  
G   C4     C  Y N 93  
G   HOP3   H  N N 94  
G   HOP2   H  N N 95  
G   "H5'"  H  N N 96  
G   "H5''" H  N N 97  
G   "H4'"  H  N N 98  
G   "H3'"  H  N N 99  
G   "HO3'" H  N N 100 
G   "H2'"  H  N N 101 
G   "HO2'" H  N N 102 
G   "H1'"  H  N N 103 
G   H8     H  N N 104 
G   H1     H  N N 105 
G   H21    H  N N 106 
G   H22    H  N N 107 
HOH O      O  N N 108 
HOH H1     H  N N 109 
HOH H2     H  N N 110 
MG  MG     MG N N 111 
U   OP3    O  N N 112 
U   P      P  N N 113 
U   OP1    O  N N 114 
U   OP2    O  N N 115 
U   "O5'"  O  N N 116 
U   "C5'"  C  N N 117 
U   "C4'"  C  N R 118 
U   "O4'"  O  N N 119 
U   "C3'"  C  N S 120 
U   "O3'"  O  N N 121 
U   "C2'"  C  N R 122 
U   "O2'"  O  N N 123 
U   "C1'"  C  N R 124 
U   N1     N  N N 125 
U   C2     C  N N 126 
U   O2     O  N N 127 
U   N3     N  N N 128 
U   C4     C  N N 129 
U   O4     O  N N 130 
U   C5     C  N N 131 
U   C6     C  N N 132 
U   HOP3   H  N N 133 
U   HOP2   H  N N 134 
U   "H5'"  H  N N 135 
U   "H5''" H  N N 136 
U   "H4'"  H  N N 137 
U   "H3'"  H  N N 138 
U   "HO3'" H  N N 139 
U   "H2'"  H  N N 140 
U   "HO2'" H  N N 141 
U   "H1'"  H  N N 142 
U   H3     H  N N 143 
U   H5     H  N N 144 
U   H6     H  N N 145 
# 
loop_
_chem_comp_bond.comp_id 
_chem_comp_bond.atom_id_1 
_chem_comp_bond.atom_id_2 
_chem_comp_bond.value_order 
_chem_comp_bond.pdbx_aromatic_flag 
_chem_comp_bond.pdbx_stereo_config 
_chem_comp_bond.pdbx_ordinal 
5BU P     OP1    doub N N 1   
5BU P     OP2    sing N N 2   
5BU P     OP3    sing N N 3   
5BU P     "O5'"  sing N N 4   
5BU OP2   HOP2   sing N N 5   
5BU OP3   HOP3   sing N N 6   
5BU "O5'" "C5'"  sing N N 7   
5BU "C5'" "C4'"  sing N N 8   
5BU "C5'" "H5'"  sing N N 9   
5BU "C5'" "H5''" sing N N 10  
5BU "C4'" "O4'"  sing N N 11  
5BU "C4'" "C3'"  sing N N 12  
5BU "C4'" "H4'"  sing N N 13  
5BU "O4'" "C1'"  sing N N 14  
5BU "C3'" "O3'"  sing N N 15  
5BU "C3'" "C2'"  sing N N 16  
5BU "C3'" "H3'"  sing N N 17  
5BU "O3'" "HO3'" sing N N 18  
5BU "C2'" "O2'"  sing N N 19  
5BU "C2'" "C1'"  sing N N 20  
5BU "C2'" "H2'"  sing N N 21  
5BU "O2'" "HO2'" sing N N 22  
5BU "C1'" N1     sing N N 23  
5BU "C1'" "H1'"  sing N N 24  
5BU N1    C2     sing N N 25  
5BU N1    C6     sing N N 26  
5BU C2    O2     doub N N 27  
5BU C2    N3     sing N N 28  
5BU N3    C4     sing N N 29  
5BU N3    H3     sing N N 30  
5BU C4    O4     doub N N 31  
5BU C4    C5     sing N N 32  
5BU C5    C6     doub N N 33  
5BU C5    BR     sing N N 34  
5BU C6    H6     sing N N 35  
C   OP3   P      sing N N 36  
C   OP3   HOP3   sing N N 37  
C   P     OP1    doub N N 38  
C   P     OP2    sing N N 39  
C   P     "O5'"  sing N N 40  
C   OP2   HOP2   sing N N 41  
C   "O5'" "C5'"  sing N N 42  
C   "C5'" "C4'"  sing N N 43  
C   "C5'" "H5'"  sing N N 44  
C   "C5'" "H5''" sing N N 45  
C   "C4'" "O4'"  sing N N 46  
C   "C4'" "C3'"  sing N N 47  
C   "C4'" "H4'"  sing N N 48  
C   "O4'" "C1'"  sing N N 49  
C   "C3'" "O3'"  sing N N 50  
C   "C3'" "C2'"  sing N N 51  
C   "C3'" "H3'"  sing N N 52  
C   "O3'" "HO3'" sing N N 53  
C   "C2'" "O2'"  sing N N 54  
C   "C2'" "C1'"  sing N N 55  
C   "C2'" "H2'"  sing N N 56  
C   "O2'" "HO2'" sing N N 57  
C   "C1'" N1     sing N N 58  
C   "C1'" "H1'"  sing N N 59  
C   N1    C2     sing N N 60  
C   N1    C6     sing N N 61  
C   C2    O2     doub N N 62  
C   C2    N3     sing N N 63  
C   N3    C4     doub N N 64  
C   C4    N4     sing N N 65  
C   C4    C5     sing N N 66  
C   N4    H41    sing N N 67  
C   N4    H42    sing N N 68  
C   C5    C6     doub N N 69  
C   C5    H5     sing N N 70  
C   C6    H6     sing N N 71  
G   OP3   P      sing N N 72  
G   OP3   HOP3   sing N N 73  
G   P     OP1    doub N N 74  
G   P     OP2    sing N N 75  
G   P     "O5'"  sing N N 76  
G   OP2   HOP2   sing N N 77  
G   "O5'" "C5'"  sing N N 78  
G   "C5'" "C4'"  sing N N 79  
G   "C5'" "H5'"  sing N N 80  
G   "C5'" "H5''" sing N N 81  
G   "C4'" "O4'"  sing N N 82  
G   "C4'" "C3'"  sing N N 83  
G   "C4'" "H4'"  sing N N 84  
G   "O4'" "C1'"  sing N N 85  
G   "C3'" "O3'"  sing N N 86  
G   "C3'" "C2'"  sing N N 87  
G   "C3'" "H3'"  sing N N 88  
G   "O3'" "HO3'" sing N N 89  
G   "C2'" "O2'"  sing N N 90  
G   "C2'" "C1'"  sing N N 91  
G   "C2'" "H2'"  sing N N 92  
G   "O2'" "HO2'" sing N N 93  
G   "C1'" N9     sing N N 94  
G   "C1'" "H1'"  sing N N 95  
G   N9    C8     sing Y N 96  
G   N9    C4     sing Y N 97  
G   C8    N7     doub Y N 98  
G   C8    H8     sing N N 99  
G   N7    C5     sing Y N 100 
G   C5    C6     sing N N 101 
G   C5    C4     doub Y N 102 
G   C6    O6     doub N N 103 
G   C6    N1     sing N N 104 
G   N1    C2     sing N N 105 
G   N1    H1     sing N N 106 
G   C2    N2     sing N N 107 
G   C2    N3     doub N N 108 
G   N2    H21    sing N N 109 
G   N2    H22    sing N N 110 
G   N3    C4     sing N N 111 
HOH O     H1     sing N N 112 
HOH O     H2     sing N N 113 
U   OP3   P      sing N N 114 
U   OP3   HOP3   sing N N 115 
U   P     OP1    doub N N 116 
U   P     OP2    sing N N 117 
U   P     "O5'"  sing N N 118 
U   OP2   HOP2   sing N N 119 
U   "O5'" "C5'"  sing N N 120 
U   "C5'" "C4'"  sing N N 121 
U   "C5'" "H5'"  sing N N 122 
U   "C5'" "H5''" sing N N 123 
U   "C4'" "O4'"  sing N N 124 
U   "C4'" "C3'"  sing N N 125 
U   "C4'" "H4'"  sing N N 126 
U   "O4'" "C1'"  sing N N 127 
U   "C3'" "O3'"  sing N N 128 
U   "C3'" "C2'"  sing N N 129 
U   "C3'" "H3'"  sing N N 130 
U   "O3'" "HO3'" sing N N 131 
U   "C2'" "O2'"  sing N N 132 
U   "C2'" "C1'"  sing N N 133 
U   "C2'" "H2'"  sing N N 134 
U   "O2'" "HO2'" sing N N 135 
U   "C1'" N1     sing N N 136 
U   "C1'" "H1'"  sing N N 137 
U   N1    C2     sing N N 138 
U   N1    C6     sing N N 139 
U   C2    O2     doub N N 140 
U   C2    N3     sing N N 141 
U   N3    C4     sing N N 142 
U   N3    H3     sing N N 143 
U   C4    O4     doub N N 144 
U   C4    C5     sing N N 145 
U   C5    C6     doub N N 146 
U   C5    H5     sing N N 147 
U   C6    H6     sing N N 148 
# 
loop_
_ndb_struct_conf_na.entry_id 
_ndb_struct_conf_na.feature 
2AO5 'double helix'         
2AO5 'a-form double helix'  
2AO5 'mismatched base pair' 
# 
loop_
_ndb_struct_na_base_pair.model_number 
_ndb_struct_na_base_pair.i_label_asym_id 
_ndb_struct_na_base_pair.i_label_comp_id 
_ndb_struct_na_base_pair.i_label_seq_id 
_ndb_struct_na_base_pair.i_symmetry 
_ndb_struct_na_base_pair.j_label_asym_id 
_ndb_struct_na_base_pair.j_label_comp_id 
_ndb_struct_na_base_pair.j_label_seq_id 
_ndb_struct_na_base_pair.j_symmetry 
_ndb_struct_na_base_pair.shear 
_ndb_struct_na_base_pair.stretch 
_ndb_struct_na_base_pair.stagger 
_ndb_struct_na_base_pair.buckle 
_ndb_struct_na_base_pair.propeller 
_ndb_struct_na_base_pair.opening 
_ndb_struct_na_base_pair.pair_number 
_ndb_struct_na_base_pair.pair_name 
_ndb_struct_na_base_pair.i_auth_asym_id 
_ndb_struct_na_base_pair.i_auth_seq_id 
_ndb_struct_na_base_pair.i_PDB_ins_code 
_ndb_struct_na_base_pair.j_auth_asym_id 
_ndb_struct_na_base_pair.j_auth_seq_id 
_ndb_struct_na_base_pair.j_PDB_ins_code 
_ndb_struct_na_base_pair.hbond_type_28 
_ndb_struct_na_base_pair.hbond_type_12 
1 A G   1  1_555 B U   10 1_555 -2.450 -0.768 0.009  -4.820  -12.671 -2.507 1  A_G1:U10_B  A 1  ? B 10 ? 28 ? 
1 A G   2  1_555 B C   9  1_555 0.012  -0.210 0.198  1.131   -17.315 1.548  2  A_G2:C9_B   A 2  ? B 9  ? 19 1 
1 A C   3  1_555 B G   8  1_555 0.509  -0.352 -0.030 2.246   -14.238 2.531  3  A_C3:G8_B   A 3  ? B 8  ? 19 1 
1 A G   4  1_555 B C   7  1_555 -0.180 -0.269 0.016  -9.225  -15.228 -1.460 4  A_G4:C7_B   A 4  ? B 7  ? 19 1 
1 A 5BU 5  1_555 B G   6  1_555 2.103  -0.685 0.562  -10.823 -5.789  -3.788 5  A_5BU5:G6_B A 5  ? B 6  ? 28 1 
1 A G   6  1_555 B 5BU 5  1_555 -1.712 -0.637 -0.031 -2.064  -13.709 -1.593 6  A_G6:5BU5_B A 6  ? B 5  ? 28 1 
1 A C   7  1_555 B G   4  1_555 0.644  -0.231 0.129  2.842   -11.632 1.018  7  A_C7:G4_B   A 7  ? B 4  ? 19 1 
1 A G   8  1_555 B C   3  1_555 -0.367 -0.122 0.259  4.565   -8.160  3.209  8  A_G8:C3_B   A 8  ? B 3  ? 19 1 
1 A C   9  1_555 B G   2  1_555 0.434  -0.199 0.316  5.518   -13.011 1.453  9  A_C9:G2_B   A 9  ? B 2  ? 19 1 
1 A U   10 1_555 B G   1  1_555 2.342  -0.728 -0.041 4.130   -15.922 -3.362 10 A_U10:G1_B  A 10 ? B 1  ? 28 ? 
1 C G   1  1_555 D U   10 1_555 -2.561 -0.735 0.220  1.366   -14.643 -0.810 11 C_G1:U10_D  C 1  ? D 10 ? 28 ? 
1 C G   2  1_555 D C   9  1_555 -0.303 -0.188 0.211  -3.946  -14.046 -0.461 12 C_G2:C9_D   C 2  ? D 9  ? 19 1 
1 C C   3  1_555 D G   8  1_555 0.020  -0.175 0.570  -11.629 -7.668  -3.060 13 C_C3:G8_D   C 3  ? D 8  ? 19 1 
1 C G   4  1_555 D C   7  1_555 -0.044 -0.232 0.295  -4.196  -14.716 -1.745 14 C_G4:C7_D   C 4  ? D 7  ? 19 1 
1 C 5BU 5  1_555 D G   6  1_555 1.943  -0.650 0.275  -4.345  -7.018  -1.499 15 C_5BU5:G6_D C 5  ? D 6  ? 28 1 
1 C G   6  1_555 D 5BU 5  1_555 -1.721 -0.660 0.289  0.570   -13.113 -4.158 16 C_G6:5BU5_D C 6  ? D 5  ? 28 1 
1 C C   7  1_555 D G   4  1_555 0.431  -0.303 0.182  5.968   -16.096 2.668  17 C_C7:G4_D   C 7  ? D 4  ? 19 1 
1 C G   8  1_555 D C   3  1_555 -0.132 -0.203 0.261  2.870   -10.825 3.340  18 C_G8:C3_D   C 8  ? D 3  ? 19 1 
1 C C   9  1_555 D G   2  1_555 0.406  -0.177 0.025  5.184   -17.318 0.889  19 C_C9:G2_D   C 9  ? D 2  ? 19 1 
1 C U   10 1_555 D G   1  1_555 2.398  -0.802 0.308  -3.267  -17.124 -2.591 20 C_U10:G1_D  C 10 ? D 1  ? 28 ? 
# 
loop_
_ndb_struct_na_base_pair_step.model_number 
_ndb_struct_na_base_pair_step.i_label_asym_id_1 
_ndb_struct_na_base_pair_step.i_label_comp_id_1 
_ndb_struct_na_base_pair_step.i_label_seq_id_1 
_ndb_struct_na_base_pair_step.i_symmetry_1 
_ndb_struct_na_base_pair_step.j_label_asym_id_1 
_ndb_struct_na_base_pair_step.j_label_comp_id_1 
_ndb_struct_na_base_pair_step.j_label_seq_id_1 
_ndb_struct_na_base_pair_step.j_symmetry_1 
_ndb_struct_na_base_pair_step.i_label_asym_id_2 
_ndb_struct_na_base_pair_step.i_label_comp_id_2 
_ndb_struct_na_base_pair_step.i_label_seq_id_2 
_ndb_struct_na_base_pair_step.i_symmetry_2 
_ndb_struct_na_base_pair_step.j_label_asym_id_2 
_ndb_struct_na_base_pair_step.j_label_comp_id_2 
_ndb_struct_na_base_pair_step.j_label_seq_id_2 
_ndb_struct_na_base_pair_step.j_symmetry_2 
_ndb_struct_na_base_pair_step.shift 
_ndb_struct_na_base_pair_step.slide 
_ndb_struct_na_base_pair_step.rise 
_ndb_struct_na_base_pair_step.tilt 
_ndb_struct_na_base_pair_step.roll 
_ndb_struct_na_base_pair_step.twist 
_ndb_struct_na_base_pair_step.x_displacement 
_ndb_struct_na_base_pair_step.y_displacement 
_ndb_struct_na_base_pair_step.helical_rise 
_ndb_struct_na_base_pair_step.inclination 
_ndb_struct_na_base_pair_step.tip 
_ndb_struct_na_base_pair_step.helical_twist 
_ndb_struct_na_base_pair_step.step_number 
_ndb_struct_na_base_pair_step.step_name 
_ndb_struct_na_base_pair_step.i_auth_asym_id_1 
_ndb_struct_na_base_pair_step.i_auth_seq_id_1 
_ndb_struct_na_base_pair_step.i_PDB_ins_code_1 
_ndb_struct_na_base_pair_step.j_auth_asym_id_1 
_ndb_struct_na_base_pair_step.j_auth_seq_id_1 
_ndb_struct_na_base_pair_step.j_PDB_ins_code_1 
_ndb_struct_na_base_pair_step.i_auth_asym_id_2 
_ndb_struct_na_base_pair_step.i_auth_seq_id_2 
_ndb_struct_na_base_pair_step.i_PDB_ins_code_2 
_ndb_struct_na_base_pair_step.j_auth_asym_id_2 
_ndb_struct_na_base_pair_step.j_auth_seq_id_2 
_ndb_struct_na_base_pair_step.j_PDB_ins_code_2 
1 A G   1 1_555 B U   10 1_555 A G   2  1_555 B C   9 1_555 -0.332 -1.316 3.106 -3.380 4.270  43.322 -2.153  0.143  2.985  5.757  
4.556   43.647 1  AA_G1G2:C9U10_BB    A 1 ? B 10 ? A 2  ? B 9 ? 
1 A G   2 1_555 B C   9  1_555 A C   3  1_555 B G   8 1_555 0.196  -1.304 3.225 3.272  6.070  33.781 -3.102  0.154  2.958  10.312 
-5.559  34.458 2  AA_G2C3:G8C9_BB     A 2 ? B 9  ? A 3  ? B 8 ? 
1 A C   3 1_555 B G   8  1_555 A G   4  1_555 B C   7 1_555 0.379  -1.781 3.235 1.993  19.477 28.518 -5.534  -0.381 1.725  34.830 
-3.564  34.477 3  AA_C3G4:C7G8_BB     A 3 ? B 8  ? A 4  ? B 7 ? 
1 A G   4 1_555 B C   7  1_555 A 5BU 5  1_555 B G   6 1_555 -0.237 -1.434 3.334 -2.311 3.367  43.818 -2.233  0.097  3.229  4.500  
3.088   43.998 4  AA_G45BU5:G6C7_BB   A 4 ? B 7  ? A 5  ? B 6 ? 
1 A 5BU 5 1_555 B G   6  1_555 A G   6  1_555 B 5BU 5 1_555 0.557  -2.870 2.647 6.896  11.962 10.707 -12.987 0.200  -0.114 45.383 
-26.161 17.457 5  AA_5BU5G6:5BU5G6_BB A 5 ? B 6  ? A 6  ? B 5 ? 
1 A G   6 1_555 B 5BU 5  1_555 A C   7  1_555 B G   4 1_555 0.137  -1.310 3.174 -2.332 2.816  43.419 -2.025  -0.399 3.077  3.798  
3.146   43.565 6  AA_G6C7:G45BU5_BB   A 6 ? B 5  ? A 7  ? B 4 ? 
1 A C   7 1_555 B G   4  1_555 A G   8  1_555 B C   3 1_555 -0.752 -2.101 3.069 -3.644 10.817 20.361 -8.172  0.860  1.836  27.941 
9.413   23.313 7  AA_C7G8:C3G4_BB     A 7 ? B 4  ? A 8  ? B 3 ? 
1 A G   8 1_555 B C   3  1_555 A C   9  1_555 B G   2 1_555 -0.085 -1.452 3.265 -1.466 8.847  36.355 -3.368  -0.051 2.848  13.920 
2.306   37.408 8  AA_G8C9:G2C3_BB     A 8 ? B 3  ? A 9  ? B 2 ? 
1 A C   9 1_555 B G   2  1_555 A U   10 1_555 B G   1 1_555 0.097  -1.541 3.309 5.066  4.152  38.915 -2.768  0.449  3.122  6.178  
-7.538  39.441 9  AA_C9U10:G1G2_BB    A 9 ? B 2  ? A 10 ? B 1 ? 
1 C G   1 1_555 D U   10 1_555 C G   2  1_555 D C   9 1_555 -0.422 -1.423 3.342 -3.615 6.346  41.201 -2.656  0.214  3.123  8.933  
5.089   41.815 10 CC_G1G2:C9U10_DD    C 1 ? D 10 ? C 2  ? D 9 ? 
1 C G   2 1_555 D C   9  1_555 C C   3  1_555 D G   8 1_555 -0.211 -1.581 3.400 -2.739 9.924  35.096 -3.864  -0.034 2.870  16.036 
4.425   36.529 11 CC_G2C3:G8C9_DD     C 2 ? D 9  ? C 3  ? D 8 ? 
1 C C   3 1_555 D G   8  1_555 C G   4  1_555 D C   7 1_555 0.815  -2.054 2.817 7.143  10.569 29.455 -5.221  -0.464 2.110  19.665 
-13.291 32.043 12 CC_C3G4:C7G8_DD     C 3 ? D 8  ? C 4  ? D 7 ? 
1 C G   4 1_555 D C   7  1_555 C 5BU 5  1_555 D G   6 1_555 0.232  -1.489 3.232 1.791  1.718  40.371 -2.343  -0.139 3.176  2.487  
-2.592  40.444 13 CC_G45BU5:G6C7_DD   C 4 ? D 7  ? C 5  ? D 6 ? 
1 C 5BU 5 1_555 D G   6  1_555 C G   6  1_555 D 5BU 5 1_555 -0.100 -2.680 2.704 0.302  10.534 12.249 -13.506 0.468  0.311  40.823 
-1.169  16.145 14 CC_5BU5G6:5BU5G6_DD C 5 ? D 6  ? C 6  ? D 5 ? 
1 C G   6 1_555 D 5BU 5  1_555 C C   7  1_555 D G   4 1_555 0.168  -1.345 3.181 0.493  -0.954 43.313 -1.732  -0.181 3.211  -1.293 
-0.668  43.325 15 CC_G6C7:G45BU5_DD   C 6 ? D 5  ? C 7  ? D 4 ? 
1 C C   7 1_555 D G   4  1_555 C G   8  1_555 D C   3 1_555 -0.573 -1.973 3.102 -3.600 13.837 25.933 -6.263  0.499  1.890  28.263 
7.352   29.554 16 CC_C7G8:C3G4_DD     C 7 ? D 4  ? C 8  ? D 3 ? 
1 C G   8 1_555 D C   3  1_555 C C   9  1_555 D G   2 1_555 -0.251 -1.358 3.165 0.802  3.520  34.557 -2.784  0.536  3.010  5.906  
-1.346  34.740 17 CC_G8C9:G2C3_DD     C 8 ? D 3  ? C 9  ? D 2 ? 
1 C C   9 1_555 D G   2  1_555 C U   10 1_555 D G   1 1_555 0.213  -1.064 3.547 2.682  6.669  41.516 -2.212  -0.002 3.352  9.324  
-3.750  42.107 18 CC_C9U10:G1G2_DD    C 9 ? D 2  ? C 10 ? D 1 ? 
# 
_atom_sites.entry_id                    2AO5 
_atom_sites.fract_transf_matrix[1][1]   -0.00428259 
_atom_sites.fract_transf_matrix[1][2]   -0.01212437 
_atom_sites.fract_transf_matrix[1][3]   -0.02320560 
_atom_sites.fract_transf_matrix[2][1]   -0.02505603 
_atom_sites.fract_transf_matrix[2][2]   0.00871962 
_atom_sites.fract_transf_matrix[2][3]   0.00006829 
_atom_sites.fract_transf_matrix[3][1]   0.00297360 
_atom_sites.fract_transf_matrix[3][2]   0.00858415 
_atom_sites.fract_transf_matrix[3][3]   -0.00503379 
_atom_sites.fract_transf_vector[1]      0.225825 
_atom_sites.fract_transf_vector[2]      0.231069 
_atom_sites.fract_transf_vector[3]      -0.047605 
# 
loop_
_atom_type.symbol 
BR 
C  
MG 
N  
O  
P  
# 
loop_
_atom_site.group_PDB 
_atom_site.id 
_atom_site.type_symbol 
_atom_site.label_atom_id 
_atom_site.label_alt_id 
_atom_site.label_comp_id 
_atom_site.label_asym_id 
_atom_site.label_entity_id 
_atom_site.label_seq_id 
_atom_site.pdbx_PDB_ins_code 
_atom_site.Cartn_x 
_atom_site.Cartn_y 
_atom_site.Cartn_z 
_atom_site.occupancy 
_atom_site.B_iso_or_equiv 
_atom_site.pdbx_formal_charge 
_atom_site.auth_seq_id 
_atom_site.auth_comp_id 
_atom_site.auth_asym_id 
_atom_site.auth_atom_id 
_atom_site.pdbx_PDB_model_num 
ATOM   1    O  "O5'" . G   A 1 1  ? -16.604 -10.547 2.642   1.00 33.37 ? 1   G   A "O5'" 1 
ATOM   2    C  "C5'" . G   A 1 1  ? -17.468 -9.990  3.631   1.00 32.16 ? 1   G   A "C5'" 1 
ATOM   3    C  "C4'" . G   A 1 1  ? -16.758 -9.995  4.961   1.00 33.08 ? 1   G   A "C4'" 1 
ATOM   4    O  "O4'" . G   A 1 1  ? -16.439 -11.367 5.306   1.00 31.17 ? 1   G   A "O4'" 1 
ATOM   5    C  "C3'" . G   A 1 1  ? -15.413 -9.287  4.960   1.00 33.55 ? 1   G   A "C3'" 1 
ATOM   6    O  "O3'" . G   A 1 1  ? -15.562 -7.892  5.187   1.00 36.65 ? 1   G   A "O3'" 1 
ATOM   7    C  "C2'" . G   A 1 1  ? -14.682 -9.980  6.100   1.00 33.49 ? 1   G   A "C2'" 1 
ATOM   8    O  "O2'" . G   A 1 1  ? -15.039 -9.498  7.381   1.00 34.46 ? 1   G   A "O2'" 1 
ATOM   9    C  "C1'" . G   A 1 1  ? -15.172 -11.418 5.933   1.00 32.52 ? 1   G   A "C1'" 1 
ATOM   10   N  N9    . G   A 1 1  ? -14.281 -12.230 5.108   1.00 32.70 ? 1   G   A N9    1 
ATOM   11   C  C8    . G   A 1 1  ? -14.544 -12.800 3.883   1.00 31.62 ? 1   G   A C8    1 
ATOM   12   N  N7    . G   A 1 1  ? -13.541 -13.495 3.416   1.00 32.60 ? 1   G   A N7    1 
ATOM   13   C  C5    . G   A 1 1  ? -12.554 -13.364 4.386   1.00 31.79 ? 1   G   A C5    1 
ATOM   14   C  C6    . G   A 1 1  ? -11.233 -13.895 4.441   1.00 31.69 ? 1   G   A C6    1 
ATOM   15   O  O6    . G   A 1 1  ? -10.650 -14.606 3.609   1.00 27.90 ? 1   G   A O6    1 
ATOM   16   N  N1    . G   A 1 1  ? -10.581 -13.518 5.617   1.00 31.47 ? 1   G   A N1    1 
ATOM   17   C  C2    . G   A 1 1  ? -11.129 -12.736 6.608   1.00 31.33 ? 1   G   A C2    1 
ATOM   18   N  N2    . G   A 1 1  ? -10.366 -12.507 7.686   1.00 31.61 ? 1   G   A N2    1 
ATOM   19   N  N3    . G   A 1 1  ? -12.345 -12.222 6.554   1.00 30.77 ? 1   G   A N3    1 
ATOM   20   C  C4    . G   A 1 1  ? -12.997 -12.581 5.431   1.00 32.05 ? 1   G   A C4    1 
ATOM   21   P  P     . G   A 1 2  ? -14.542 -6.864  4.492   1.00 38.54 ? 2   G   A P     1 
ATOM   22   O  OP1   . G   A 1 2  ? -14.917 -5.498  4.933   1.00 40.69 ? 2   G   A OP1   1 
ATOM   23   O  OP2   . G   A 1 2  ? -14.474 -7.174  3.040   1.00 38.38 ? 2   G   A OP2   1 
ATOM   24   O  "O5'" . G   A 1 2  ? -13.140 -7.226  5.149   1.00 38.54 ? 2   G   A "O5'" 1 
ATOM   25   C  "C5'" . G   A 1 2  ? -12.862 -6.882  6.500   1.00 40.77 ? 2   G   A "C5'" 1 
ATOM   26   C  "C4'" . G   A 1 2  ? -11.437 -7.243  6.850   1.00 41.19 ? 2   G   A "C4'" 1 
ATOM   27   O  "O4'" . G   A 1 2  ? -11.293 -8.686  6.843   1.00 38.75 ? 2   G   A "O4'" 1 
ATOM   28   C  "C3'" . G   A 1 2  ? -10.361 -6.756  5.888   1.00 42.56 ? 2   G   A "C3'" 1 
ATOM   29   O  "O3'" . G   A 1 2  ? -9.995  -5.401  6.149   1.00 45.74 ? 2   G   A "O3'" 1 
ATOM   30   C  "C2'" . G   A 1 2  ? -9.226  -7.724  6.193   1.00 41.82 ? 2   G   A "C2'" 1 
ATOM   31   O  "O2'" . G   A 1 2  ? -8.542  -7.411  7.391   1.00 42.91 ? 2   G   A "O2'" 1 
ATOM   32   C  "C1'" . G   A 1 2  ? -9.997  -9.032  6.389   1.00 39.52 ? 2   G   A "C1'" 1 
ATOM   33   N  N9    . G   A 1 2  ? -10.134 -9.785  5.148   1.00 37.17 ? 2   G   A N9    1 
ATOM   34   C  C8    . G   A 1 2  ? -11.198 -9.770  4.280   1.00 34.94 ? 2   G   A C8    1 
ATOM   35   N  N7    . G   A 1 2  ? -11.018 -10.537 3.240   1.00 35.65 ? 2   G   A N7    1 
ATOM   36   C  C5    . G   A 1 2  ? -9.761  -11.094 3.434   1.00 36.00 ? 2   G   A C5    1 
ATOM   37   C  C6    . G   A 1 2  ? -9.016  -12.005 2.629   1.00 34.88 ? 2   G   A C6    1 
ATOM   38   O  O6    . G   A 1 2  ? -9.329  -12.510 1.547   1.00 32.77 ? 2   G   A O6    1 
ATOM   39   N  N1    . G   A 1 2  ? -7.787  -12.309 3.206   1.00 36.12 ? 2   G   A N1    1 
ATOM   40   C  C2    . G   A 1 2  ? -7.327  -11.801 4.399   1.00 37.43 ? 2   G   A C2    1 
ATOM   41   N  N2    . G   A 1 2  ? -6.107  -12.206 4.786   1.00 36.96 ? 2   G   A N2    1 
ATOM   42   N  N3    . G   A 1 2  ? -8.009  -10.956 5.155   1.00 36.71 ? 2   G   A N3    1 
ATOM   43   C  C4    . G   A 1 2  ? -9.207  -10.645 4.614   1.00 36.30 ? 2   G   A C4    1 
ATOM   44   P  P     . C   A 1 3  ? -9.468  -4.461  4.946   1.00 45.77 ? 3   C   A P     1 
ATOM   45   O  OP1   . C   A 1 3  ? -9.207  -3.124  5.532   1.00 46.56 ? 3   C   A OP1   1 
ATOM   46   O  OP2   . C   A 1 3  ? -10.393 -4.586  3.795   1.00 44.04 ? 3   C   A OP2   1 
ATOM   47   O  "O5'" . C   A 1 3  ? -8.059  -5.097  4.555   1.00 44.93 ? 3   C   A "O5'" 1 
ATOM   48   C  "C5'" . C   A 1 3  ? -6.958  -5.013  5.457   1.00 45.56 ? 3   C   A "C5'" 1 
ATOM   49   C  "C4'" . C   A 1 3  ? -5.773  -5.796  4.940   1.00 44.01 ? 3   C   A "C4'" 1 
ATOM   50   O  "O4'" . C   A 1 3  ? -6.091  -7.214  4.902   1.00 43.51 ? 3   C   A "O4'" 1 
ATOM   51   C  "C3'" . C   A 1 3  ? -5.312  -5.500  3.524   1.00 43.53 ? 3   C   A "C3'" 1 
ATOM   52   O  "O3'" . C   A 1 3  ? -4.542  -4.303  3.434   1.00 44.17 ? 3   C   A "O3'" 1 
ATOM   53   C  "C2'" . C   A 1 3  ? -4.492  -6.746  3.217   1.00 42.19 ? 3   C   A "C2'" 1 
ATOM   54   O  "O2'" . C   A 1 3  ? -3.213  -6.744  3.823   1.00 41.47 ? 3   C   A "O2'" 1 
ATOM   55   C  "C1'" . C   A 1 3  ? -5.362  -7.836  3.852   1.00 41.67 ? 3   C   A "C1'" 1 
ATOM   56   N  N1    . C   A 1 3  ? -6.314  -8.387  2.874   1.00 38.45 ? 3   C   A N1    1 
ATOM   57   C  C2    . C   A 1 3  ? -5.906  -9.456  2.065   1.00 38.13 ? 3   C   A C2    1 
ATOM   58   O  O2    . C   A 1 3  ? -4.781  -9.949  2.242   1.00 37.08 ? 3   C   A O2    1 
ATOM   59   N  N3    . C   A 1 3  ? -6.748  -9.923  1.109   1.00 37.06 ? 3   C   A N3    1 
ATOM   60   C  C4    . C   A 1 3  ? -7.948  -9.365  0.948   1.00 35.76 ? 3   C   A C4    1 
ATOM   61   N  N4    . C   A 1 3  ? -8.723  -9.824  -0.040  1.00 32.40 ? 3   C   A N4    1 
ATOM   62   C  C5    . C   A 1 3  ? -8.404  -8.303  1.785   1.00 35.99 ? 3   C   A C5    1 
ATOM   63   C  C6    . C   A 1 3  ? -7.562  -7.850  2.728   1.00 37.91 ? 3   C   A C6    1 
ATOM   64   P  P     . G   A 1 4  ? -4.639  -3.397  2.108   1.00 45.11 ? 4   G   A P     1 
ATOM   65   O  OP1   . G   A 1 4  ? -3.989  -2.087  2.384   1.00 45.19 ? 4   G   A OP1   1 
ATOM   66   O  OP2   . G   A 1 4  ? -6.046  -3.428  1.649   1.00 43.80 ? 4   G   A OP2   1 
ATOM   67   O  "O5'" . G   A 1 4  ? -3.758  -4.185  1.036   1.00 42.94 ? 4   G   A "O5'" 1 
ATOM   68   C  "C5'" . G   A 1 4  ? -2.425  -4.587  1.342   1.00 40.88 ? 4   G   A "C5'" 1 
ATOM   69   C  "C4'" . G   A 1 4  ? -1.953  -5.666  0.385   1.00 38.40 ? 4   G   A "C4'" 1 
ATOM   70   O  "O4'" . G   A 1 4  ? -2.735  -6.876  0.567   1.00 36.16 ? 4   G   A "O4'" 1 
ATOM   71   C  "C3'" . G   A 1 4  ? -2.089  -5.384  -1.103  1.00 38.98 ? 4   G   A "C3'" 1 
ATOM   72   O  "O3'" . G   A 1 4  ? -1.048  -4.533  -1.579  1.00 39.38 ? 4   G   A "O3'" 1 
ATOM   73   C  "C2'" . G   A 1 4  ? -1.976  -6.790  -1.685  1.00 38.10 ? 4   G   A "C2'" 1 
ATOM   74   O  "O2'" . G   A 1 4  ? -0.646  -7.252  -1.760  1.00 36.64 ? 4   G   A "O2'" 1 
ATOM   75   C  "C1'" . G   A 1 4  ? -2.734  -7.617  -0.644  1.00 36.47 ? 4   G   A "C1'" 1 
ATOM   76   N  N9    . G   A 1 4  ? -4.112  -7.885  -1.050  1.00 34.35 ? 4   G   A N9    1 
ATOM   77   C  C8    . G   A 1 4  ? -5.261  -7.301  -0.568  1.00 34.35 ? 4   G   A C8    1 
ATOM   78   N  N7    . G   A 1 4  ? -6.346  -7.755  -1.141  1.00 33.05 ? 4   G   A N7    1 
ATOM   79   C  C5    . G   A 1 4  ? -5.886  -8.695  -2.056  1.00 32.54 ? 4   G   A C5    1 
ATOM   80   C  C6    . G   A 1 4  ? -6.600  -9.518  -2.970  1.00 31.13 ? 4   G   A C6    1 
ATOM   81   O  O6    . G   A 1 4  ? -7.823  -9.593  -3.150  1.00 29.18 ? 4   G   A O6    1 
ATOM   82   N  N1    . G   A 1 4  ? -5.739  -10.318 -3.718  1.00 30.62 ? 4   G   A N1    1 
ATOM   83   C  C2    . G   A 1 4  ? -4.368  -10.336 -3.598  1.00 31.82 ? 4   G   A C2    1 
ATOM   84   N  N2    . G   A 1 4  ? -3.712  -11.189 -4.413  1.00 27.67 ? 4   G   A N2    1 
ATOM   85   N  N3    . G   A 1 4  ? -3.692  -9.579  -2.745  1.00 28.86 ? 4   G   A N3    1 
ATOM   86   C  C4    . G   A 1 4  ? -4.509  -8.787  -2.012  1.00 33.67 ? 4   G   A C4    1 
HETATM 87   P  P     . 5BU A 1 5  ? -1.253  -3.693  -2.939  1.00 41.58 ? 5   5BU A P     1 
HETATM 88   O  OP1   . 5BU A 1 5  ? 0.028   -2.988  -3.196  1.00 42.00 ? 5   5BU A OP1   1 
HETATM 89   O  OP2   . 5BU A 1 5  ? -2.508  -2.908  -2.855  1.00 40.96 ? 5   5BU A OP2   1 
HETATM 90   O  "O5'" . 5BU A 1 5  ? -1.434  -4.809  -4.069  1.00 39.95 ? 5   5BU A "O5'" 1 
HETATM 91   C  "C5'" . 5BU A 1 5  ? -0.360  -5.684  -4.406  1.00 38.43 ? 5   5BU A "C5'" 1 
HETATM 92   C  "C4'" . 5BU A 1 5  ? -0.752  -6.603  -5.548  1.00 36.81 ? 5   5BU A "C4'" 1 
HETATM 93   O  "O4'" . 5BU A 1 5  ? -1.719  -7.590  -5.102  1.00 34.97 ? 5   5BU A "O4'" 1 
HETATM 94   C  "C3'" . 5BU A 1 5  ? -1.410  -5.953  -6.751  1.00 35.42 ? 5   5BU A "C3'" 1 
HETATM 95   O  "O3'" . 5BU A 1 5  ? -0.423  -5.359  -7.594  1.00 36.02 ? 5   5BU A "O3'" 1 
HETATM 96   C  "C2'" . 5BU A 1 5  ? -2.122  -7.139  -7.401  1.00 34.52 ? 5   5BU A "C2'" 1 
HETATM 97   O  "O2'" . 5BU A 1 5  ? -1.267  -7.955  -8.174  1.00 35.85 ? 5   5BU A "O2'" 1 
HETATM 98   C  "C1'" . 5BU A 1 5  ? -2.595  -7.924  -6.177  1.00 34.18 ? 5   5BU A "C1'" 1 
HETATM 99   N  N1    . 5BU A 1 5  ? -3.963  -7.561  -5.777  1.00 30.98 ? 5   5BU A N1    1 
HETATM 100  C  C2    . 5BU A 1 5  ? -5.046  -8.151  -6.423  1.00 27.95 ? 5   5BU A C2    1 
HETATM 101  O  O2    . 5BU A 1 5  ? -4.924  -8.973  -7.308  1.00 26.40 ? 5   5BU A O2    1 
HETATM 102  N  N3    . 5BU A 1 5  ? -6.279  -7.729  -5.978  1.00 27.13 ? 5   5BU A N3    1 
HETATM 103  C  C4    . 5BU A 1 5  ? -6.521  -6.812  -4.978  1.00 27.30 ? 5   5BU A C4    1 
HETATM 104  O  O4    . 5BU A 1 5  ? -7.677  -6.510  -4.681  1.00 25.62 ? 5   5BU A O4    1 
HETATM 105  C  C5    . 5BU A 1 5  ? -5.352  -6.279  -4.377  1.00 29.29 ? 5   5BU A C5    1 
HETATM 106  C  C6    . 5BU A 1 5  ? -4.155  -6.652  -4.783  1.00 28.73 ? 5   5BU A C6    1 
HETATM 107  BR BR    . 5BU A 1 5  ? -5.918  -4.161  -2.713  1.00 83.67 ? 5   5BU A BR    1 
ATOM   108  P  P     . G   A 1 6  ? -0.882  -4.436  -8.827  1.00 37.71 ? 6   G   A P     1 
ATOM   109  O  OP1   . G   A 1 6  ? 0.325   -4.107  -9.625  1.00 38.95 ? 6   G   A OP1   1 
ATOM   110  O  OP2   . G   A 1 6  ? -1.741  -3.346  -8.307  1.00 37.40 ? 6   G   A OP2   1 
ATOM   111  O  "O5'" . G   A 1 6  ? -1.780  -5.422  -9.693  1.00 32.31 ? 6   G   A "O5'" 1 
ATOM   112  C  "C5'" . G   A 1 6  ? -2.864  -4.941  -10.474 1.00 31.55 ? 6   G   A "C5'" 1 
ATOM   113  C  "C4'" . G   A 1 6  ? -3.485  -6.084  -11.242 1.00 27.91 ? 6   G   A "C4'" 1 
ATOM   114  O  "O4'" . G   A 1 6  ? -4.090  -7.036  -10.327 1.00 27.67 ? 6   G   A "O4'" 1 
ATOM   115  C  "C3'" . G   A 1 6  ? -4.629  -5.699  -12.155 1.00 29.01 ? 6   G   A "C3'" 1 
ATOM   116  O  "O3'" . G   A 1 6  ? -4.128  -5.201  -13.380 1.00 28.43 ? 6   G   A "O3'" 1 
ATOM   117  C  "C2'" . G   A 1 6  ? -5.328  -7.032  -12.352 1.00 27.14 ? 6   G   A "C2'" 1 
ATOM   118  O  "O2'" . G   A 1 6  ? -4.622  -7.828  -13.279 1.00 25.70 ? 6   G   A "O2'" 1 
ATOM   119  C  "C1'" . G   A 1 6  ? -5.236  -7.624  -10.942 1.00 28.25 ? 6   G   A "C1'" 1 
ATOM   120  N  N9    . G   A 1 6  ? -6.412  -7.317  -10.124 1.00 28.28 ? 6   G   A N9    1 
ATOM   121  C  C8    . G   A 1 6  ? -6.471  -6.435  -9.074  1.00 26.25 ? 6   G   A C8    1 
ATOM   122  N  N7    . G   A 1 6  ? -7.659  -6.350  -8.535  1.00 27.81 ? 6   G   A N7    1 
ATOM   123  C  C5    . G   A 1 6  ? -8.440  -7.237  -9.266  1.00 27.41 ? 6   G   A C5    1 
ATOM   124  C  C6    . G   A 1 6  ? -9.822  -7.579  -9.134  1.00 25.98 ? 6   G   A C6    1 
ATOM   125  O  O6    . G   A 1 6  ? -10.649 -7.160  -8.303  1.00 28.48 ? 6   G   A O6    1 
ATOM   126  N  N1    . G   A 1 6  ? -10.208 -8.515  -10.093 1.00 24.64 ? 6   G   A N1    1 
ATOM   127  C  C2    . G   A 1 6  ? -9.378  -9.054  -11.048 1.00 24.19 ? 6   G   A C2    1 
ATOM   128  N  N2    . G   A 1 6  ? -9.940  -9.921  -11.888 1.00 19.94 ? 6   G   A N2    1 
ATOM   129  N  N3    . G   A 1 6  ? -8.086  -8.756  -11.172 1.00 24.96 ? 6   G   A N3    1 
ATOM   130  C  C4    . G   A 1 6  ? -7.690  -7.846  -10.256 1.00 27.18 ? 6   G   A C4    1 
ATOM   131  P  P     . C   A 1 7  ? -4.979  -4.115  -14.195 1.00 31.56 ? 7   C   A P     1 
ATOM   132  O  OP1   . C   A 1 7  ? -4.209  -3.815  -15.426 1.00 31.88 ? 7   C   A OP1   1 
ATOM   133  O  OP2   . C   A 1 7  ? -5.346  -3.023  -13.266 1.00 31.38 ? 7   C   A OP2   1 
ATOM   134  O  "O5'" . C   A 1 7  ? -6.300  -4.896  -14.600 1.00 29.92 ? 7   C   A "O5'" 1 
ATOM   135  C  "C5'" . C   A 1 7  ? -6.252  -5.962  -15.536 1.00 28.23 ? 7   C   A "C5'" 1 
ATOM   136  C  "C4'" . C   A 1 7  ? -7.623  -6.559  -15.697 1.00 29.25 ? 7   C   A "C4'" 1 
ATOM   137  O  "O4'" . C   A 1 7  ? -8.038  -7.143  -14.430 1.00 28.85 ? 7   C   A "O4'" 1 
ATOM   138  C  "C3'" . C   A 1 7  ? -8.727  -5.558  -15.995 1.00 28.56 ? 7   C   A "C3'" 1 
ATOM   139  O  "O3'" . C   A 1 7  ? -8.774  -5.217  -17.372 1.00 30.73 ? 7   C   A "O3'" 1 
ATOM   140  C  "C2'" . C   A 1 7  ? -9.962  -6.330  -15.554 1.00 28.91 ? 7   C   A "C2'" 1 
ATOM   141  O  "O2'" . C   A 1 7  ? -10.334 -7.317  -16.488 1.00 27.75 ? 7   C   A "O2'" 1 
ATOM   142  C  "C1'" . C   A 1 7  ? -9.448  -7.000  -14.279 1.00 26.25 ? 7   C   A "C1'" 1 
ATOM   143  N  N1    . C   A 1 7  ? -9.707  -6.179  -13.084 1.00 23.82 ? 7   C   A N1    1 
ATOM   144  C  C2    . C   A 1 7  ? -10.972 -6.231  -12.494 1.00 23.30 ? 7   C   A C2    1 
ATOM   145  O  O2    . C   A 1 7  ? -11.852 -6.916  -13.032 1.00 21.82 ? 7   C   A O2    1 
ATOM   146  N  N3    . C   A 1 7  ? -11.205 -5.519  -11.365 1.00 20.91 ? 7   C   A N3    1 
ATOM   147  C  C4    . C   A 1 7  ? -10.235 -4.755  -10.846 1.00 23.17 ? 7   C   A C4    1 
ATOM   148  N  N4    . C   A 1 7  ? -10.489 -4.089  -9.715  1.00 22.00 ? 7   C   A N4    1 
ATOM   149  C  C5    . C   A 1 7  ? -8.954  -4.651  -11.454 1.00 21.02 ? 7   C   A C5    1 
ATOM   150  C  C6    . C   A 1 7  ? -8.731  -5.381  -12.555 1.00 23.61 ? 7   C   A C6    1 
ATOM   151  P  P     . G   A 1 8  ? -9.365  -3.787  -17.816 1.00 32.94 ? 8   G   A P     1 
ATOM   152  O  OP1   . G   A 1 8  ? -9.000  -3.588  -19.242 1.00 31.73 ? 8   G   A OP1   1 
ATOM   153  O  OP2   . G   A 1 8  ? -8.974  -2.772  -16.808 1.00 31.02 ? 8   G   A OP2   1 
ATOM   154  O  "O5'" . G   A 1 8  ? -10.943 -3.986  -17.720 1.00 28.77 ? 8   G   A "O5'" 1 
ATOM   155  C  "C5'" . G   A 1 8  ? -11.593 -4.994  -18.480 1.00 28.61 ? 8   G   A "C5'" 1 
ATOM   156  C  "C4'" . G   A 1 8  ? -13.041 -5.083  -18.083 1.00 28.87 ? 8   G   A "C4'" 1 
ATOM   157  O  "O4'" . G   A 1 8  ? -13.146 -5.567  -16.714 1.00 29.71 ? 8   G   A "O4'" 1 
ATOM   158  C  "C3'" . G   A 1 8  ? -13.787 -3.758  -18.020 1.00 29.85 ? 8   G   A "C3'" 1 
ATOM   159  O  "O3'" . G   A 1 8  ? -14.156 -3.295  -19.315 1.00 30.72 ? 8   G   A "O3'" 1 
ATOM   160  C  "C2'" . G   A 1 8  ? -14.989 -4.155  -17.176 1.00 29.17 ? 8   G   A "C2'" 1 
ATOM   161  O  "O2'" . G   A 1 8  ? -15.862 -5.000  -17.888 1.00 26.31 ? 8   G   A "O2'" 1 
ATOM   162  C  "C1'" . G   A 1 8  ? -14.316 -5.022  -16.116 1.00 27.89 ? 8   G   A "C1'" 1 
ATOM   163  N  N9    . G   A 1 8  ? -13.942 -4.289  -14.910 1.00 26.67 ? 8   G   A N9    1 
ATOM   164  C  C8    . G   A 1 8  ? -12.690 -3.853  -14.542 1.00 24.82 ? 8   G   A C8    1 
ATOM   165  N  N7    . G   A 1 8  ? -12.676 -3.277  -13.368 1.00 26.42 ? 8   G   A N7    1 
ATOM   166  C  C5    . G   A 1 8  ? -14.000 -3.319  -12.946 1.00 24.21 ? 8   G   A C5    1 
ATOM   167  C  C6    . G   A 1 8  ? -14.606 -2.853  -11.747 1.00 24.15 ? 8   G   A C6    1 
ATOM   168  O  O6    . G   A 1 8  ? -14.078 -2.293  -10.781 1.00 22.04 ? 8   G   A O6    1 
ATOM   169  N  N1    . G   A 1 8  ? -15.977 -3.097  -11.736 1.00 22.06 ? 8   G   A N1    1 
ATOM   170  C  C2    . G   A 1 8  ? -16.675 -3.705  -12.744 1.00 25.98 ? 8   G   A C2    1 
ATOM   171  N  N2    . G   A 1 8  ? -17.998 -3.839  -12.551 1.00 27.92 ? 8   G   A N2    1 
ATOM   172  N  N3    . G   A 1 8  ? -16.124 -4.149  -13.861 1.00 26.78 ? 8   G   A N3    1 
ATOM   173  C  C4    . G   A 1 8  ? -14.793 -3.926  -13.894 1.00 25.19 ? 8   G   A C4    1 
ATOM   174  P  P     . C   A 1 9  ? -14.225 -1.714  -19.611 1.00 32.43 ? 9   C   A P     1 
ATOM   175  O  OP1   . C   A 1 9  ? -14.357 -1.564  -21.076 1.00 33.58 ? 9   C   A OP1   1 
ATOM   176  O  OP2   . C   A 1 9  ? -13.124 -1.022  -18.904 1.00 34.81 ? 9   C   A OP2   1 
ATOM   177  O  "O5'" . C   A 1 9  ? -15.589 -1.258  -18.913 1.00 32.16 ? 9   C   A "O5'" 1 
ATOM   178  C  "C5'" . C   A 1 9  ? -16.838 -1.817  -19.312 1.00 31.08 ? 9   C   A "C5'" 1 
ATOM   179  C  "C4'" . C   A 1 9  ? -17.939 -1.395  -18.365 1.00 29.63 ? 9   C   A "C4'" 1 
ATOM   180  O  "O4'" . C   A 1 9  ? -17.694 -1.975  -17.059 1.00 31.08 ? 9   C   A "O4'" 1 
ATOM   181  C  "C3'" . C   A 1 9  ? -18.076 0.094   -18.083 1.00 30.61 ? 9   C   A "C3'" 1 
ATOM   182  O  "O3'" . C   A 1 9  ? -18.824 0.765   -19.098 1.00 30.49 ? 9   C   A "O3'" 1 
ATOM   183  C  "C2'" . C   A 1 9  ? -18.829 0.086   -16.760 1.00 29.48 ? 9   C   A "C2'" 1 
ATOM   184  O  "O2'" . C   A 1 9  ? -20.206 -0.181  -16.932 1.00 24.64 ? 9   C   A "O2'" 1 
ATOM   185  C  "C1'" . C   A 1 9  ? -18.179 -1.105  -16.054 1.00 30.23 ? 9   C   A "C1'" 1 
ATOM   186  N  N1    . C   A 1 9  ? -17.056 -0.725  -15.177 1.00 31.66 ? 9   C   A N1    1 
ATOM   187  C  C2    . C   A 1 9  ? -17.344 -0.256  -13.895 1.00 30.94 ? 9   C   A C2    1 
ATOM   188  O  O2    . C   A 1 9  ? -18.525 -0.185  -13.543 1.00 31.81 ? 9   C   A O2    1 
ATOM   189  N  N3    . C   A 1 9  ? -16.328 0.106   -13.074 1.00 30.78 ? 9   C   A N3    1 
ATOM   190  C  C4    . C   A 1 9  ? -15.066 0.014   -13.497 1.00 30.84 ? 9   C   A C4    1 
ATOM   191  N  N4    . C   A 1 9  ? -14.095 0.387   -12.653 1.00 29.58 ? 9   C   A N4    1 
ATOM   192  C  C5    . C   A 1 9  ? -14.744 -0.463  -14.802 1.00 29.49 ? 9   C   A C5    1 
ATOM   193  C  C6    . C   A 1 9  ? -15.760 -0.821  -15.601 1.00 29.66 ? 9   C   A C6    1 
ATOM   194  P  P     . U   A 1 10 ? -18.523 2.316   -19.425 1.00 33.34 ? 10  U   A P     1 
ATOM   195  O  OP1   . U   A 1 10 ? -19.416 2.685   -20.553 1.00 32.34 ? 10  U   A OP1   1 
ATOM   196  O  OP2   . U   A 1 10 ? -17.054 2.497   -19.567 1.00 33.86 ? 10  U   A OP2   1 
ATOM   197  O  "O5'" . U   A 1 10 ? -18.983 3.103   -18.118 1.00 30.80 ? 10  U   A "O5'" 1 
ATOM   198  C  "C5'" . U   A 1 10 ? -20.325 3.032   -17.657 1.00 32.16 ? 10  U   A "C5'" 1 
ATOM   199  C  "C4'" . U   A 1 10 ? -20.428 3.556   -16.242 1.00 32.32 ? 10  U   A "C4'" 1 
ATOM   200  O  "O4'" . U   A 1 10 ? -19.613 2.758   -15.345 1.00 30.89 ? 10  U   A "O4'" 1 
ATOM   201  C  "C3'" . U   A 1 10 ? -19.929 4.967   -15.992 1.00 33.50 ? 10  U   A "C3'" 1 
ATOM   202  O  "O3'" . U   A 1 10 ? -20.838 5.977   -16.465 1.00 34.78 ? 10  U   A "O3'" 1 
ATOM   203  C  "C2'" . U   A 1 10 ? -19.767 4.966   -14.478 1.00 32.13 ? 10  U   A "C2'" 1 
ATOM   204  O  "O2'" . U   A 1 10 ? -21.011 5.080   -13.817 1.00 30.41 ? 10  U   A "O2'" 1 
ATOM   205  C  "C1'" . U   A 1 10 ? -19.212 3.557   -14.239 1.00 30.96 ? 10  U   A "C1'" 1 
ATOM   206  N  N1    . U   A 1 10 ? -17.746 3.510   -14.122 1.00 30.11 ? 10  U   A N1    1 
ATOM   207  C  C2    . U   A 1 10 ? -17.187 3.765   -12.877 1.00 31.75 ? 10  U   A C2    1 
ATOM   208  O  O2    . U   A 1 10 ? -17.859 4.045   -11.884 1.00 30.77 ? 10  U   A O2    1 
ATOM   209  N  N3    . U   A 1 10 ? -15.814 3.683   -12.830 1.00 30.35 ? 10  U   A N3    1 
ATOM   210  C  C4    . U   A 1 10 ? -14.965 3.387   -13.869 1.00 30.87 ? 10  U   A C4    1 
ATOM   211  O  O4    . U   A 1 10 ? -13.756 3.322   -13.659 1.00 33.62 ? 10  U   A O4    1 
ATOM   212  C  C5    . U   A 1 10 ? -15.617 3.147   -15.123 1.00 32.70 ? 10  U   A C5    1 
ATOM   213  C  C6    . U   A 1 10 ? -16.951 3.216   -15.203 1.00 30.06 ? 10  U   A C6    1 
ATOM   214  O  "O5'" . G   B 1 1  ? -12.381 5.231   -3.699  1.00 37.46 ? 1   G   B "O5'" 1 
ATOM   215  C  "C5'" . G   B 1 1  ? -13.035 5.870   -2.612  1.00 37.55 ? 1   G   B "C5'" 1 
ATOM   216  C  "C4'" . G   B 1 1  ? -14.432 6.290   -3.002  1.00 39.21 ? 1   G   B "C4'" 1 
ATOM   217  O  "O4'" . G   B 1 1  ? -14.369 7.068   -4.229  1.00 38.58 ? 1   G   B "O4'" 1 
ATOM   218  C  "C3'" . G   B 1 1  ? -15.383 5.154   -3.340  1.00 39.42 ? 1   G   B "C3'" 1 
ATOM   219  O  "O3'" . G   B 1 1  ? -15.983 4.597   -2.177  1.00 40.77 ? 1   G   B "O3'" 1 
ATOM   220  C  "C2'" . G   B 1 1  ? -16.406 5.859   -4.217  1.00 39.20 ? 1   G   B "C2'" 1 
ATOM   221  O  "O2'" . G   B 1 1  ? -17.340 6.611   -3.463  1.00 40.18 ? 1   G   B "O2'" 1 
ATOM   222  C  "C1'" . G   B 1 1  ? -15.499 6.780   -5.037  1.00 38.80 ? 1   G   B "C1'" 1 
ATOM   223  N  N9    . G   B 1 1  ? -15.036 6.129   -6.260  1.00 37.73 ? 1   G   B N9    1 
ATOM   224  C  C8    . G   B 1 1  ? -13.777 5.653   -6.528  1.00 38.82 ? 1   G   B C8    1 
ATOM   225  N  N7    . G   B 1 1  ? -13.685 5.080   -7.698  1.00 39.15 ? 1   G   B N7    1 
ATOM   226  C  C5    . G   B 1 1  ? -14.959 5.191   -8.237  1.00 37.93 ? 1   G   B C5    1 
ATOM   227  C  C6    . G   B 1 1  ? -15.478 4.743   -9.486  1.00 38.32 ? 1   G   B C6    1 
ATOM   228  O  O6    . G   B 1 1  ? -14.892 4.139   -10.395 1.00 38.64 ? 1   G   B O6    1 
ATOM   229  N  N1    . G   B 1 1  ? -16.825 5.064   -9.623  1.00 36.29 ? 1   G   B N1    1 
ATOM   230  C  C2    . G   B 1 1  ? -17.577 5.730   -8.687  1.00 35.34 ? 1   G   B C2    1 
ATOM   231  N  N2    . G   B 1 1  ? -18.862 5.945   -9.001  1.00 32.90 ? 1   G   B N2    1 
ATOM   232  N  N3    . G   B 1 1  ? -17.106 6.152   -7.525  1.00 36.09 ? 1   G   B N3    1 
ATOM   233  C  C4    . G   B 1 1  ? -15.800 5.847   -7.367  1.00 37.74 ? 1   G   B C4    1 
ATOM   234  P  P     . G   B 1 2  ? -16.437 3.055   -2.182  1.00 41.94 ? 2   G   B P     1 
ATOM   235  O  OP1   . G   B 1 2  ? -16.989 2.730   -0.844  1.00 43.34 ? 2   G   B OP1   1 
ATOM   236  O  OP2   . G   B 1 2  ? -15.314 2.255   -2.727  1.00 43.60 ? 2   G   B OP2   1 
ATOM   237  O  "O5'" . G   B 1 2  ? -17.621 3.008   -3.242  1.00 41.86 ? 2   G   B "O5'" 1 
ATOM   238  C  "C5'" . G   B 1 2  ? -18.775 3.823   -3.089  1.00 38.55 ? 2   G   B "C5'" 1 
ATOM   239  C  "C4'" . G   B 1 2  ? -19.713 3.595   -4.246  1.00 38.02 ? 2   G   B "C4'" 1 
ATOM   240  O  "O4'" . G   B 1 2  ? -19.139 4.146   -5.465  1.00 36.32 ? 2   G   B "O4'" 1 
ATOM   241  C  "C3'" . G   B 1 2  ? -19.946 2.134   -4.585  1.00 37.49 ? 2   G   B "C3'" 1 
ATOM   242  O  "O3'" . G   B 1 2  ? -20.918 1.537   -3.737  1.00 37.63 ? 2   G   B "O3'" 1 
ATOM   243  C  "C2'" . G   B 1 2  ? -20.399 2.220   -6.036  1.00 36.92 ? 2   G   B "C2'" 1 
ATOM   244  O  "O2'" . G   B 1 2  ? -21.742 2.636   -6.170  1.00 38.03 ? 2   G   B "O2'" 1 
ATOM   245  C  "C1'" . G   B 1 2  ? -19.472 3.312   -6.566  1.00 34.56 ? 2   G   B "C1'" 1 
ATOM   246  N  N9    . G   B 1 2  ? -18.236 2.767   -7.119  1.00 32.97 ? 2   G   B N9    1 
ATOM   247  C  C8    . G   B 1 2  ? -16.993 2.768   -6.530  1.00 31.24 ? 2   G   B C8    1 
ATOM   248  N  N7    . G   B 1 2  ? -16.072 2.220   -7.278  1.00 29.65 ? 2   G   B N7    1 
ATOM   249  C  C5    . G   B 1 2  ? -16.747 1.832   -8.428  1.00 29.60 ? 2   G   B C5    1 
ATOM   250  C  C6    . G   B 1 2  ? -16.273 1.196   -9.601  1.00 28.49 ? 2   G   B C6    1 
ATOM   251  O  O6    . G   B 1 2  ? -15.123 0.855   -9.876  1.00 27.19 ? 2   G   B O6    1 
ATOM   252  N  N1    . G   B 1 2  ? -17.297 0.968   -10.511 1.00 29.47 ? 2   G   B N1    1 
ATOM   253  C  C2    . G   B 1 2  ? -18.611 1.320   -10.327 1.00 29.83 ? 2   G   B C2    1 
ATOM   254  N  N2    . G   B 1 2  ? -19.452 1.013   -11.323 1.00 29.95 ? 2   G   B N2    1 
ATOM   255  N  N3    . G   B 1 2  ? -19.064 1.927   -9.246  1.00 31.10 ? 2   G   B N3    1 
ATOM   256  C  C4    . G   B 1 2  ? -18.086 2.151   -8.342  1.00 31.21 ? 2   G   B C4    1 
ATOM   257  P  P     . C   B 1 3  ? -20.827 -0.033  -3.417  1.00 37.61 ? 3   C   B P     1 
ATOM   258  O  OP1   . C   B 1 3  ? -21.922 -0.382  -2.488  1.00 37.74 ? 3   C   B OP1   1 
ATOM   259  O  OP2   . C   B 1 3  ? -19.427 -0.340  -3.039  1.00 40.10 ? 3   C   B OP2   1 
ATOM   260  O  "O5'" . C   B 1 3  ? -21.114 -0.722  -4.830  1.00 37.49 ? 3   C   B "O5'" 1 
ATOM   261  C  "C5'" . C   B 1 3  ? -22.333 -0.481  -5.532  1.00 33.03 ? 3   C   B "C5'" 1 
ATOM   262  C  "C4'" . C   B 1 3  ? -22.403 -1.328  -6.792  1.00 30.29 ? 3   C   B "C4'" 1 
ATOM   263  O  "O4'" . C   B 1 3  ? -21.551 -0.795  -7.842  1.00 27.10 ? 3   C   B "O4'" 1 
ATOM   264  C  "C3'" . C   B 1 3  ? -21.978 -2.777  -6.637  1.00 30.16 ? 3   C   B "C3'" 1 
ATOM   265  O  "O3'" . C   B 1 3  ? -23.059 -3.544  -6.120  1.00 32.96 ? 3   C   B "O3'" 1 
ATOM   266  C  "C2'" . C   B 1 3  ? -21.623 -3.160  -8.070  1.00 28.82 ? 3   C   B "C2'" 1 
ATOM   267  O  "O2'" . C   B 1 3  ? -22.763 -3.471  -8.853  1.00 30.08 ? 3   C   B "O2'" 1 
ATOM   268  C  "C1'" . C   B 1 3  ? -20.984 -1.866  -8.582  1.00 29.54 ? 3   C   B "C1'" 1 
ATOM   269  N  N1    . C   B 1 3  ? -19.513 -1.814  -8.426  1.00 26.24 ? 3   C   B N1    1 
ATOM   270  C  C2    . C   B 1 3  ? -18.704 -2.284  -9.469  1.00 26.55 ? 3   C   B C2    1 
ATOM   271  O  O2    . C   B 1 3  ? -19.244 -2.749  -10.490 1.00 25.39 ? 3   C   B O2    1 
ATOM   272  N  N3    . C   B 1 3  ? -17.353 -2.222  -9.342  1.00 26.69 ? 3   C   B N3    1 
ATOM   273  C  C4    . C   B 1 3  ? -16.808 -1.715  -8.228  1.00 28.34 ? 3   C   B C4    1 
ATOM   274  N  N4    . C   B 1 3  ? -15.469 -1.652  -8.154  1.00 28.90 ? 3   C   B N4    1 
ATOM   275  C  C5    . C   B 1 3  ? -17.608 -1.243  -7.145  1.00 28.31 ? 3   C   B C5    1 
ATOM   276  C  C6    . C   B 1 3  ? -18.947 -1.311  -7.287  1.00 27.98 ? 3   C   B C6    1 
ATOM   277  P  P     . G   B 1 4  ? -22.813 -5.062  -5.664  1.00 37.05 ? 4   G   B P     1 
ATOM   278  O  OP1   . G   B 1 4  ? -24.150 -5.663  -5.420  1.00 37.38 ? 4   G   B OP1   1 
ATOM   279  O  OP2   . G   B 1 4  ? -21.785 -5.097  -4.589  1.00 37.04 ? 4   G   B OP2   1 
ATOM   280  O  "O5'" . G   B 1 4  ? -22.208 -5.738  -6.977  1.00 36.18 ? 4   G   B "O5'" 1 
ATOM   281  C  "C5'" . G   B 1 4  ? -21.285 -6.818  -6.895  1.00 32.38 ? 4   G   B "C5'" 1 
ATOM   282  C  "C4'" . G   B 1 4  ? -20.746 -7.145  -8.271  1.00 29.35 ? 4   G   B "C4'" 1 
ATOM   283  O  "O4'" . G   B 1 4  ? -19.985 -6.013  -8.773  1.00 26.30 ? 4   G   B "O4'" 1 
ATOM   284  C  "C3'" . G   B 1 4  ? -19.748 -8.293  -8.316  1.00 28.52 ? 4   G   B "C3'" 1 
ATOM   285  O  "O3'" . G   B 1 4  ? -20.421 -9.552  -8.357  1.00 31.94 ? 4   G   B "O3'" 1 
ATOM   286  C  "C2'" . G   B 1 4  ? -19.004 -8.014  -9.616  1.00 27.61 ? 4   G   B "C2'" 1 
ATOM   287  O  "O2'" . G   B 1 4  ? -19.707 -8.459  -10.754 1.00 25.21 ? 4   G   B "O2'" 1 
ATOM   288  C  "C1'" . G   B 1 4  ? -18.938 -6.482  -9.618  1.00 25.43 ? 4   G   B "C1'" 1 
ATOM   289  N  N9    . G   B 1 4  ? -17.657 -5.966  -9.140  1.00 25.77 ? 4   G   B N9    1 
ATOM   290  C  C8    . G   B 1 4  ? -17.410 -5.320  -7.952  1.00 22.88 ? 4   G   B C8    1 
ATOM   291  N  N7    . G   B 1 4  ? -16.153 -4.978  -7.805  1.00 24.42 ? 4   G   B N7    1 
ATOM   292  C  C5    . G   B 1 4  ? -15.530 -5.430  -8.963  1.00 22.98 ? 4   G   B C5    1 
ATOM   293  C  C6    . G   B 1 4  ? -14.154 -5.358  -9.366  1.00 23.14 ? 4   G   B C6    1 
ATOM   294  O  O6    . G   B 1 4  ? -13.191 -4.853  -8.761  1.00 18.15 ? 4   G   B O6    1 
ATOM   295  N  N1    . G   B 1 4  ? -13.955 -5.954  -10.610 1.00 19.24 ? 4   G   B N1    1 
ATOM   296  C  C2    . G   B 1 4  ? -14.940 -6.541  -11.370 1.00 24.41 ? 4   G   B C2    1 
ATOM   297  N  N2    . G   B 1 4  ? -14.542 -7.074  -12.542 1.00 18.55 ? 4   G   B N2    1 
ATOM   298  N  N3    . G   B 1 4  ? -16.221 -6.607  -11.007 1.00 23.04 ? 4   G   B N3    1 
ATOM   299  C  C4    . G   B 1 4  ? -16.439 -6.039  -9.801  1.00 23.25 ? 4   G   B C4    1 
HETATM 300  P  P     . 5BU B 1 5  ? -19.768 -10.831 -7.630  1.00 33.09 ? 5   5BU B P     1 
HETATM 301  O  OP1   . 5BU B 1 5  ? -20.691 -11.974 -7.826  1.00 31.32 ? 5   5BU B OP1   1 
HETATM 302  O  OP2   . 5BU B 1 5  ? -19.378 -10.427 -6.255  1.00 32.58 ? 5   5BU B OP2   1 
HETATM 303  O  "O5'" . 5BU B 1 5  ? -18.456 -11.110 -8.495  1.00 34.46 ? 5   5BU B "O5'" 1 
HETATM 304  C  "C5'" . 5BU B 1 5  ? -18.577 -11.566 -9.845  1.00 34.54 ? 5   5BU B "C5'" 1 
HETATM 305  C  "C4'" . 5BU B 1 5  ? -17.220 -11.650 -10.519 1.00 35.63 ? 5   5BU B "C4'" 1 
HETATM 306  O  "O4'" . 5BU B 1 5  ? -16.669 -10.318 -10.705 1.00 33.68 ? 5   5BU B "O4'" 1 
HETATM 307  C  "C3'" . 5BU B 1 5  ? -16.107 -12.383 -9.781  1.00 34.89 ? 5   5BU B "C3'" 1 
HETATM 308  O  "O3'" . 5BU B 1 5  ? -16.217 -13.795 -9.913  1.00 38.13 ? 5   5BU B "O3'" 1 
HETATM 309  C  "C2'" . 5BU B 1 5  ? -14.866 -11.859 -10.495 1.00 33.20 ? 5   5BU B "C2'" 1 
HETATM 310  O  "O2'" . 5BU B 1 5  ? -14.663 -12.462 -11.754 1.00 32.31 ? 5   5BU B "O2'" 1 
HETATM 311  C  "C1'" . 5BU B 1 5  ? -15.242 -10.393 -10.697 1.00 33.24 ? 5   5BU B "C1'" 1 
HETATM 312  N  N1    . 5BU B 1 5  ? -14.733 -9.589  -9.581  1.00 31.06 ? 5   5BU B N1    1 
HETATM 313  C  C2    . 5BU B 1 5  ? -13.446 -9.108  -9.661  1.00 31.72 ? 5   5BU B C2    1 
HETATM 314  O  O2    . 5BU B 1 5  ? -12.733 -9.304  -10.624 1.00 34.14 ? 5   5BU B O2    1 
HETATM 315  N  N3    . 5BU B 1 5  ? -13.036 -8.381  -8.572  1.00 31.22 ? 5   5BU B N3    1 
HETATM 316  C  C4    . 5BU B 1 5  ? -13.783 -8.095  -7.447  1.00 30.45 ? 5   5BU B C4    1 
HETATM 317  O  O4    . 5BU B 1 5  ? -13.298 -7.422  -6.535  1.00 30.24 ? 5   5BU B O4    1 
HETATM 318  C  C5    . 5BU B 1 5  ? -15.091 -8.634  -7.467  1.00 30.80 ? 5   5BU B C5    1 
HETATM 319  C  C6    . 5BU B 1 5  ? -15.511 -9.341  -8.493  1.00 29.92 ? 5   5BU B C6    1 
HETATM 320  BR BR    . 5BU B 1 5  ? -16.578 -7.930  -5.286  1.00 72.97 ? 5   5BU B BR    1 
ATOM   321  P  P     . G   B 1 6  ? -15.501 -14.750 -8.833  1.00 39.19 ? 6   G   B P     1 
ATOM   322  O  OP1   . G   B 1 6  ? -16.045 -16.116 -9.035  1.00 38.71 ? 6   G   B OP1   1 
ATOM   323  O  OP2   . G   B 1 6  ? -15.605 -14.105 -7.497  1.00 41.74 ? 6   G   B OP2   1 
ATOM   324  O  "O5'" . G   B 1 6  ? -13.955 -14.716 -9.237  1.00 39.01 ? 6   G   B "O5'" 1 
ATOM   325  C  "C5'" . G   B 1 6  ? -13.522 -15.239 -10.480 1.00 35.31 ? 6   G   B "C5'" 1 
ATOM   326  C  "C4'" . G   B 1 6  ? -12.033 -15.024 -10.675 1.00 34.90 ? 6   G   B "C4'" 1 
ATOM   327  O  "O4'" . G   B 1 6  ? -11.720 -13.608 -10.749 1.00 33.16 ? 6   G   B "O4'" 1 
ATOM   328  C  "C3'" . G   B 1 6  ? -11.057 -15.515 -9.619  1.00 33.54 ? 6   G   B "C3'" 1 
ATOM   329  O  "O3'" . G   B 1 6  ? -10.880 -16.929 -9.684  1.00 33.93 ? 6   G   B "O3'" 1 
ATOM   330  C  "C2'" . G   B 1 6  ? -9.786  -14.801 -10.063 1.00 32.47 ? 6   G   B "C2'" 1 
ATOM   331  O  "O2'" . G   B 1 6  ? -9.234  -15.422 -11.203 1.00 28.92 ? 6   G   B "O2'" 1 
ATOM   332  C  "C1'" . G   B 1 6  ? -10.339 -13.433 -10.480 1.00 31.94 ? 6   G   B "C1'" 1 
ATOM   333  N  N9    . G   B 1 6  ? -10.169 -12.412 -9.449  1.00 29.77 ? 6   G   B N9    1 
ATOM   334  C  C8    . G   B 1 6  ? -11.117 -11.904 -8.600  1.00 27.44 ? 6   G   B C8    1 
ATOM   335  N  N7    . G   B 1 6  ? -10.637 -11.008 -7.778  1.00 27.71 ? 6   G   B N7    1 
ATOM   336  C  C5    . G   B 1 6  ? -9.297  -10.917 -8.111  1.00 25.22 ? 6   G   B C5    1 
ATOM   337  C  C6    . G   B 1 6  ? -8.265  -10.113 -7.561  1.00 26.43 ? 6   G   B C6    1 
ATOM   338  O  O6    . G   B 1 6  ? -8.341  -9.277  -6.649  1.00 27.34 ? 6   G   B O6    1 
ATOM   339  N  N1    . G   B 1 6  ? -7.041  -10.353 -8.187  1.00 24.81 ? 6   G   B N1    1 
ATOM   340  C  C2    . G   B 1 6  ? -6.846  -11.244 -9.218  1.00 26.32 ? 6   G   B C2    1 
ATOM   341  N  N2    . G   B 1 6  ? -5.602  -11.332 -9.711  1.00 21.87 ? 6   G   B N2    1 
ATOM   342  N  N3    . G   B 1 6  ? -7.805  -11.992 -9.737  1.00 25.88 ? 6   G   B N3    1 
ATOM   343  C  C4    . G   B 1 6  ? -8.993  -11.778 -9.140  1.00 26.90 ? 6   G   B C4    1 
ATOM   344  P  P     . C   B 1 7  ? -10.300 -17.723 -8.411  1.00 32.61 ? 7   C   B P     1 
ATOM   345  O  OP1   . C   B 1 7  ? -10.221 -19.146 -8.821  1.00 34.62 ? 7   C   B OP1   1 
ATOM   346  O  OP2   . C   B 1 7  ? -11.064 -17.356 -7.201  1.00 35.33 ? 7   C   B OP2   1 
ATOM   347  O  "O5'" . C   B 1 7  ? -8.820  -17.155 -8.221  1.00 34.91 ? 7   C   B "O5'" 1 
ATOM   348  C  "C5'" . C   B 1 7  ? -7.762  -17.517 -9.108  1.00 31.59 ? 7   C   B "C5'" 1 
ATOM   349  C  "C4'" . C   B 1 7  ? -6.484  -16.789 -8.733  1.00 31.14 ? 7   C   B "C4'" 1 
ATOM   350  O  "O4'" . C   B 1 7  ? -6.690  -15.351 -8.820  1.00 26.99 ? 7   C   B "O4'" 1 
ATOM   351  C  "C3'" . C   B 1 7  ? -5.987  -16.990 -7.309  1.00 31.74 ? 7   C   B "C3'" 1 
ATOM   352  O  "O3'" . C   B 1 7  ? -5.266  -18.211 -7.159  1.00 34.05 ? 7   C   B "O3'" 1 
ATOM   353  C  "C2'" . C   B 1 7  ? -5.093  -15.772 -7.110  1.00 30.30 ? 7   C   B "C2'" 1 
ATOM   354  O  "O2'" . C   B 1 7  ? -3.832  -15.900 -7.732  1.00 30.60 ? 7   C   B "O2'" 1 
ATOM   355  C  "C1'" . C   B 1 7  ? -5.892  -14.693 -7.841  1.00 29.42 ? 7   C   B "C1'" 1 
ATOM   356  N  N1    . C   B 1 7  ? -6.762  -13.933 -6.925  1.00 26.26 ? 7   C   B N1    1 
ATOM   357  C  C2    . C   B 1 7  ? -6.200  -12.888 -6.190  1.00 27.63 ? 7   C   B C2    1 
ATOM   358  O  O2    . C   B 1 7  ? -4.994  -12.626 -6.350  1.00 21.76 ? 7   C   B O2    1 
ATOM   359  N  N3    . C   B 1 7  ? -6.978  -12.183 -5.329  1.00 26.72 ? 7   C   B N3    1 
ATOM   360  C  C4    . C   B 1 7  ? -8.270  -12.492 -5.193  1.00 28.24 ? 7   C   B C4    1 
ATOM   361  N  N4    . C   B 1 7  ? -8.998  -11.770 -4.334  1.00 27.74 ? 7   C   B N4    1 
ATOM   362  C  C5    . C   B 1 7  ? -8.872  -13.553 -5.936  1.00 27.48 ? 7   C   B C5    1 
ATOM   363  C  C6    . C   B 1 7  ? -8.087  -14.239 -6.784  1.00 28.44 ? 7   C   B C6    1 
ATOM   364  P  P     . G   B 1 8  ? -5.233  -18.942 -5.724  1.00 35.04 ? 8   G   B P     1 
ATOM   365  O  OP1   . G   B 1 8  ? -4.634  -20.288 -5.917  1.00 37.49 ? 8   G   B OP1   1 
ATOM   366  O  OP2   . G   B 1 8  ? -6.568  -18.823 -5.094  1.00 35.58 ? 8   G   B OP2   1 
ATOM   367  O  "O5'" . G   B 1 8  ? -4.232  -18.049 -4.866  1.00 35.39 ? 8   G   B "O5'" 1 
ATOM   368  C  "C5'" . G   B 1 8  ? -2.875  -17.882 -5.251  1.00 35.65 ? 8   G   B "C5'" 1 
ATOM   369  C  "C4'" . G   B 1 8  ? -2.165  -16.980 -4.264  1.00 36.56 ? 8   G   B "C4'" 1 
ATOM   370  O  "O4'" . G   B 1 8  ? -2.624  -15.611 -4.423  1.00 35.81 ? 8   G   B "O4'" 1 
ATOM   371  C  "C3'" . G   B 1 8  ? -2.435  -17.283 -2.800  1.00 36.99 ? 8   G   B "C3'" 1 
ATOM   372  O  "O3'" . G   B 1 8  ? -1.622  -18.338 -2.318  1.00 39.74 ? 8   G   B "O3'" 1 
ATOM   373  C  "C2'" . G   B 1 8  ? -2.087  -15.962 -2.133  1.00 37.75 ? 8   G   B "C2'" 1 
ATOM   374  O  "O2'" . G   B 1 8  ? -0.690  -15.783 -1.977  1.00 39.07 ? 8   G   B "O2'" 1 
ATOM   375  C  "C1'" . G   B 1 8  ? -2.625  -14.964 -3.158  1.00 36.12 ? 8   G   B "C1'" 1 
ATOM   376  N  N9    . G   B 1 8  ? -3.981  -14.500 -2.867  1.00 36.45 ? 8   G   B N9    1 
ATOM   377  C  C8    . G   B 1 8  ? -5.153  -14.908 -3.456  1.00 34.91 ? 8   G   B C8    1 
ATOM   378  N  N7    . G   B 1 8  ? -6.200  -14.260 -3.016  1.00 36.50 ? 8   G   B N7    1 
ATOM   379  C  C5    . G   B 1 8  ? -5.690  -13.384 -2.070  1.00 35.66 ? 8   G   B C5    1 
ATOM   380  C  C6    . G   B 1 8  ? -6.344  -12.413 -1.260  1.00 36.11 ? 8   G   B C6    1 
ATOM   381  O  O6    . G   B 1 8  ? -7.547  -12.120 -1.222  1.00 35.21 ? 8   G   B O6    1 
ATOM   382  N  N1    . G   B 1 8  ? -5.443  -11.748 -0.434  1.00 34.70 ? 8   G   B N1    1 
ATOM   383  C  C2    . G   B 1 8  ? -4.091  -11.981 -0.390  1.00 34.58 ? 8   G   B C2    1 
ATOM   384  N  N2    . G   B 1 8  ? -3.392  -11.242 0.479   1.00 30.17 ? 8   G   B N2    1 
ATOM   385  N  N3    . G   B 1 8  ? -3.471  -12.873 -1.143  1.00 34.78 ? 8   G   B N3    1 
ATOM   386  C  C4    . G   B 1 8  ? -4.325  -13.532 -1.954  1.00 35.39 ? 8   G   B C4    1 
ATOM   387  P  P     . C   B 1 9  ? -2.152  -19.253 -1.107  1.00 41.51 ? 9   C   B P     1 
ATOM   388  O  OP1   . C   B 1 9  ? -1.161  -20.346 -0.927  1.00 44.66 ? 9   C   B OP1   1 
ATOM   389  O  OP2   . C   B 1 9  ? -3.583  -19.591 -1.326  1.00 41.99 ? 9   C   B OP2   1 
ATOM   390  O  "O5'" . C   B 1 9  ? -2.056  -18.296 0.158   1.00 43.52 ? 9   C   B "O5'" 1 
ATOM   391  C  "C5'" . C   B 1 9  ? -0.793  -17.824 0.608   1.00 44.26 ? 9   C   B "C5'" 1 
ATOM   392  C  "C4'" . C   B 1 9  ? -0.976  -16.766 1.667   1.00 44.17 ? 9   C   B "C4'" 1 
ATOM   393  O  "O4'" . C   B 1 9  ? -1.677  -15.626 1.100   1.00 42.45 ? 9   C   B "O4'" 1 
ATOM   394  C  "C3'" . C   B 1 9  ? -1.847  -17.147 2.850   1.00 43.33 ? 9   C   B "C3'" 1 
ATOM   395  O  "O3'" . C   B 1 9  ? -1.156  -17.945 3.801   1.00 43.99 ? 9   C   B "O3'" 1 
ATOM   396  C  "C2'" . C   B 1 9  ? -2.200  -15.779 3.405   1.00 42.78 ? 9   C   B "C2'" 1 
ATOM   397  O  "O2'" . C   B 1 9  ? -1.113  -15.195 4.092   1.00 42.16 ? 9   C   B "O2'" 1 
ATOM   398  C  "C1'" . C   B 1 9  ? -2.446  -14.998 2.114   1.00 42.01 ? 9   C   B "C1'" 1 
ATOM   399  N  N1    . C   B 1 9  ? -3.864  -15.003 1.716   1.00 38.93 ? 9   C   B N1    1 
ATOM   400  C  C2    . C   B 1 9  ? -4.730  -14.112 2.356   1.00 39.30 ? 9   C   B C2    1 
ATOM   401  O  O2    . C   B 1 9  ? -4.278  -13.381 3.252   1.00 38.81 ? 9   C   B O2    1 
ATOM   402  N  N3    . C   B 1 9  ? -6.036  -14.073 1.989   1.00 36.32 ? 9   C   B N3    1 
ATOM   403  C  C4    . C   B 1 9  ? -6.484  -14.889 1.034   1.00 36.25 ? 9   C   B C4    1 
ATOM   404  N  N4    . C   B 1 9  ? -7.776  -14.804 0.696   1.00 33.51 ? 9   C   B N4    1 
ATOM   405  C  C5    . C   B 1 9  ? -5.625  -15.829 0.380   1.00 36.28 ? 9   C   B C5    1 
ATOM   406  C  C6    . C   B 1 9  ? -4.333  -15.850 0.749   1.00 38.22 ? 9   C   B C6    1 
ATOM   407  P  P     . U   B 1 10 ? -1.965  -19.053 4.643   1.00 45.12 ? 10  U   B P     1 
ATOM   408  O  OP1   . U   B 1 10 ? -0.983  -19.696 5.550   1.00 48.19 ? 10  U   B OP1   1 
ATOM   409  O  OP2   . U   B 1 10 ? -2.742  -19.892 3.696   1.00 44.10 ? 10  U   B OP2   1 
ATOM   410  O  "O5'" . U   B 1 10 ? -2.986  -18.197 5.524   1.00 45.55 ? 10  U   B "O5'" 1 
ATOM   411  C  "C5'" . U   B 1 10 ? -2.508  -17.229 6.459   1.00 44.62 ? 10  U   B "C5'" 1 
ATOM   412  C  "C4'" . U   B 1 10 ? -3.658  -16.437 7.050   1.00 45.22 ? 10  U   B "C4'" 1 
ATOM   413  O  "O4'" . U   B 1 10 ? -4.286  -15.622 6.028   1.00 44.41 ? 10  U   B "O4'" 1 
ATOM   414  C  "C3'" . U   B 1 10 ? -4.807  -17.242 7.632   1.00 44.66 ? 10  U   B "C3'" 1 
ATOM   415  O  "O3'" . U   B 1 10 ? -4.535  -17.795 8.917   1.00 46.67 ? 10  U   B "O3'" 1 
ATOM   416  C  "C2'" . U   B 1 10 ? -5.946  -16.231 7.626   1.00 44.38 ? 10  U   B "C2'" 1 
ATOM   417  O  "O2'" . U   B 1 10 ? -5.911  -15.347 8.727   1.00 46.20 ? 10  U   B "O2'" 1 
ATOM   418  C  "C1'" . U   B 1 10 ? -5.664  -15.464 6.329   1.00 44.03 ? 10  U   B "C1'" 1 
ATOM   419  N  N1    . U   B 1 10 ? -6.450  -15.968 5.195   1.00 41.49 ? 10  U   B N1    1 
ATOM   420  C  C2    . U   B 1 10 ? -7.676  -15.381 4.956   1.00 41.95 ? 10  U   B C2    1 
ATOM   421  O  O2    . U   B 1 10 ? -8.112  -14.465 5.632   1.00 42.11 ? 10  U   B O2    1 
ATOM   422  N  N3    . U   B 1 10 ? -8.375  -15.907 3.896   1.00 40.17 ? 10  U   B N3    1 
ATOM   423  C  C4    . U   B 1 10 ? -7.979  -16.939 3.074   1.00 38.87 ? 10  U   B C4    1 
ATOM   424  O  O4    . U   B 1 10 ? -8.723  -17.312 2.167   1.00 38.00 ? 10  U   B O4    1 
ATOM   425  C  C5    . U   B 1 10 ? -6.700  -17.487 3.386   1.00 39.02 ? 10  U   B C5    1 
ATOM   426  C  C6    . U   B 1 10 ? -5.995  -16.993 4.408   1.00 40.87 ? 10  U   B C6    1 
ATOM   427  O  "O5'" . G   C 1 1  ? 5.601   3.522   14.985  1.00 29.24 ? 1   G   C "O5'" 1 
ATOM   428  C  "C5'" . G   C 1 1  ? 4.610   3.594   16.001  1.00 25.90 ? 1   G   C "C5'" 1 
ATOM   429  C  "C4'" . G   C 1 1  ? 5.247   3.734   17.359  1.00 27.27 ? 1   G   C "C4'" 1 
ATOM   430  O  "O4'" . G   C 1 1  ? 5.808   2.456   17.763  1.00 27.71 ? 1   G   C "O4'" 1 
ATOM   431  C  "C3'" . G   C 1 1  ? 6.426   4.692   17.432  1.00 27.20 ? 1   G   C "C3'" 1 
ATOM   432  O  "O3'" . G   C 1 1  ? 5.997   6.037   17.600  1.00 26.43 ? 1   G   C "O3'" 1 
ATOM   433  C  "C2'" . G   C 1 1  ? 7.143   4.189   18.674  1.00 25.85 ? 1   G   C "C2'" 1 
ATOM   434  O  "O2'" . G   C 1 1  ? 6.476   4.590   19.857  1.00 23.95 ? 1   G   C "O2'" 1 
ATOM   435  C  "C1'" . G   C 1 1  ? 7.002   2.674   18.500  1.00 25.22 ? 1   G   C "C1'" 1 
ATOM   436  N  N9    . G   C 1 1  ? 8.112   2.063   17.769  1.00 25.03 ? 1   G   C N9    1 
ATOM   437  C  C8    . G   C 1 1  ? 8.083   1.535   16.499  1.00 23.62 ? 1   G   C C8    1 
ATOM   438  N  N7    . G   C 1 1  ? 9.234   1.047   16.120  1.00 23.87 ? 1   G   C N7    1 
ATOM   439  C  C5    . G   C 1 1  ? 10.073  1.256   17.207  1.00 23.60 ? 1   G   C C5    1 
ATOM   440  C  C6    . G   C 1 1  ? 11.443  0.915   17.393  1.00 22.66 ? 1   G   C C6    1 
ATOM   441  O  O6    . G   C 1 1  ? 12.203  0.305   16.620  1.00 23.28 ? 1   G   C O6    1 
ATOM   442  N  N1    . G   C 1 1  ? 11.909  1.345   18.629  1.00 21.64 ? 1   G   C N1    1 
ATOM   443  C  C2    . G   C 1 1  ? 11.153  2.005   19.577  1.00 23.46 ? 1   G   C C2    1 
ATOM   444  N  N2    . G   C 1 1  ? 11.787  2.362   20.706  1.00 21.42 ? 1   G   C N2    1 
ATOM   445  N  N3    . G   C 1 1  ? 9.872   2.298   19.426  1.00 20.04 ? 1   G   C N3    1 
ATOM   446  C  C4    . G   C 1 1  ? 9.400   1.900   18.227  1.00 22.73 ? 1   G   C C4    1 
ATOM   447  P  P     . G   C 1 2  ? 6.861   7.232   16.972  1.00 28.79 ? 2   G   C P     1 
ATOM   448  O  OP1   . G   C 1 2  ? 6.176   8.490   17.340  1.00 31.98 ? 2   G   C OP1   1 
ATOM   449  O  OP2   . G   C 1 2  ? 7.140   6.939   15.543  1.00 30.02 ? 2   G   C OP2   1 
ATOM   450  O  "O5'" . G   C 1 2  ? 8.241   7.181   17.769  1.00 29.57 ? 2   G   C "O5'" 1 
ATOM   451  C  "C5'" . G   C 1 2  ? 8.291   7.518   19.148  1.00 29.03 ? 2   G   C "C5'" 1 
ATOM   452  C  "C4'" . G   C 1 2  ? 9.693   7.357   19.678  1.00 28.15 ? 2   G   C "C4'" 1 
ATOM   453  O  "O4'" . G   C 1 2  ? 10.066  5.950   19.671  1.00 29.88 ? 2   G   C "O4'" 1 
ATOM   454  C  "C3'" . G   C 1 2  ? 10.788  8.012   18.852  1.00 29.62 ? 2   G   C "C3'" 1 
ATOM   455  O  "O3'" . G   C 1 2  ? 10.882  9.409   19.094  1.00 29.54 ? 2   G   C "O3'" 1 
ATOM   456  C  "C2'" . G   C 1 2  ? 12.019  7.255   19.327  1.00 29.05 ? 2   G   C "C2'" 1 
ATOM   457  O  "O2'" . G   C 1 2  ? 12.422  7.664   20.620  1.00 31.75 ? 2   G   C "O2'" 1 
ATOM   458  C  "C1'" . G   C 1 2  ? 11.462  5.835   19.407  1.00 28.27 ? 2   G   C "C1'" 1 
ATOM   459  N  N9    . G   C 1 2  ? 11.651  5.102   18.160  1.00 26.23 ? 2   G   C N9    1 
ATOM   460  C  C8    . G   C 1 2  ? 10.714  4.822   17.200  1.00 27.35 ? 2   G   C C8    1 
ATOM   461  N  N7    . G   C 1 2  ? 11.191  4.126   16.204  1.00 27.36 ? 2   G   C N7    1 
ATOM   462  C  C5    . G   C 1 2  ? 12.524  3.935   16.528  1.00 27.92 ? 2   G   C C5    1 
ATOM   463  C  C6    . G   C 1 2  ? 13.552  3.244   15.833  1.00 27.88 ? 2   G   C C6    1 
ATOM   464  O  O6    . G   C 1 2  ? 13.478  2.638   14.759  1.00 21.70 ? 2   G   C O6    1 
ATOM   465  N  N1    . G   C 1 2  ? 14.763  3.308   16.517  1.00 26.78 ? 2   G   C N1    1 
ATOM   466  C  C2    . G   C 1 2  ? 14.963  3.956   17.711  1.00 28.16 ? 2   G   C C2    1 
ATOM   467  N  N2    . G   C 1 2  ? 16.210  3.913   18.210  1.00 25.35 ? 2   G   C N2    1 
ATOM   468  N  N3    . G   C 1 2  ? 14.012  4.600   18.370  1.00 28.47 ? 2   G   C N3    1 
ATOM   469  C  C4    . G   C 1 2  ? 12.828  4.544   17.727  1.00 29.72 ? 2   G   C C4    1 
ATOM   470  P  P     . C   C 1 3  ? 11.369  10.376  17.915  1.00 30.84 ? 3   C   C P     1 
ATOM   471  O  OP1   . C   C 1 3  ? 11.204  11.784  18.359  1.00 34.61 ? 3   C   C OP1   1 
ATOM   472  O  OP2   . C   C 1 3  ? 10.760  9.930   16.641  1.00 31.29 ? 3   C   C OP2   1 
ATOM   473  O  "O5'" . C   C 1 3  ? 12.936  10.074  17.821  1.00 34.48 ? 3   C   C "O5'" 1 
ATOM   474  C  "C5'" . C   C 1 3  ? 13.789  10.272  18.948  1.00 32.53 ? 3   C   C "C5'" 1 
ATOM   475  C  "C4'" . C   C 1 3  ? 15.212  9.880   18.607  1.00 32.43 ? 3   C   C "C4'" 1 
ATOM   476  O  "O4'" . C   C 1 3  ? 15.326  8.438   18.476  1.00 30.02 ? 3   C   C "O4'" 1 
ATOM   477  C  "C3'" . C   C 1 3  ? 15.730  10.418  17.286  1.00 33.86 ? 3   C   C "C3'" 1 
ATOM   478  O  "O3'" . C   C 1 3  ? 16.167  11.767  17.411  1.00 36.53 ? 3   C   C "O3'" 1 
ATOM   479  C  "C2'" . C   C 1 3  ? 16.866  9.449   16.966  1.00 33.69 ? 3   C   C "C2'" 1 
ATOM   480  O  "O2'" . C   C 1 3  ? 18.067  9.727   17.655  1.00 34.80 ? 3   C   C "O2'" 1 
ATOM   481  C  "C1'" . C   C 1 3  ? 16.278  8.128   17.465  1.00 31.71 ? 3   C   C "C1'" 1 
ATOM   482  N  N1    . C   C 1 3  ? 15.607  7.392   16.383  1.00 30.85 ? 3   C   C N1    1 
ATOM   483  C  C2    . C   C 1 3  ? 16.398  6.690   15.472  1.00 30.11 ? 3   C   C C2    1 
ATOM   484  O  O2    . C   C 1 3  ? 17.635  6.711   15.614  1.00 29.16 ? 3   C   C O2    1 
ATOM   485  N  N3    . C   C 1 3  ? 15.805  6.012   14.460  1.00 28.92 ? 3   C   C N3    1 
ATOM   486  C  C4    . C   C 1 3  ? 14.474  6.033   14.331  1.00 30.04 ? 3   C   C C4    1 
ATOM   487  N  N4    . C   C 1 3  ? 13.936  5.367   13.303  1.00 28.76 ? 3   C   C N4    1 
ATOM   488  C  C5    . C   C 1 3  ? 13.637  6.744   15.248  1.00 31.55 ? 3   C   C C5    1 
ATOM   489  C  C6    . C   C 1 3  ? 14.241  7.398   16.256  1.00 31.23 ? 3   C   C C6    1 
ATOM   490  P  P     . G   C 1 4  ? 16.377  12.650  16.091  1.00 39.86 ? 4   G   C P     1 
ATOM   491  O  OP1   . G   C 1 4  ? 16.894  13.978  16.503  1.00 42.57 ? 4   G   C OP1   1 
ATOM   492  O  OP2   . G   C 1 4  ? 15.156  12.568  15.251  1.00 41.84 ? 4   G   C OP2   1 
ATOM   493  O  "O5'" . G   C 1 4  ? 17.543  11.880  15.332  1.00 38.43 ? 4   G   C "O5'" 1 
ATOM   494  C  "C5'" . G   C 1 4  ? 17.678  11.973  13.921  1.00 35.57 ? 4   G   C "C5'" 1 
ATOM   495  C  "C4'" . G   C 1 4  ? 18.750  11.031  13.431  1.00 32.29 ? 4   G   C "C4'" 1 
ATOM   496  O  "O4'" . G   C 1 4  ? 18.382  9.656   13.750  1.00 31.37 ? 4   G   C "O4'" 1 
ATOM   497  C  "C3'" . G   C 1 4  ? 18.912  11.040  11.922  1.00 31.64 ? 4   G   C "C3'" 1 
ATOM   498  O  "O3'" . G   C 1 4  ? 19.779  12.094  11.518  1.00 32.50 ? 4   G   C "O3'" 1 
ATOM   499  C  "C2'" . G   C 1 4  ? 19.501  9.664   11.660  1.00 31.10 ? 4   G   C "C2'" 1 
ATOM   500  O  "O2'" . G   C 1 4  ? 20.878  9.617   11.965  1.00 32.08 ? 4   G   C "O2'" 1 
ATOM   501  C  "C1'" . G   C 1 4  ? 18.724  8.809   12.662  1.00 29.93 ? 4   G   C "C1'" 1 
ATOM   502  N  N9    . G   C 1 4  ? 17.492  8.252   12.109  1.00 29.33 ? 4   G   C N9    1 
ATOM   503  C  C8    . G   C 1 4  ? 16.204  8.646   12.393  1.00 27.07 ? 4   G   C C8    1 
ATOM   504  N  N7    . G   C 1 4  ? 15.301  7.939   11.763  1.00 28.11 ? 4   G   C N7    1 
ATOM   505  C  C5    . G   C 1 4  ? 16.035  7.028   11.013  1.00 25.02 ? 4   G   C C5    1 
ATOM   506  C  C6    . G   C 1 4  ? 15.603  5.994   10.137  1.00 26.45 ? 4   G   C C6    1 
ATOM   507  O  O6    . G   C 1 4  ? 14.447  5.654   9.857   1.00 26.06 ? 4   G   C O6    1 
ATOM   508  N  N1    . G   C 1 4  ? 16.679  5.322   9.568   1.00 23.29 ? 4   G   C N1    1 
ATOM   509  C  C2    . G   C 1 4  ? 17.999  5.596   9.819   1.00 24.30 ? 4   G   C C2    1 
ATOM   510  N  N2    . G   C 1 4  ? 18.893  4.848   9.164   1.00 24.17 ? 4   G   C N2    1 
ATOM   511  N  N3    . G   C 1 4  ? 18.415  6.539   10.649  1.00 24.55 ? 4   G   C N3    1 
ATOM   512  C  C4    . G   C 1 4  ? 17.388  7.214   11.204  1.00 27.05 ? 4   G   C C4    1 
HETATM 513  P  P     . 5BU C 1 5  ? 19.473  12.901  10.167  1.00 36.72 ? 5   5BU C P     1 
HETATM 514  O  OP1   . 5BU C 1 5  ? 20.554  13.900  9.988   1.00 37.23 ? 5   5BU C OP1   1 
HETATM 515  O  OP2   . 5BU C 1 5  ? 18.058  13.342  10.171  1.00 34.37 ? 5   5BU C OP2   1 
HETATM 516  O  "O5'" . 5BU C 1 5  ? 19.645  11.792  9.038   1.00 37.25 ? 5   5BU C "O5'" 1 
HETATM 517  C  "C5'" . 5BU C 1 5  ? 20.870  11.072  8.927   1.00 38.12 ? 5   5BU C "C5'" 1 
HETATM 518  C  "C4'" . 5BU C 1 5  ? 20.734  9.937   7.936   1.00 36.47 ? 5   5BU C "C4'" 1 
HETATM 519  O  "O4'" . 5BU C 1 5  ? 19.874  8.892   8.460   1.00 35.49 ? 5   5BU C "O4'" 1 
HETATM 520  C  "C3'" . 5BU C 1 5  ? 20.103  10.287  6.605   1.00 37.29 ? 5   5BU C "C3'" 1 
HETATM 521  O  "O3'" . 5BU C 1 5  ? 21.073  10.918  5.778   1.00 39.09 ? 5   5BU C "O3'" 1 
HETATM 522  C  "C2'" . 5BU C 1 5  ? 19.672  8.914   6.087   1.00 35.91 ? 5   5BU C "C2'" 1 
HETATM 523  O  "O2'" . 5BU C 1 5  ? 20.743  8.195   5.511   1.00 36.24 ? 5   5BU C "O2'" 1 
HETATM 524  C  "C1'" . 5BU C 1 5  ? 19.234  8.217   7.381   1.00 34.78 ? 5   5BU C "C1'" 1 
HETATM 525  N  N1    . 5BU C 1 5  ? 17.781  8.271   7.604   1.00 33.64 ? 5   5BU C N1    1 
HETATM 526  C  C2    . 5BU C 1 5  ? 16.969  7.331   6.987   1.00 33.26 ? 5   5BU C C2    1 
HETATM 527  O  O2    . 5BU C 1 5  ? 17.399  6.439   6.278   1.00 35.98 ? 5   5BU C O2    1 
HETATM 528  N  N3    . 5BU C 1 5  ? 15.628  7.479   7.236   1.00 33.30 ? 5   5BU C N3    1 
HETATM 529  C  C4    . 5BU C 1 5  ? 15.038  8.441   8.020   1.00 32.22 ? 5   5BU C C4    1 
HETATM 530  O  O4    . 5BU C 1 5  ? 13.815  8.465   8.138   1.00 34.57 ? 5   5BU C O4    1 
HETATM 531  C  C5    . 5BU C 1 5  ? 15.944  9.346   8.620   1.00 32.24 ? 5   5BU C C5    1 
HETATM 532  C  C6    . 5BU C 1 5  ? 17.242  9.242   8.403   1.00 33.18 ? 5   5BU C C6    1 
HETATM 533  BR BR    . 5BU C 1 5  ? 14.866  11.427  10.059  1.00 69.65 ? 5   5BU C BR    1 
ATOM   534  P  P     . G   C 1 6  ? 20.617  11.625  4.412   1.00 42.18 ? 6   G   C P     1 
ATOM   535  O  OP1   . G   C 1 6  ? 21.752  12.467  3.956   1.00 41.85 ? 6   G   C OP1   1 
ATOM   536  O  OP2   . G   C 1 6  ? 19.272  12.235  4.579   1.00 40.70 ? 6   G   C OP2   1 
ATOM   537  O  "O5'" . G   C 1 6  ? 20.481  10.398  3.413   1.00 42.30 ? 6   G   C "O5'" 1 
ATOM   538  C  "C5'" . G   C 1 6  ? 19.487  10.387  2.401   1.00 40.52 ? 6   G   C "C5'" 1 
ATOM   539  C  "C4'" . G   C 1 6  ? 19.341  8.995   1.850   1.00 41.34 ? 6   G   C "C4'" 1 
ATOM   540  O  "O4'" . G   C 1 6  ? 18.815  8.121   2.879   1.00 40.77 ? 6   G   C "O4'" 1 
ATOM   541  C  "C3'" . G   C 1 6  ? 18.349  8.850   0.715   1.00 42.56 ? 6   G   C "C3'" 1 
ATOM   542  O  "O3'" . G   C 1 6  ? 18.962  9.220   -0.508  1.00 43.18 ? 6   G   C "O3'" 1 
ATOM   543  C  "C2'" . G   C 1 6  ? 18.024  7.366   0.778   1.00 42.50 ? 6   G   C "C2'" 1 
ATOM   544  O  "O2'" . G   C 1 6  ? 19.060  6.583   0.222   1.00 41.30 ? 6   G   C "O2'" 1 
ATOM   545  C  "C1'" . G   C 1 6  ? 17.972  7.143   2.289   1.00 40.93 ? 6   G   C "C1'" 1 
ATOM   546  N  N9    . G   C 1 6  ? 16.629  7.313   2.836   1.00 41.10 ? 6   G   C N9    1 
ATOM   547  C  C8    . G   C 1 6  ? 16.220  8.250   3.755   1.00 38.98 ? 6   G   C C8    1 
ATOM   548  N  N7    . G   C 1 6  ? 14.950  8.162   4.046   1.00 39.08 ? 6   G   C N7    1 
ATOM   549  C  C5    . G   C 1 6  ? 14.495  7.102   3.276   1.00 39.77 ? 6   G   C C5    1 
ATOM   550  C  C6    . G   C 1 6  ? 13.200  6.537   3.167   1.00 38.41 ? 6   G   C C6    1 
ATOM   551  O  O6    . G   C 1 6  ? 12.161  6.871   3.747   1.00 37.64 ? 6   G   C O6    1 
ATOM   552  N  N1    . G   C 1 6  ? 13.180  5.475   2.268   1.00 39.48 ? 6   G   C N1    1 
ATOM   553  C  C2    . G   C 1 6  ? 14.264  5.015   1.562   1.00 39.23 ? 6   G   C C2    1 
ATOM   554  N  N2    . G   C 1 6  ? 14.040  3.979   0.736   1.00 36.72 ? 6   G   C N2    1 
ATOM   555  N  N3    . G   C 1 6  ? 15.480  5.532   1.658   1.00 41.68 ? 6   G   C N3    1 
ATOM   556  C  C4    . G   C 1 6  ? 15.521  6.564   2.525   1.00 40.62 ? 6   G   C C4    1 
ATOM   557  P  P     . C   C 1 7  ? 18.160  10.146  -1.542  1.00 45.24 ? 7   C   C P     1 
ATOM   558  O  OP1   . C   C 1 7  ? 19.135  10.552  -2.588  1.00 45.64 ? 7   C   C OP1   1 
ATOM   559  O  OP2   . C   C 1 7  ? 17.413  11.182  -0.788  1.00 44.37 ? 7   C   C OP2   1 
ATOM   560  O  "O5'" . C   C 1 7  ? 17.101  9.150   -2.187  1.00 45.07 ? 7   C   C "O5'" 1 
ATOM   561  C  "C5'" . C   C 1 7  ? 17.532  7.958   -2.833  1.00 45.46 ? 7   C   C "C5'" 1 
ATOM   562  C  "C4'" . C   C 1 7  ? 16.356  7.049   -3.076  1.00 46.03 ? 7   C   C "C4'" 1 
ATOM   563  O  "O4'" . C   C 1 7  ? 15.846  6.552   -1.806  1.00 45.96 ? 7   C   C "O4'" 1 
ATOM   564  C  "C3'" . C   C 1 7  ? 15.152  7.722   -3.703  1.00 45.74 ? 7   C   C "C3'" 1 
ATOM   565  O  "O3'" . C   C 1 7  ? 15.302  7.894   -5.104  1.00 47.30 ? 7   C   C "O3'" 1 
ATOM   566  C  "C2'" . C   C 1 7  ? 14.037  6.761   -3.322  1.00 46.46 ? 7   C   C "C2'" 1 
ATOM   567  O  "O2'" . C   C 1 7  ? 14.032  5.587   -4.109  1.00 46.69 ? 7   C   C "O2'" 1 
ATOM   568  C  "C1'" . C   C 1 7  ? 14.433  6.414   -1.883  1.00 45.46 ? 7   C   C "C1'" 1 
ATOM   569  N  N1    . C   C 1 7  ? 13.828  7.326   -0.898  1.00 44.08 ? 7   C   C N1    1 
ATOM   570  C  C2    . C   C 1 7  ? 12.522  7.084   -0.473  1.00 42.93 ? 7   C   C C2    1 
ATOM   571  O  O2    . C   C 1 7  ? 11.921  6.108   -0.929  1.00 44.20 ? 7   C   C O2    1 
ATOM   572  N  N3    . C   C 1 7  ? 11.949  7.916   0.426   1.00 42.06 ? 7   C   C N3    1 
ATOM   573  C  C4    . C   C 1 7  ? 12.635  8.954   0.903   1.00 41.82 ? 7   C   C C4    1 
ATOM   574  N  N4    . C   C 1 7  ? 12.032  9.744   1.797   1.00 41.35 ? 7   C   C N4    1 
ATOM   575  C  C5    . C   C 1 7  ? 13.973  9.228   0.489   1.00 42.85 ? 7   C   C C5    1 
ATOM   576  C  C6    . C   C 1 7  ? 14.525  8.395   -0.406  1.00 42.91 ? 7   C   C C6    1 
ATOM   577  P  P     . G   C 1 8  ? 14.582  9.138   -5.826  1.00 49.17 ? 8   G   C P     1 
ATOM   578  O  OP1   . G   C 1 8  ? 15.113  9.226   -7.215  1.00 49.37 ? 8   G   C OP1   1 
ATOM   579  O  OP2   . G   C 1 8  ? 14.665  10.322  -4.935  1.00 47.89 ? 8   G   C OP2   1 
ATOM   580  O  "O5'" . G   C 1 8  ? 13.060  8.679   -5.900  1.00 46.11 ? 8   G   C "O5'" 1 
ATOM   581  C  "C5'" . G   C 1 8  ? 12.704  7.459   -6.540  1.00 44.10 ? 8   G   C "C5'" 1 
ATOM   582  C  "C4'" . G   C 1 8  ? 11.234  7.187   -6.365  1.00 42.48 ? 8   G   C "C4'" 1 
ATOM   583  O  "O4'" . G   C 1 8  ? 10.959  6.858   -4.979  1.00 40.19 ? 8   G   C "O4'" 1 
ATOM   584  C  "C3'" . G   C 1 8  ? 10.319  8.366   -6.645  1.00 42.45 ? 8   G   C "C3'" 1 
ATOM   585  O  "O3'" . G   C 1 8  ? 10.073  8.531   -8.037  1.00 42.75 ? 8   G   C "O3'" 1 
ATOM   586  C  "C2'" . G   C 1 8  ? 9.064   7.979   -5.875  1.00 41.43 ? 8   G   C "C2'" 1 
ATOM   587  O  "O2'" . G   C 1 8  ? 8.273   7.037   -6.569  1.00 40.78 ? 8   G   C "O2'" 1 
ATOM   588  C  "C1'" . G   C 1 8  ? 9.669   7.335   -4.626  1.00 40.05 ? 8   G   C "C1'" 1 
ATOM   589  N  N9    . G   C 1 8  ? 9.807   8.261   -3.505  1.00 38.80 ? 8   G   C N9    1 
ATOM   590  C  C8    . G   C 1 8  ? 10.949  8.896   -3.073  1.00 37.44 ? 8   G   C C8    1 
ATOM   591  N  N7    . G   C 1 8  ? 10.752  9.644   -2.020  1.00 37.45 ? 8   G   C N7    1 
ATOM   592  C  C5    . G   C 1 8  ? 9.400   9.499   -1.744  1.00 38.01 ? 8   G   C C5    1 
ATOM   593  C  C6    . G   C 1 8  ? 8.605   10.062  -0.716  1.00 37.97 ? 8   G   C C6    1 
ATOM   594  O  O6    . G   C 1 8  ? 8.951   10.808  0.202   1.00 39.15 ? 8   G   C O6    1 
ATOM   595  N  N1    . G   C 1 8  ? 7.277   9.668   -0.822  1.00 38.32 ? 8   G   C N1    1 
ATOM   596  C  C2    . G   C 1 8  ? 6.776   8.830   -1.786  1.00 39.09 ? 8   G   C C2    1 
ATOM   597  N  N2    . G   C 1 8  ? 5.461   8.577   -1.725  1.00 36.91 ? 8   G   C N2    1 
ATOM   598  N  N3    . G   C 1 8  ? 7.509   8.283   -2.739  1.00 38.53 ? 8   G   C N3    1 
ATOM   599  C  C4    . G   C 1 8  ? 8.801   8.659   -2.659  1.00 37.48 ? 8   G   C C4    1 
ATOM   600  P  P     . C   C 1 9  ? 9.643   9.977   -8.596  1.00 42.56 ? 9   C   C P     1 
ATOM   601  O  OP1   . C   C 1 9  ? 9.680   9.934   -10.083 1.00 43.66 ? 9   C   C OP1   1 
ATOM   602  O  OP2   . C   C 1 9  ? 10.421  11.020  -7.880  1.00 42.21 ? 9   C   C OP2   1 
ATOM   603  O  "O5'" . C   C 1 9  ? 8.129   10.109  -8.122  1.00 40.70 ? 9   C   C "O5'" 1 
ATOM   604  C  "C5'" . C   C 1 9  ? 7.152   9.155   -8.510  1.00 36.23 ? 9   C   C "C5'" 1 
ATOM   605  C  "C4'" . C   C 1 9  ? 5.876   9.386   -7.739  1.00 33.50 ? 9   C   C "C4'" 1 
ATOM   606  O  "O4'" . C   C 1 9  ? 6.139   9.170   -6.325  1.00 30.02 ? 9   C   C "O4'" 1 
ATOM   607  C  "C3'" . C   C 1 9  ? 5.321   10.803  -7.804  1.00 31.25 ? 9   C   C "C3'" 1 
ATOM   608  O  "O3'" . C   C 1 9  ? 4.527   11.009  -8.973  1.00 28.72 ? 9   C   C "O3'" 1 
ATOM   609  C  "C2'" . C   C 1 9  ? 4.491   10.873  -6.530  1.00 28.62 ? 9   C   C "C2'" 1 
ATOM   610  O  "O2'" . C   C 1 9  ? 3.248   10.226  -6.670  1.00 30.99 ? 9   C   C "O2'" 1 
ATOM   611  C  "C1'" . C   C 1 9  ? 5.359   10.071  -5.559  1.00 29.56 ? 9   C   C "C1'" 1 
ATOM   612  N  N1    . C   C 1 9  ? 6.254   10.897  -4.728  1.00 24.11 ? 9   C   C N1    1 
ATOM   613  C  C2    . C   C 1 9  ? 5.722   11.473  -3.573  1.00 24.84 ? 9   C   C C2    1 
ATOM   614  O  O2    . C   C 1 9  ? 4.509   11.323  -3.333  1.00 23.38 ? 9   C   C O2    1 
ATOM   615  N  N3    . C   C 1 9  ? 6.533   12.184  -2.744  1.00 24.41 ? 9   C   C N3    1 
ATOM   616  C  C4    . C   C 1 9  ? 7.824   12.338  -3.044  1.00 23.81 ? 9   C   C C4    1 
ATOM   617  N  N4    . C   C 1 9  ? 8.585   13.009  -2.171  1.00 25.48 ? 9   C   C N4    1 
ATOM   618  C  C5    . C   C 1 9  ? 8.392   11.801  -4.245  1.00 24.68 ? 9   C   C C5    1 
ATOM   619  C  C6    . C   C 1 9  ? 7.572   11.089  -5.054  1.00 25.45 ? 9   C   C C6    1 
ATOM   620  P  P     . U   C 1 10 ? 4.522   12.453  -9.700  1.00 28.71 ? 10  U   C P     1 
ATOM   621  O  OP1   . U   C 1 10 ? 3.645   12.332  -10.891 1.00 28.96 ? 10  U   C OP1   1 
ATOM   622  O  OP2   . U   C 1 10 ? 5.903   12.973  -9.861  1.00 27.57 ? 10  U   C OP2   1 
ATOM   623  O  "O5'" . U   C 1 10 ? 3.797   13.407  -8.649  1.00 27.54 ? 10  U   C "O5'" 1 
ATOM   624  C  "C5'" . U   C 1 10 ? 2.465   13.159  -8.233  1.00 23.62 ? 10  U   C "C5'" 1 
ATOM   625  C  "C4'" . U   C 1 10 ? 2.130   14.013  -7.021  1.00 20.78 ? 10  U   C "C4'" 1 
ATOM   626  O  "O4'" . U   C 1 10 ? 2.972   13.626  -5.904  1.00 19.83 ? 10  U   C "O4'" 1 
ATOM   627  C  "C3'" . U   C 1 10 ? 2.404   15.498  -7.160  1.00 22.16 ? 10  U   C "C3'" 1 
ATOM   628  O  "O3'" . U   C 1 10 ? 1.496   16.201  -8.022  1.00 18.76 ? 10  U   C "O3'" 1 
ATOM   629  C  "C2'" . U   C 1 10 ? 2.458   15.942  -5.696  1.00 23.41 ? 10  U   C "C2'" 1 
ATOM   630  O  "O2'" . U   C 1 10 ? 1.177   16.078  -5.114  1.00 23.24 ? 10  U   C "O2'" 1 
ATOM   631  C  "C1'" . U   C 1 10 ? 3.177   14.750  -5.057  1.00 22.20 ? 10  U   C "C1'" 1 
ATOM   632  N  N1    . U   C 1 10 ? 4.620   14.980  -4.902  1.00 21.83 ? 10  U   C N1    1 
ATOM   633  C  C2    . U   C 1 10 ? 5.030   15.613  -3.740  1.00 23.22 ? 10  U   C C2    1 
ATOM   634  O  O2    . U   C 1 10 ? 4.247   15.976  -2.882  1.00 21.14 ? 10  U   C O2    1 
ATOM   635  N  N3    . U   C 1 10 ? 6.386   15.814  -3.632  1.00 19.38 ? 10  U   C N3    1 
ATOM   636  C  C4    . U   C 1 10 ? 7.352   15.466  -4.550  1.00 24.03 ? 10  U   C C4    1 
ATOM   637  O  O4    . U   C 1 10 ? 8.536   15.718  -4.310  1.00 26.07 ? 10  U   C O4    1 
ATOM   638  C  C5    . U   C 1 10 ? 6.847   14.816  -5.731  1.00 23.76 ? 10  U   C C5    1 
ATOM   639  C  C6    . U   C 1 10 ? 5.529   14.598  -5.859  1.00 22.76 ? 10  U   C C6    1 
ATOM   640  O  "O5'" . G   D 1 1  ? 8.539   19.036  5.573   1.00 26.80 ? 1   G   D "O5'" 1 
ATOM   641  C  "C5'" . G   D 1 1  ? 7.694   19.892  6.364   1.00 27.53 ? 1   G   D "C5'" 1 
ATOM   642  C  "C4'" . G   D 1 1  ? 6.312   20.071  5.762   1.00 27.39 ? 1   G   D "C4'" 1 
ATOM   643  O  "O4'" . G   D 1 1  ? 6.441   20.522  4.386   1.00 26.47 ? 1   G   D "O4'" 1 
ATOM   644  C  "C3'" . G   D 1 1  ? 5.471   18.809  5.668   1.00 28.60 ? 1   G   D "C3'" 1 
ATOM   645  O  "O3'" . G   D 1 1  ? 4.773   18.580  6.889   1.00 28.64 ? 1   G   D "O3'" 1 
ATOM   646  C  "C2'" . G   D 1 1  ? 4.512   19.150  4.533   1.00 27.26 ? 1   G   D "C2'" 1 
ATOM   647  O  "O2'" . G   D 1 1  ? 3.470   20.007  4.959   1.00 28.28 ? 1   G   D "O2'" 1 
ATOM   648  C  "C1'" . G   D 1 1  ? 5.430   19.926  3.592   1.00 25.40 ? 1   G   D "C1'" 1 
ATOM   649  N  N9    . G   D 1 1  ? 6.071   19.103  2.571   1.00 26.04 ? 1   G   D N9    1 
ATOM   650  C  C8    . G   D 1 1  ? 7.395   18.742  2.510   1.00 24.30 ? 1   G   D C8    1 
ATOM   651  N  N7    . G   D 1 1  ? 7.681   18.032  1.450   1.00 28.29 ? 1   G   D N7    1 
ATOM   652  C  C5    . G   D 1 1  ? 6.470   17.908  0.779   1.00 22.92 ? 1   G   D C5    1 
ATOM   653  C  C6    . G   D 1 1  ? 6.157   17.244  -0.445  1.00 24.18 ? 1   G   D C6    1 
ATOM   654  O  O6    . G   D 1 1  ? 6.914   16.630  -1.199  1.00 23.95 ? 1   G   D O6    1 
ATOM   655  N  N1    . G   D 1 1  ? 4.807   17.357  -0.760  1.00 21.70 ? 1   G   D N1    1 
ATOM   656  C  C2    . G   D 1 1  ? 3.875   18.023  -0.006  1.00 24.52 ? 1   G   D C2    1 
ATOM   657  N  N2    . G   D 1 1  ? 2.617   18.021  -0.489  1.00 20.67 ? 1   G   D N2    1 
ATOM   658  N  N3    . G   D 1 1  ? 4.154   18.650  1.139   1.00 20.94 ? 1   G   D N3    1 
ATOM   659  C  C4    . G   D 1 1  ? 5.464   18.551  1.462   1.00 22.25 ? 1   G   D C4    1 
ATOM   660  P  P     . G   D 1 2  ? 4.489   17.078  7.377   1.00 30.64 ? 2   G   D P     1 
ATOM   661  O  OP1   . G   D 1 2  ? 3.764   17.184  8.670   1.00 33.27 ? 2   G   D OP1   1 
ATOM   662  O  OP2   . G   D 1 2  ? 5.746   16.288  7.302   1.00 32.35 ? 2   G   D OP2   1 
ATOM   663  O  "O5'" . G   D 1 2  ? 3.491   16.488  6.284   1.00 30.79 ? 2   G   D "O5'" 1 
ATOM   664  C  "C5'" . G   D 1 2  ? 2.165   16.993  6.145   1.00 30.93 ? 2   G   D "C5'" 1 
ATOM   665  C  "C4'" . G   D 1 2  ? 1.487   16.349  4.952   1.00 31.00 ? 2   G   D "C4'" 1 
ATOM   666  O  "O4'" . G   D 1 2  ? 2.100   16.813  3.718   1.00 29.43 ? 2   G   D "O4'" 1 
ATOM   667  C  "C3'" . G   D 1 2  ? 1.620   14.838  4.874   1.00 29.66 ? 2   G   D "C3'" 1 
ATOM   668  O  "O3'" . G   D 1 2  ? 0.676   14.175  5.702   1.00 32.29 ? 2   G   D "O3'" 1 
ATOM   669  C  "C2'" . G   D 1 2  ? 1.371   14.572  3.396   1.00 29.97 ? 2   G   D "C2'" 1 
ATOM   670  O  "O2'" . G   D 1 2  ? 0.001   14.585  3.045   1.00 29.16 ? 2   G   D "O2'" 1 
ATOM   671  C  "C1'" . G   D 1 2  ? 2.091   15.760  2.758   1.00 29.35 ? 2   G   D "C1'" 1 
ATOM   672  N  N9    . G   D 1 2  ? 3.467   15.419  2.416   1.00 27.90 ? 2   G   D N9    1 
ATOM   673  C  C8    . G   D 1 2  ? 4.604   15.724  3.120   1.00 27.41 ? 2   G   D C8    1 
ATOM   674  N  N7    . G   D 1 2  ? 5.692   15.274  2.555   1.00 28.08 ? 2   G   D N7    1 
ATOM   675  C  C5    . G   D 1 2  ? 5.243   14.632  1.409   1.00 29.09 ? 2   G   D C5    1 
ATOM   676  C  C6    . G   D 1 2  ? 5.963   13.945  0.397   1.00 29.49 ? 2   G   D C6    1 
ATOM   677  O  O6    . G   D 1 2  ? 7.186   13.758  0.312   1.00 30.31 ? 2   G   D O6    1 
ATOM   678  N  N1    . G   D 1 2  ? 5.113   13.441  -0.581  1.00 30.00 ? 2   G   D N1    1 
ATOM   679  C  C2    . G   D 1 2  ? 3.742   13.567  -0.578  1.00 32.43 ? 2   G   D C2    1 
ATOM   680  N  N2    . G   D 1 2  ? 3.085   12.996  -1.594  1.00 32.07 ? 2   G   D N2    1 
ATOM   681  N  N3    . G   D 1 2  ? 3.064   14.205  0.360   1.00 32.68 ? 2   G   D N3    1 
ATOM   682  C  C4    . G   D 1 2  ? 3.872   14.709  1.313   1.00 29.78 ? 2   G   D C4    1 
ATOM   683  P  P     . C   D 1 3  ? 0.992   12.693  6.225   1.00 34.52 ? 3   C   D P     1 
ATOM   684  O  OP1   . C   D 1 3  ? -0.110  12.270  7.122   1.00 35.79 ? 3   C   D OP1   1 
ATOM   685  O  OP2   . C   D 1 3  ? 2.395   12.671  6.718   1.00 36.85 ? 3   C   D OP2   1 
ATOM   686  O  "O5'" . C   D 1 3  ? 0.942   11.790  4.914   1.00 35.57 ? 3   C   D "O5'" 1 
ATOM   687  C  "C5'" . C   D 1 3  ? -0.248  11.692  4.141   1.00 36.50 ? 3   C   D "C5'" 1 
ATOM   688  C  "C4'" . C   D 1 3  ? -0.003  10.840  2.920   1.00 38.06 ? 3   C   D "C4'" 1 
ATOM   689  O  "O4'" . C   D 1 3  ? 0.931   11.501  2.020   1.00 37.28 ? 3   C   D "O4'" 1 
ATOM   690  C  "C3'" . C   D 1 3  ? 0.669   9.517   3.217   1.00 38.74 ? 3   C   D "C3'" 1 
ATOM   691  O  "O3'" . C   D 1 3  ? -0.262  8.563   3.691   1.00 43.73 ? 3   C   D "O3'" 1 
ATOM   692  C  "C2'" . C   D 1 3  ? 1.272   9.152   1.867   1.00 38.17 ? 3   C   D "C2'" 1 
ATOM   693  O  "O2'" . C   D 1 3  ? 0.344   8.584   0.963   1.00 39.89 ? 3   C   D "O2'" 1 
ATOM   694  C  "C1'" . C   D 1 3  ? 1.730   10.525  1.365   1.00 36.40 ? 3   C   D "C1'" 1 
ATOM   695  N  N1    . C   D 1 3  ? 3.147   10.788  1.676   1.00 35.00 ? 3   C   D N1    1 
ATOM   696  C  C2    . C   D 1 3  ? 4.123   10.315  0.796   1.00 33.88 ? 3   C   D C2    1 
ATOM   697  O  O2    . C   D 1 3  ? 3.769   9.698   -0.215  1.00 33.56 ? 3   C   D O2    1 
ATOM   698  N  N3    . C   D 1 3  ? 5.429   10.537  1.071   1.00 32.95 ? 3   C   D N3    1 
ATOM   699  C  C4    . C   D 1 3  ? 5.776   11.198  2.175   1.00 33.56 ? 3   C   D C4    1 
ATOM   700  N  N4    . C   D 1 3  ? 7.080   11.388  2.401   1.00 35.74 ? 3   C   D N4    1 
ATOM   701  C  C5    . C   D 1 3  ? 4.804   11.691  3.093   1.00 32.91 ? 3   C   D C5    1 
ATOM   702  C  C6    . C   D 1 3  ? 3.510   11.471  2.805   1.00 35.48 ? 3   C   D C6    1 
ATOM   703  P  P     . G   D 1 4  ? 0.279   7.218   4.369   1.00 45.94 ? 4   G   D P     1 
ATOM   704  O  OP1   . G   D 1 4  ? -0.889  6.439   4.853   1.00 48.08 ? 4   G   D OP1   1 
ATOM   705  O  OP2   . G   D 1 4  ? 1.378   7.561   5.306   1.00 47.00 ? 4   G   D OP2   1 
ATOM   706  O  "O5'" . G   D 1 4  ? 0.909   6.446   3.134   1.00 47.77 ? 4   G   D "O5'" 1 
ATOM   707  C  "C5'" . G   D 1 4  ? 1.919   5.484   3.327   1.00 45.89 ? 4   G   D "C5'" 1 
ATOM   708  C  "C4'" . G   D 1 4  ? 2.569   5.153   2.014   1.00 45.29 ? 4   G   D "C4'" 1 
ATOM   709  O  "O4'" . G   D 1 4  ? 3.188   6.340   1.451   1.00 44.51 ? 4   G   D "O4'" 1 
ATOM   710  C  "C3'" . G   D 1 4  ? 3.703   4.164   2.170   1.00 45.47 ? 4   G   D "C3'" 1 
ATOM   711  O  "O3'" . G   D 1 4  ? 3.174   2.847   2.185   1.00 47.07 ? 4   G   D "O3'" 1 
ATOM   712  C  "C2'" . G   D 1 4  ? 4.591   4.474   0.972   1.00 44.48 ? 4   G   D "C2'" 1 
ATOM   713  O  "O2'" . G   D 1 4  ? 4.198   3.846   -0.233  1.00 44.66 ? 4   G   D "O2'" 1 
ATOM   714  C  "C1'" . G   D 1 4  ? 4.431   5.992   0.866   1.00 42.50 ? 4   G   D "C1'" 1 
ATOM   715  N  N9    . G   D 1 4  ? 5.482   6.730   1.560   1.00 40.32 ? 4   G   D N9    1 
ATOM   716  C  C8    . G   D 1 4  ? 5.350   7.525   2.673   1.00 37.82 ? 4   G   D C8    1 
ATOM   717  N  N7    . G   D 1 4  ? 6.472   8.083   3.038   1.00 38.14 ? 4   G   D N7    1 
ATOM   718  C  C5    . G   D 1 4  ? 7.400   7.620   2.114   1.00 37.40 ? 4   G   D C5    1 
ATOM   719  C  C6    . G   D 1 4  ? 8.781   7.888   1.991   1.00 37.07 ? 4   G   D C6    1 
ATOM   720  O  O6    . G   D 1 4  ? 9.485   8.622   2.686   1.00 39.58 ? 4   G   D O6    1 
ATOM   721  N  N1    . G   D 1 4  ? 9.345   7.200   0.923   1.00 35.57 ? 4   G   D N1    1 
ATOM   722  C  C2    . G   D 1 4  ? 8.663   6.370   0.073   1.00 37.08 ? 4   G   D C2    1 
ATOM   723  N  N2    . G   D 1 4  ? 9.386   5.791   -0.896  1.00 33.91 ? 4   G   D N2    1 
ATOM   724  N  N3    . G   D 1 4  ? 7.367   6.123   0.168   1.00 36.43 ? 4   G   D N3    1 
ATOM   725  C  C4    . G   D 1 4  ? 6.806   6.776   1.204   1.00 37.94 ? 4   G   D C4    1 
HETATM 726  P  P     . 5BU D 1 5  ? 3.699   1.806   3.277   1.00 48.13 ? 5   5BU D P     1 
HETATM 727  O  OP1   . 5BU D 1 5  ? 2.896   0.564   3.144   1.00 48.64 ? 5   5BU D OP1   1 
HETATM 728  O  OP2   . 5BU D 1 5  ? 3.747   2.507   4.583   1.00 48.94 ? 5   5BU D OP2   1 
HETATM 729  O  "O5'" . 5BU D 1 5  ? 5.187   1.529   2.779   1.00 48.11 ? 5   5BU D "O5'" 1 
HETATM 730  C  "C5'" . 5BU D 1 5  ? 5.413   1.018   1.469   1.00 46.91 ? 5   5BU D "C5'" 1 
HETATM 731  C  "C4'" . 5BU D 1 5  ? 6.871   1.126   1.089   1.00 48.05 ? 5   5BU D "C4'" 1 
HETATM 732  O  "O4'" . 5BU D 1 5  ? 7.241   2.516   0.884   1.00 47.62 ? 5   5BU D "O4'" 1 
HETATM 733  C  "C3'" . 5BU D 1 5  ? 7.896   0.658   2.105   1.00 47.54 ? 5   5BU D "C3'" 1 
HETATM 734  O  "O3'" . 5BU D 1 5  ? 8.000   -0.757  2.152   1.00 49.48 ? 5   5BU D "O3'" 1 
HETATM 735  C  "C2'" . 5BU D 1 5  ? 9.164   1.304   1.566   1.00 47.06 ? 5   5BU D "C2'" 1 
HETATM 736  O  "O2'" . 5BU D 1 5  ? 9.679   0.626   0.441   1.00 46.05 ? 5   5BU D "O2'" 1 
HETATM 737  C  "C1'" . 5BU D 1 5  ? 8.636   2.674   1.137   1.00 46.45 ? 5   5BU D "C1'" 1 
HETATM 738  N  N1    . 5BU D 1 5  ? 8.814   3.644   2.227   1.00 44.96 ? 5   5BU D N1    1 
HETATM 739  C  C2    . 5BU D 1 5  ? 10.042  4.273   2.347   1.00 43.94 ? 5   5BU D C2    1 
HETATM 740  O  O2    . 5BU D 1 5  ? 10.960  4.083   1.576   1.00 44.06 ? 5   5BU D O2    1 
HETATM 741  N  N3    . 5BU D 1 5  ? 10.146  5.136   3.411   1.00 42.92 ? 5   5BU D N3    1 
HETATM 742  C  C4    . 5BU D 1 5  ? 9.166   5.425   4.333   1.00 43.00 ? 5   5BU D C4    1 
HETATM 743  O  O4    . 5BU D 1 5  ? 9.398   6.222   5.236   1.00 43.04 ? 5   5BU D O4    1 
HETATM 744  C  C5    . 5BU D 1 5  ? 7.938   4.741   4.124   1.00 43.92 ? 5   5BU D C5    1 
HETATM 745  C  C6    . 5BU D 1 5  ? 7.802   3.902   3.111   1.00 44.13 ? 5   5BU D C6    1 
HETATM 746  BR BR    . 5BU D 1 5  ? 5.655   5.372   5.630   1.00 70.36 ? 5   5BU D BR    1 
ATOM   747  P  P     . G   D 1 6  ? 8.590   -1.464  3.472   1.00 49.23 ? 6   G   D P     1 
ATOM   748  O  OP1   . G   D 1 6  ? 8.397   -2.926  3.294   1.00 50.72 ? 6   G   D OP1   1 
ATOM   749  O  OP2   . G   D 1 6  ? 8.008   -0.790  4.665   1.00 50.65 ? 6   G   D OP2   1 
ATOM   750  O  "O5'" . G   D 1 6  ? 10.156  -1.142  3.419   1.00 48.40 ? 6   G   D "O5'" 1 
ATOM   751  C  "C5'" . G   D 1 6  ? 10.961  -1.675  2.372   1.00 47.01 ? 6   G   D "C5'" 1 
ATOM   752  C  "C4'" . G   D 1 6  ? 12.374  -1.116  2.413   1.00 43.96 ? 6   G   D "C4'" 1 
ATOM   753  O  "O4'" . G   D 1 6  ? 12.372  0.328   2.256   1.00 44.09 ? 6   G   D "O4'" 1 
ATOM   754  C  "C3'" . G   D 1 6  ? 13.219  -1.289  3.666   1.00 43.45 ? 6   G   D "C3'" 1 
ATOM   755  O  "O3'" . G   D 1 6  ? 13.737  -2.604  3.800   1.00 43.86 ? 6   G   D "O3'" 1 
ATOM   756  C  "C2'" . G   D 1 6  ? 14.361  -0.322  3.382   1.00 42.11 ? 6   G   D "C2'" 1 
ATOM   757  O  "O2'" . G   D 1 6  ? 15.269  -0.863  2.444   1.00 38.91 ? 6   G   D "O2'" 1 
ATOM   758  C  "C1'" . G   D 1 6  ? 13.611  0.846   2.737   1.00 42.07 ? 6   G   D "C1'" 1 
ATOM   759  N  N9    . G   D 1 6  ? 13.363  1.932   3.681   1.00 40.14 ? 6   G   D N9    1 
ATOM   760  C  C8    . G   D 1 6  ? 12.178  2.263   4.296   1.00 40.22 ? 6   G   D C8    1 
ATOM   761  N  N7    . G   D 1 6  ? 12.285  3.291   5.099   1.00 39.04 ? 6   G   D N7    1 
ATOM   762  C  C5    . G   D 1 6  ? 13.620  3.664   5.008   1.00 39.60 ? 6   G   D C5    1 
ATOM   763  C  C6    . G   D 1 6  ? 14.335  4.717   5.650   1.00 37.61 ? 6   G   D C6    1 
ATOM   764  O  O6    . G   D 1 6  ? 13.919  5.553   6.463   1.00 37.29 ? 6   G   D O6    1 
ATOM   765  N  N1    . G   D 1 6  ? 15.671  4.735   5.269   1.00 37.97 ? 6   G   D N1    1 
ATOM   766  C  C2    . G   D 1 6  ? 16.255  3.854   4.394   1.00 38.15 ? 6   G   D C2    1 
ATOM   767  N  N2    . G   D 1 6  ? 17.569  4.032   4.171   1.00 33.88 ? 6   G   D N2    1 
ATOM   768  N  N3    . G   D 1 6  ? 15.602  2.869   3.787   1.00 38.23 ? 6   G   D N3    1 
ATOM   769  C  C4    . G   D 1 6  ? 14.300  2.835   4.138   1.00 39.82 ? 6   G   D C4    1 
ATOM   770  P  P     . C   D 1 7  ? 14.260  -3.108  5.236   1.00 42.00 ? 7   C   D P     1 
ATOM   771  O  OP1   . C   D 1 7  ? 14.575  -4.554  5.109   1.00 44.17 ? 7   C   D OP1   1 
ATOM   772  O  OP2   . C   D 1 7  ? 13.310  -2.654  6.279   1.00 42.87 ? 7   C   D OP2   1 
ATOM   773  O  "O5'" . C   D 1 7  ? 15.618  -2.312  5.464   1.00 41.75 ? 7   C   D "O5'" 1 
ATOM   774  C  "C5'" . C   D 1 7  ? 16.706  -2.443  4.562   1.00 37.57 ? 7   C   D "C5'" 1 
ATOM   775  C  "C4'" . C   D 1 7  ? 17.800  -1.479  4.942   1.00 36.25 ? 7   C   D "C4'" 1 
ATOM   776  O  "O4'" . C   D 1 7  ? 17.326  -0.115  4.767   1.00 37.59 ? 7   C   D "O4'" 1 
ATOM   777  C  "C3'" . C   D 1 7  ? 18.210  -1.522  6.404   1.00 35.38 ? 7   C   D "C3'" 1 
ATOM   778  O  "O3'" . C   D 1 7  ? 19.110  -2.591  6.663   1.00 33.58 ? 7   C   D "O3'" 1 
ATOM   779  C  "C2'" . C   D 1 7  ? 18.860  -0.157  6.576   1.00 35.89 ? 7   C   D "C2'" 1 
ATOM   780  O  "O2'" . C   D 1 7  ? 20.156  -0.111  6.009   1.00 34.46 ? 7   C   D "O2'" 1 
ATOM   781  C  "C1'" . C   D 1 7  ? 17.912  0.721   5.755   1.00 36.81 ? 7   C   D "C1'" 1 
ATOM   782  N  N1    . C   D 1 7  ? 16.832  1.322   6.559   1.00 37.21 ? 7   C   D N1    1 
ATOM   783  C  C2    . C   D 1 7  ? 17.123  2.454   7.337   1.00 38.02 ? 7   C   D C2    1 
ATOM   784  O  O2    . C   D 1 7  ? 18.281  2.905   7.329   1.00 37.87 ? 7   C   D O2    1 
ATOM   785  N  N3    . C   D 1 7  ? 16.142  3.022   8.075   1.00 36.65 ? 7   C   D N3    1 
ATOM   786  C  C4    . C   D 1 7  ? 14.912  2.501   8.062   1.00 37.54 ? 7   C   D C4    1 
ATOM   787  N  N4    . C   D 1 7  ? 13.972  3.094   8.806   1.00 37.64 ? 7   C   D N4    1 
ATOM   788  C  C5    . C   D 1 7  ? 14.588  1.346   7.285   1.00 37.73 ? 7   C   D C5    1 
ATOM   789  C  C6    . C   D 1 7  ? 15.571  0.795   6.554   1.00 38.44 ? 7   C   D C6    1 
ATOM   790  P  P     . G   D 1 8  ? 19.205  -3.213  8.144   1.00 32.04 ? 8   G   D P     1 
ATOM   791  O  OP1   . G   D 1 8  ? 20.105  -4.391  8.021   1.00 33.30 ? 8   G   D OP1   1 
ATOM   792  O  OP2   . G   D 1 8  ? 17.852  -3.389  8.719   1.00 31.38 ? 8   G   D OP2   1 
ATOM   793  O  "O5'" . G   D 1 8  ? 19.933  -2.079  8.998   1.00 28.03 ? 8   G   D "O5'" 1 
ATOM   794  C  "C5'" . G   D 1 8  ? 21.306  -1.775  8.790   1.00 27.73 ? 8   G   D "C5'" 1 
ATOM   795  C  "C4'" . G   D 1 8  ? 21.747  -0.671  9.725   1.00 25.38 ? 8   G   D "C4'" 1 
ATOM   796  O  "O4'" . G   D 1 8  ? 21.044  0.556   9.400   1.00 26.62 ? 8   G   D "O4'" 1 
ATOM   797  C  "C3'" . G   D 1 8  ? 21.417  -0.880  11.190  1.00 27.04 ? 8   G   D "C3'" 1 
ATOM   798  O  "O3'" . G   D 1 8  ? 22.353  -1.753  11.805  1.00 25.94 ? 8   G   D "O3'" 1 
ATOM   799  C  "C2'" . G   D 1 8  ? 21.500  0.543   11.723  1.00 26.51 ? 8   G   D "C2'" 1 
ATOM   800  O  "O2'" . G   D 1 8  ? 22.821  1.004   11.866  1.00 23.14 ? 8   G   D "O2'" 1 
ATOM   801  C  "C1'" . G   D 1 8  ? 20.851  1.322   10.580  1.00 27.11 ? 8   G   D "C1'" 1 
ATOM   802  N  N9    . G   D 1 8  ? 19.420  1.547   10.776  1.00 25.92 ? 8   G   D N9    1 
ATOM   803  C  C8    . G   D 1 8  ? 18.378  0.879   10.181  1.00 25.45 ? 8   G   D C8    1 
ATOM   804  N  N7    . G   D 1 8  ? 17.204  1.335   10.540  1.00 28.45 ? 8   G   D N7    1 
ATOM   805  C  C5    . G   D 1 8  ? 17.489  2.365   11.429  1.00 27.92 ? 8   G   D C5    1 
ATOM   806  C  C6    . G   D 1 8  ? 16.620  3.239   12.148  1.00 26.48 ? 8   G   D C6    1 
ATOM   807  O  O6    . G   D 1 8  ? 15.389  3.289   12.137  1.00 28.60 ? 8   G   D O6    1 
ATOM   808  N  N1    . G   D 1 8  ? 17.329  4.117   12.949  1.00 27.03 ? 8   G   D N1    1 
ATOM   809  C  C2    . G   D 1 8  ? 18.699  4.160   13.055  1.00 26.45 ? 8   G   D C2    1 
ATOM   810  N  N2    . G   D 1 8  ? 19.195  5.065   13.912  1.00 19.70 ? 8   G   D N2    1 
ATOM   811  N  N3    . G   D 1 8  ? 19.517  3.369   12.382  1.00 25.59 ? 8   G   D N3    1 
ATOM   812  C  C4    . G   D 1 8  ? 18.851  2.500   11.598  1.00 26.95 ? 8   G   D C4    1 
ATOM   813  P  P     . C   D 1 9  ? 21.874  -2.738  12.980  1.00 29.22 ? 9   C   D P     1 
ATOM   814  O  OP1   . C   D 1 9  ? 23.058  -3.584  13.316  1.00 30.88 ? 9   C   D OP1   1 
ATOM   815  O  OP2   . C   D 1 9  ? 20.585  -3.381  12.643  1.00 29.13 ? 9   C   D OP2   1 
ATOM   816  O  "O5'" . C   D 1 9  ? 21.646  -1.780  14.227  1.00 28.07 ? 9   C   D "O5'" 1 
ATOM   817  C  "C5'" . C   D 1 9  ? 22.750  -1.136  14.844  1.00 28.08 ? 9   C   D "C5'" 1 
ATOM   818  C  "C4'" . C   D 1 9  ? 22.268  -0.099  15.819  1.00 25.41 ? 9   C   D "C4'" 1 
ATOM   819  O  "O4'" . C   D 1 9  ? 21.467  0.888   15.108  1.00 27.03 ? 9   C   D "O4'" 1 
ATOM   820  C  "C3'" . C   D 1 9  ? 21.326  -0.603  16.898  1.00 25.94 ? 9   C   D "C3'" 1 
ATOM   821  O  "O3'" . C   D 1 9  ? 22.016  -1.266  17.966  1.00 23.97 ? 9   C   D "O3'" 1 
ATOM   822  C  "C2'" . C   D 1 9  ? 20.635  0.692   17.321  1.00 25.27 ? 9   C   D "C2'" 1 
ATOM   823  O  "O2'" . C   D 1 9  ? 21.431  1.519   18.145  1.00 24.87 ? 9   C   D "O2'" 1 
ATOM   824  C  "C1'" . C   D 1 9  ? 20.469  1.396   15.976  1.00 25.89 ? 9   C   D "C1'" 1 
ATOM   825  N  N1    . C   D 1 9  ? 19.144  1.165   15.378  1.00 25.35 ? 9   C   D N1    1 
ATOM   826  C  C2    . C   D 1 9  ? 18.072  1.906   15.861  1.00 26.80 ? 9   C   D C2    1 
ATOM   827  O  O2    . C   D 1 9  ? 18.284  2.735   16.749  1.00 24.88 ? 9   C   D O2    1 
ATOM   828  N  N3    . C   D 1 9  ? 16.837  1.707   15.348  1.00 27.61 ? 9   C   D N3    1 
ATOM   829  C  C4    . C   D 1 9  ? 16.656  0.800   14.385  1.00 30.00 ? 9   C   D C4    1 
ATOM   830  N  N4    . C   D 1 9  ? 15.416  0.626   13.911  1.00 29.18 ? 9   C   D N4    1 
ATOM   831  C  C5    . C   D 1 9  ? 17.740  0.028   13.865  1.00 29.44 ? 9   C   D C5    1 
ATOM   832  C  C6    . C   D 1 9  ? 18.957  0.241   14.389  1.00 27.90 ? 9   C   D C6    1 
ATOM   833  P  P     . U   D 1 10 ? 21.313  -2.516  18.704  1.00 26.07 ? 10  U   D P     1 
ATOM   834  O  OP1   . U   D 1 10 ? 22.250  -3.055  19.714  1.00 27.48 ? 10  U   D OP1   1 
ATOM   835  O  OP2   . U   D 1 10 ? 20.766  -3.415  17.662  1.00 26.52 ? 10  U   D OP2   1 
ATOM   836  O  "O5'" . U   D 1 10 ? 20.085  -1.847  19.477  1.00 27.95 ? 10  U   D "O5'" 1 
ATOM   837  C  "C5'" . U   D 1 10 ? 20.313  -0.818  20.438  1.00 27.66 ? 10  U   D "C5'" 1 
ATOM   838  C  "C4'" . U   D 1 10 ? 19.019  -0.113  20.766  1.00 30.04 ? 10  U   D "C4'" 1 
ATOM   839  O  "O4'" . U   D 1 10 ? 18.477  0.476   19.554  1.00 29.12 ? 10  U   D "O4'" 1 
ATOM   840  C  "C3'" . U   D 1 10 ? 17.890  -1.005  21.247  1.00 26.71 ? 10  U   D "C3'" 1 
ATOM   841  O  "O3'" . U   D 1 10 ? 18.000  -1.424  22.606  1.00 29.43 ? 10  U   D "O3'" 1 
ATOM   842  C  "C2'" . U   D 1 10 ? 16.675  -0.136  20.975  1.00 28.49 ? 10  U   D "C2'" 1 
ATOM   843  O  "O2'" . U   D 1 10 ? 16.495  0.860   21.965  1.00 28.23 ? 10  U   D "O2'" 1 
ATOM   844  C  "C1'" . U   D 1 10 ? 17.064  0.505   19.643  1.00 27.17 ? 10  U   D "C1'" 1 
ATOM   845  N  N1    . U   D 1 10 ? 16.505  -0.211  18.489  1.00 24.85 ? 10  U   D N1    1 
ATOM   846  C  C2    . U   D 1 10 ? 15.186  0.047   18.173  1.00 24.27 ? 10  U   D C2    1 
ATOM   847  O  O2    . U   D 1 10 ? 14.500  0.814   18.821  1.00 24.58 ? 10  U   D O2    1 
ATOM   848  N  N3    . U   D 1 10 ? 14.701  -0.634  17.083  1.00 23.65 ? 10  U   D N3    1 
ATOM   849  C  C4    . U   D 1 10 ? 15.390  -1.544  16.299  1.00 24.31 ? 10  U   D C4    1 
ATOM   850  O  O4    . U   D 1 10 ? 14.813  -2.091  15.353  1.00 25.47 ? 10  U   D O4    1 
ATOM   851  C  C5    . U   D 1 10 ? 16.754  -1.765  16.697  1.00 23.84 ? 10  U   D C5    1 
ATOM   852  C  C6    . U   D 1 10 ? 17.251  -1.103  17.754  1.00 23.16 ? 10  U   D C6    1 
HETATM 853  MG MG    . MG  E 2 .  ? -4.835  -3.938  -6.969  1.00 44.71 ? 198 MG  A MG    1 
HETATM 854  O  O     . HOH F 3 .  ? -23.581 -0.797  -12.262 1.00 33.68 ? 12  HOH A O     1 
HETATM 855  O  O     . HOH F 3 .  ? -4.515  2.731   -0.732  1.00 34.07 ? 14  HOH A O     1 
HETATM 856  O  O     . HOH F 3 .  ? -5.137  1.941   1.603   1.00 44.57 ? 15  HOH A O     1 
HETATM 857  O  O     . HOH F 3 .  ? -11.334 -8.267  -0.714  1.00 51.68 ? 21  HOH A O     1 
HETATM 858  O  O     . HOH F 3 .  ? -9.937  -7.620  -3.259  1.00 36.97 ? 24  HOH A O     1 
HETATM 859  O  O     . HOH F 3 .  ? -9.619  -4.939  -6.751  1.00 41.41 ? 25  HOH A O     1 
HETATM 860  O  O     . HOH F 3 .  ? -1.106  -9.065  -13.257 1.00 55.27 ? 33  HOH A O     1 
HETATM 861  O  O     . HOH F 3 .  ? -5.856  -10.545 -13.495 1.00 53.75 ? 34  HOH A O     1 
HETATM 862  O  O     . HOH F 3 .  ? -8.457  -11.528 -14.144 1.00 32.87 ? 35  HOH A O     1 
HETATM 863  O  O     . HOH F 3 .  ? -21.181 -1.756  -13.031 1.00 20.04 ? 36  HOH A O     1 
HETATM 864  O  O     . HOH F 3 .  ? 4.342   -1.304  -3.984  1.00 62.09 ? 37  HOH A O     1 
HETATM 865  O  O     . HOH F 3 .  ? 0.994   -2.370  1.053   1.00 52.66 ? 38  HOH A O     1 
HETATM 866  O  O     . HOH F 3 .  ? -22.077 0.266   -15.185 1.00 32.98 ? 39  HOH A O     1 
HETATM 867  O  O     . HOH F 3 .  ? -9.488  -1.331  -20.289 1.00 61.12 ? 46  HOH A O     1 
HETATM 868  O  O     . HOH F 3 .  ? -13.384 -10.625 9.473   1.00 51.71 ? 51  HOH A O     1 
HETATM 869  O  O     . HOH F 3 .  ? -11.974 -3.956  8.842   1.00 73.29 ? 57  HOH A O     1 
HETATM 870  O  O     . HOH F 3 .  ? -3.537  -1.526  -9.919  1.00 49.28 ? 58  HOH A O     1 
HETATM 871  O  O     . HOH F 3 .  ? -10.618 -2.038  -12.668 1.00 33.61 ? 59  HOH A O     1 
HETATM 872  O  O     . HOH F 3 .  ? -11.361 -10.463 -1.853  1.00 27.73 ? 60  HOH A O     1 
HETATM 873  O  O     . HOH F 3 .  ? -11.780 -13.373 0.608   1.00 50.84 ? 71  HOH A O     1 
HETATM 874  O  O     . HOH F 3 .  ? -8.270  -2.398  -14.361 1.00 44.47 ? 85  HOH A O     1 
HETATM 875  O  O     . HOH F 3 .  ? -12.260 -2.173  5.645   1.00 39.36 ? 86  HOH A O     1 
HETATM 876  O  O     . HOH F 3 .  ? -14.669 1.953   -18.183 1.00 52.53 ? 94  HOH A O     1 
HETATM 877  O  O     . HOH F 3 .  ? -11.045 -11.361 10.408  1.00 50.55 ? 105 HOH A O     1 
HETATM 878  O  O     . HOH F 3 .  ? -9.860  -9.279  9.851   1.00 47.23 ? 106 HOH A O     1 
HETATM 879  O  O     . HOH F 3 .  ? -19.377 8.043   -16.624 1.00 38.87 ? 112 HOH A O     1 
HETATM 880  O  O     . HOH F 3 .  ? -3.515  0.296   -0.850  1.00 59.68 ? 116 HOH A O     1 
HETATM 881  O  O     . HOH F 3 .  ? -3.191  0.692   -5.740  1.00 52.83 ? 125 HOH A O     1 
HETATM 882  O  O     . HOH F 3 .  ? -11.758 -1.217  -10.114 1.00 32.32 ? 131 HOH A O     1 
HETATM 883  O  O     . HOH F 3 .  ? -14.780 -0.119  0.922   1.00 56.29 ? 133 HOH A O     1 
HETATM 884  O  O     . HOH F 3 .  ? -8.936  -8.110  -18.946 1.00 44.14 ? 134 HOH A O     1 
HETATM 885  O  O     . HOH F 3 .  ? -15.523 0.252   -22.486 1.00 41.10 ? 136 HOH A O     1 
HETATM 886  O  O     . HOH F 3 .  ? -15.754 3.118   -21.648 1.00 66.37 ? 137 HOH A O     1 
HETATM 887  O  O     . HOH F 3 .  ? -2.935  -9.814  -9.574  1.00 32.08 ? 163 HOH A O     1 
HETATM 888  O  O     . HOH F 3 .  ? -9.243  -4.379  -3.276  1.00 44.72 ? 167 HOH A O     1 
HETATM 889  O  O     . HOH F 3 .  ? -15.523 3.619   4.897   1.00 56.99 ? 169 HOH A O     1 
HETATM 890  O  O     . HOH F 3 .  ? -12.953 4.661   -18.378 1.00 63.72 ? 170 HOH A O     1 
HETATM 891  O  O     . HOH F 3 .  ? -11.256 -10.535 -19.606 1.00 66.77 ? 174 HOH A O     1 
HETATM 892  O  O     . HOH F 3 .  ? -12.366 -8.937  -16.619 1.00 44.87 ? 175 HOH A O     1 
HETATM 893  O  O     . HOH F 3 .  ? 1.331   -2.012  -5.274  1.00 53.95 ? 176 HOH A O     1 
HETATM 894  O  O     . HOH F 3 .  ? -18.492 2.300   5.352   1.00 61.99 ? 180 HOH A O     1 
HETATM 895  O  O     . HOH F 3 .  ? -15.616 2.725   8.727   1.00 65.57 ? 183 HOH A O     1 
HETATM 896  O  O     . HOH F 3 .  ? -17.625 3.161   11.723  1.00 49.31 ? 184 HOH A O     1 
HETATM 897  O  O     . HOH F 3 .  ? -12.650 9.169   -21.496 1.00 59.21 ? 188 HOH A O     1 
HETATM 898  O  O     . HOH F 3 .  ? -16.920 -3.711  3.958   1.00 69.40 ? 189 HOH A O     1 
HETATM 899  O  O     . HOH F 3 .  ? -22.875 10.948  -18.036 1.00 55.27 ? 190 HOH A O     1 
HETATM 900  O  O     . HOH F 3 .  ? -10.507 -9.097  -22.989 1.00 57.89 ? 192 HOH A O     1 
HETATM 901  O  O     . HOH F 3 .  ? -3.078  -0.404  -15.795 1.00 56.54 ? 196 HOH A O     1 
HETATM 902  O  O     . HOH F 3 .  ? -8.838  -6.343  -1.254  1.00 48.02 ? 199 HOH A O     1 
HETATM 903  O  O     . HOH F 3 .  ? -20.337 0.179   -21.752 1.00 36.14 ? 203 HOH A O     1 
HETATM 904  O  O     . HOH F 3 .  ? -9.763  0.618   4.734   1.00 58.29 ? 204 HOH A O     1 
HETATM 905  O  O     . HOH F 3 .  ? -13.231 -0.456  3.754   1.00 53.15 ? 206 HOH A O     1 
HETATM 906  O  O     . HOH F 3 .  ? -10.459 0.609   9.920   1.00 55.96 ? 208 HOH A O     1 
HETATM 907  O  O     . HOH F 3 .  ? -14.238 -10.051 11.930  1.00 57.62 ? 211 HOH A O     1 
HETATM 908  O  O     . HOH F 3 .  ? -1.823  1.758   -14.597 1.00 59.73 ? 213 HOH A O     1 
HETATM 909  O  O     . HOH F 3 .  ? -6.957  -1.273  3.666   1.00 58.71 ? 215 HOH A O     1 
HETATM 910  O  O     . HOH F 3 .  ? -10.348 -0.760  0.417   1.00 52.40 ? 216 HOH A O     1 
HETATM 911  O  O     . HOH F 3 .  ? -9.038  0.390   -22.188 1.00 60.16 ? 220 HOH A O     1 
HETATM 912  O  O     . HOH F 3 .  ? -13.137 -9.579  -14.284 1.00 37.60 ? 221 HOH A O     1 
HETATM 913  O  O     . HOH F 3 .  ? -15.338 1.209   15.693  1.00 50.81 ? 225 HOH A O     1 
HETATM 914  O  O     . HOH F 3 .  ? -9.126  -13.254 -24.283 1.00 56.76 ? 227 HOH A O     1 
HETATM 915  O  O     . HOH F 3 .  ? -5.838  -3.206  -9.169  1.00 63.37 ? 228 HOH A O     1 
HETATM 916  O  O     . HOH F 3 .  ? -11.652 -0.525  -16.683 1.00 52.04 ? 229 HOH A O     1 
HETATM 917  O  O     . HOH F 3 .  ? -6.638  -1.135  -20.609 1.00 66.89 ? 232 HOH A O     1 
HETATM 918  O  O     . HOH F 3 .  ? -10.268 -15.628 -25.516 1.00 67.74 ? 234 HOH A O     1 
HETATM 919  O  O     . HOH F 3 .  ? -2.416  -2.663  -13.493 1.00 61.23 ? 236 HOH A O     1 
HETATM 920  O  O     . HOH F 3 .  ? 1.899   -7.669  -0.986  1.00 63.94 ? 237 HOH A O     1 
HETATM 921  O  O     . HOH F 3 .  ? -12.812 -10.728 0.993   1.00 52.65 ? 242 HOH A O     1 
HETATM 922  O  O     . HOH F 3 .  ? -1.185  0.878   -4.061  1.00 54.04 ? 246 HOH A O     1 
HETATM 923  O  O     . HOH F 3 .  ? -8.566  -4.491  1.355   1.00 48.88 ? 247 HOH A O     1 
HETATM 924  O  O     . HOH F 3 .  ? -3.915  -2.569  -5.578  1.00 60.82 ? 249 HOH A O     1 
HETATM 925  O  O     . HOH F 3 .  ? -7.025  -3.896  -6.941  1.00 59.25 ? 250 HOH A O     1 
HETATM 926  O  O     . HOH F 3 .  ? -3.952  -4.989  -8.114  1.00 63.16 ? 251 HOH A O     1 
HETATM 927  O  O     . HOH G 3 .  ? -6.685  -23.367 -4.409  1.00 79.19 ? 16  HOH B O     1 
HETATM 928  O  O     . HOH G 3 .  ? -10.753 -8.478  -5.453  1.00 21.65 ? 20  HOH B O     1 
HETATM 929  O  O     . HOH G 3 .  ? -8.760  3.876   -10.729 1.00 51.67 ? 22  HOH B O     1 
HETATM 930  O  O     . HOH G 3 .  ? -10.230 1.723   -10.733 1.00 49.09 ? 23  HOH B O     1 
HETATM 931  O  O     . HOH G 3 .  ? -12.034 -5.230  -5.914  1.00 39.40 ? 26  HOH B O     1 
HETATM 932  O  O     . HOH G 3 .  ? -15.176 -4.200  -5.307  1.00 30.00 ? 27  HOH B O     1 
HETATM 933  O  O     . HOH G 3 .  ? -14.574 -1.919  -4.865  1.00 57.75 ? 28  HOH B O     1 
HETATM 934  O  O     . HOH G 3 .  ? -12.687 0.994   -8.571  1.00 38.23 ? 29  HOH B O     1 
HETATM 935  O  O     . HOH G 3 .  ? -11.720 -0.730  -6.894  1.00 58.93 ? 30  HOH B O     1 
HETATM 936  O  O     . HOH G 3 .  ? -12.003 3.534   -11.021 1.00 36.19 ? 31  HOH B O     1 
HETATM 937  O  O     . HOH G 3 .  ? -11.174 3.422   -8.701  1.00 51.41 ? 32  HOH B O     1 
HETATM 938  O  O     . HOH G 3 .  ? -8.689  -15.699 -2.763  1.00 52.62 ? 41  HOH B O     1 
HETATM 939  O  O     . HOH G 3 .  ? -14.402 -12.128 -6.100  1.00 33.43 ? 42  HOH B O     1 
HETATM 940  O  O     . HOH G 3 .  ? -2.845  -18.475 -9.087  1.00 27.42 ? 43  HOH B O     1 
HETATM 941  O  O     . HOH G 3 .  ? -2.453  -13.630 -7.286  1.00 35.98 ? 48  HOH B O     1 
HETATM 942  O  O     . HOH G 3 .  ? -6.181  -21.553 1.248   1.00 48.13 ? 52  HOH B O     1 
HETATM 943  O  O     . HOH G 3 .  ? -23.321 -9.559  -13.958 1.00 47.14 ? 54  HOH B O     1 
HETATM 944  O  O     . HOH G 3 .  ? -0.383  -21.756 -4.054  1.00 59.74 ? 61  HOH B O     1 
HETATM 945  O  O     . HOH G 3 .  ? 1.372   -20.018 -4.598  1.00 68.98 ? 62  HOH B O     1 
HETATM 946  O  O     . HOH G 3 .  ? 1.898   -17.591 -5.233  1.00 51.93 ? 64  HOH B O     1 
HETATM 947  O  O     . HOH G 3 .  ? -10.096 -13.755 -1.604  1.00 54.03 ? 72  HOH B O     1 
HETATM 948  O  O     . HOH G 3 .  ? -16.938 -6.978  -14.158 1.00 22.51 ? 73  HOH B O     1 
HETATM 949  O  O     . HOH G 3 .  ? -12.196 -15.539 -1.288  1.00 34.59 ? 75  HOH B O     1 
HETATM 950  O  O     . HOH G 3 .  ? -13.487 -13.017 -1.943  1.00 49.07 ? 76  HOH B O     1 
HETATM 951  O  O     . HOH G 3 .  ? -10.380 -17.572 -12.342 1.00 33.52 ? 79  HOH B O     1 
HETATM 952  O  O     . HOH G 3 .  ? -16.858 -11.678 -5.387  1.00 42.00 ? 81  HOH B O     1 
HETATM 953  O  O     . HOH G 3 .  ? -14.187 -18.893 -11.195 1.00 65.42 ? 83  HOH B O     1 
HETATM 954  O  O     . HOH G 3 .  ? -14.275 -19.743 -8.036  1.00 58.07 ? 84  HOH B O     1 
HETATM 955  O  O     . HOH G 3 .  ? -18.878 -12.655 -3.040  1.00 50.84 ? 90  HOH B O     1 
HETATM 956  O  O     . HOH G 3 .  ? -26.180 2.555   -7.324  1.00 33.73 ? 91  HOH B O     1 
HETATM 957  O  O     . HOH G 3 .  ? -22.698 5.419   -9.237  1.00 41.15 ? 93  HOH B O     1 
HETATM 958  O  O     . HOH G 3 .  ? -11.660 -13.052 -3.878  1.00 38.21 ? 101 HOH B O     1 
HETATM 959  O  O     . HOH G 3 .  ? -10.645 -19.566 -2.839  1.00 56.91 ? 102 HOH B O     1 
HETATM 960  O  O     . HOH G 3 .  ? -12.428 -11.590 -13.070 1.00 27.45 ? 107 HOH B O     1 
HETATM 961  O  O     . HOH G 3 .  ? -5.080  -19.765 -10.322 1.00 31.34 ? 109 HOH B O     1 
HETATM 962  O  O     . HOH G 3 .  ? -27.635 4.096   -9.235  1.00 50.12 ? 110 HOH B O     1 
HETATM 963  O  O     . HOH G 3 .  ? -25.833 -0.373  -4.372  1.00 42.75 ? 113 HOH B O     1 
HETATM 964  O  O     . HOH G 3 .  ? 2.962   -18.994 1.927   1.00 50.56 ? 120 HOH B O     1 
HETATM 965  O  O     . HOH G 3 .  ? -15.576 -8.562  -16.600 1.00 33.26 ? 121 HOH B O     1 
HETATM 966  O  O     . HOH G 3 .  ? -24.524 -2.795  -0.925  1.00 63.59 ? 126 HOH B O     1 
HETATM 967  O  O     . HOH G 3 .  ? -28.671 -6.100  -0.289  1.00 74.02 ? 127 HOH B O     1 
HETATM 968  O  O     . HOH G 3 .  ? -32.268 -6.477  -0.503  1.00 61.81 ? 128 HOH B O     1 
HETATM 969  O  O     . HOH G 3 .  ? 1.733   -18.430 -2.532  1.00 57.85 ? 129 HOH B O     1 
HETATM 970  O  O     . HOH G 3 .  ? -16.447 -0.515  -4.135  1.00 37.40 ? 130 HOH B O     1 
HETATM 971  O  O     . HOH G 3 .  ? -13.618 1.768   -5.293  1.00 43.55 ? 138 HOH B O     1 
HETATM 972  O  O     . HOH G 3 .  ? -9.449  -16.863 -5.225  1.00 62.51 ? 148 HOH B O     1 
HETATM 973  O  O     . HOH G 3 .  ? -11.863 -22.023 -1.697  1.00 64.48 ? 149 HOH B O     1 
HETATM 974  O  O     . HOH G 3 .  ? -19.551 7.660   -5.218  1.00 52.16 ? 159 HOH B O     1 
HETATM 975  O  O     . HOH G 3 .  ? -0.019  -12.029 0.175   1.00 65.38 ? 160 HOH B O     1 
HETATM 976  O  O     . HOH G 3 .  ? -2.217  -11.744 3.775   1.00 55.55 ? 161 HOH B O     1 
HETATM 977  O  O     . HOH G 3 .  ? -20.382 -2.218  1.762   1.00 55.80 ? 164 HOH B O     1 
HETATM 978  O  O     . HOH G 3 .  ? -27.294 11.842  -4.051  1.00 54.16 ? 173 HOH B O     1 
HETATM 979  O  O     . HOH G 3 .  ? -20.570 -14.409 -9.200  1.00 45.99 ? 178 HOH B O     1 
HETATM 980  O  O     . HOH G 3 .  ? -18.506 3.934   3.262   1.00 58.01 ? 182 HOH B O     1 
HETATM 981  O  O     . HOH G 3 .  ? -5.173  -24.456 -0.505  1.00 69.51 ? 191 HOH B O     1 
HETATM 982  O  O     . HOH G 3 .  ? 4.484   -21.929 1.347   1.00 75.23 ? 197 HOH B O     1 
HETATM 983  O  O     . HOH G 3 .  ? -28.091 -6.601  -5.928  1.00 53.91 ? 202 HOH B O     1 
HETATM 984  O  O     . HOH G 3 .  ? -0.869  -12.557 -9.290  1.00 55.42 ? 207 HOH B O     1 
HETATM 985  O  O     . HOH G 3 .  ? -23.442 -12.176 -6.765  1.00 50.83 ? 209 HOH B O     1 
HETATM 986  O  O     . HOH G 3 .  ? -2.888  -24.020 -2.859  1.00 59.70 ? 212 HOH B O     1 
HETATM 987  O  O     . HOH G 3 .  ? -20.120 6.711   -1.414  1.00 54.59 ? 217 HOH B O     1 
HETATM 988  O  O     . HOH G 3 .  ? -15.262 -11.463 -14.943 1.00 49.71 ? 219 HOH B O     1 
HETATM 989  O  O     . HOH G 3 .  ? -4.328  -12.786 7.752   1.00 64.10 ? 223 HOH B O     1 
HETATM 990  O  O     . HOH G 3 .  ? -17.032 -19.692 -7.914  1.00 45.59 ? 230 HOH B O     1 
HETATM 991  O  O     . HOH G 3 .  ? -4.320  -27.498 1.640   1.00 64.78 ? 240 HOH B O     1 
HETATM 992  O  O     . HOH G 3 .  ? -15.982 -21.111 -12.902 1.00 58.80 ? 241 HOH B O     1 
HETATM 993  O  O     . HOH G 3 .  ? -1.186  -23.775 1.596   1.00 49.16 ? 248 HOH B O     1 
HETATM 994  O  O     . HOH H 3 .  ? 13.502  11.364  13.784  1.00 52.28 ? 11  HOH C O     1 
HETATM 995  O  O     . HOH H 3 .  ? 15.113  9.648   14.717  1.00 68.61 ? 12  HOH C O     1 
HETATM 996  O  O     . HOH H 3 .  ? 6.045   13.478  14.796  1.00 48.46 ? 13  HOH C O     1 
HETATM 997  O  O     . HOH H 3 .  ? 9.401   -0.422  13.733  1.00 41.87 ? 14  HOH C O     1 
HETATM 998  O  O     . HOH H 3 .  ? 12.836  12.461  3.087   1.00 53.88 ? 15  HOH C O     1 
HETATM 999  O  O     . HOH H 3 .  ? 17.352  10.785  5.028   1.00 39.14 ? 16  HOH C O     1 
HETATM 1000 O  O     . HOH H 3 .  ? 9.370   10.749  11.155  1.00 48.00 ? 17  HOH C O     1 
HETATM 1001 O  O     . HOH H 3 .  ? 11.959  12.067  -0.414  1.00 44.37 ? 18  HOH C O     1 
HETATM 1002 O  O     . HOH H 3 .  ? 11.304  4.270   10.901  1.00 50.72 ? 19  HOH C O     1 
HETATM 1003 O  O     . HOH H 3 .  ? 12.422  8.044   11.675  1.00 23.20 ? 20  HOH C O     1 
HETATM 1004 O  O     . HOH H 3 .  ? 11.434  5.404   23.545  1.00 48.42 ? 21  HOH C O     1 
HETATM 1005 O  O     . HOH H 3 .  ? 10.269  7.512   25.682  1.00 61.00 ? 22  HOH C O     1 
HETATM 1006 O  O     . HOH H 3 .  ? 11.963  8.516   5.938   1.00 42.11 ? 23  HOH C O     1 
HETATM 1007 O  O     . HOH H 3 .  ? 7.175   5.046   13.809  1.00 39.41 ? 24  HOH C O     1 
HETATM 1008 O  O     . HOH H 3 .  ? 21.342  15.426  7.449   1.00 65.53 ? 25  HOH C O     1 
HETATM 1009 O  O     . HOH H 3 .  ? 18.681  15.554  7.823   1.00 56.32 ? 26  HOH C O     1 
HETATM 1010 O  O     . HOH H 3 .  ? 12.276  6.802   9.632   1.00 32.36 ? 27  HOH C O     1 
HETATM 1011 O  O     . HOH H 3 .  ? 11.131  9.332   9.301   1.00 54.59 ? 28  HOH C O     1 
HETATM 1012 O  O     . HOH H 3 .  ? 10.042  7.657   14.956  1.00 34.75 ? 29  HOH C O     1 
HETATM 1013 O  O     . HOH H 3 .  ? 11.017  5.869   12.767  1.00 39.75 ? 30  HOH C O     1 
HETATM 1014 O  O     . HOH H 3 .  ? 16.786  13.321  7.632   1.00 42.76 ? 31  HOH C O     1 
HETATM 1015 O  O     . HOH H 3 .  ? 12.065  4.457   -9.325  1.00 52.78 ? 32  HOH C O     1 
HETATM 1016 O  O     . HOH H 3 .  ? 6.608   12.193  19.338  1.00 46.20 ? 33  HOH C O     1 
HETATM 1017 O  O     . HOH H 3 .  ? 11.481  5.964   28.791  1.00 60.10 ? 34  HOH C O     1 
HETATM 1018 O  O     . HOH H 3 .  ? 32.293  18.477  -2.698  1.00 52.92 ? 35  HOH C O     1 
HETATM 1019 O  O     . HOH H 3 .  ? 9.025   16.815  -10.280 1.00 66.95 ? 36  HOH C O     1 
HETATM 1020 O  O     . HOH H 3 .  ? 11.347  10.472  27.296  1.00 51.62 ? 37  HOH C O     1 
HETATM 1021 O  O     . HOH H 3 .  ? 3.407   7.202   -4.518  1.00 54.87 ? 38  HOH C O     1 
HETATM 1022 O  O     . HOH H 3 .  ? 23.035  16.127  1.513   1.00 55.01 ? 39  HOH C O     1 
HETATM 1023 O  O     . HOH H 3 .  ? 29.859  16.935  1.605   1.00 60.61 ? 40  HOH C O     1 
HETATM 1024 O  O     . HOH H 3 .  ? 30.748  15.684  -1.380  1.00 54.94 ? 41  HOH C O     1 
HETATM 1025 O  O     . HOH H 3 .  ? 10.909  2.559   30.324  1.00 63.60 ? 42  HOH C O     1 
HETATM 1026 O  O     . HOH H 3 .  ? 14.320  10.065  -10.095 1.00 45.03 ? 43  HOH C O     1 
HETATM 1027 O  O     . HOH H 3 .  ? 17.265  8.471   -8.361  1.00 62.17 ? 44  HOH C O     1 
HETATM 1028 O  O     . HOH H 3 .  ? 16.561  17.099  6.238   1.00 54.33 ? 45  HOH C O     1 
HETATM 1029 O  O     . HOH H 3 .  ? 16.797  9.217   -11.321 1.00 50.90 ? 46  HOH C O     1 
HETATM 1030 O  O     . HOH H 3 .  ? 19.294  11.313  -12.145 1.00 72.70 ? 47  HOH C O     1 
HETATM 1031 O  O     . HOH H 3 .  ? 17.208  12.012  -9.248  1.00 55.58 ? 48  HOH C O     1 
HETATM 1032 O  O     . HOH H 3 .  ? 4.577   2.491   -5.148  1.00 59.40 ? 49  HOH C O     1 
HETATM 1033 O  O     . HOH H 3 .  ? 8.473   3.532   -5.276  1.00 53.15 ? 50  HOH C O     1 
HETATM 1034 O  O     . HOH H 3 .  ? 1.789   17.373  -2.936  1.00 34.63 ? 51  HOH C O     1 
HETATM 1035 O  O     . HOH H 3 .  ? 15.654  3.565   -3.858  1.00 61.00 ? 52  HOH C O     1 
HETATM 1036 O  O     . HOH H 3 .  ? 6.501   7.583   -13.124 1.00 57.51 ? 53  HOH C O     1 
HETATM 1037 O  O     . HOH H 3 .  ? 17.401  5.638   -6.941  1.00 61.96 ? 54  HOH C O     1 
HETATM 1038 O  O     . HOH H 3 .  ? 4.424   5.500   -7.385  1.00 58.53 ? 55  HOH C O     1 
HETATM 1039 O  O     . HOH H 3 .  ? 12.545  2.379   -1.139  1.00 50.22 ? 56  HOH C O     1 
HETATM 1040 O  O     . HOH H 3 .  ? 9.236   13.279  18.945  1.00 59.42 ? 57  HOH C O     1 
HETATM 1041 O  O     . HOH H 3 .  ? 11.565  13.496  24.683  1.00 50.97 ? 58  HOH C O     1 
HETATM 1042 O  O     . HOH H 3 .  ? 11.783  13.331  -3.013  1.00 54.10 ? 59  HOH C O     1 
HETATM 1043 O  O     . HOH H 3 .  ? 18.001  10.850  -6.695  1.00 50.87 ? 60  HOH C O     1 
HETATM 1044 O  O     . HOH H 3 .  ? 14.462  11.560  -2.526  1.00 55.90 ? 61  HOH C O     1 
HETATM 1045 O  O     . HOH H 3 .  ? 14.831  17.673  16.901  1.00 62.63 ? 62  HOH C O     1 
HETATM 1046 O  O     . HOH I 3 .  ? 1.985   15.852  9.769   1.00 46.48 ? 11  HOH D O     1 
HETATM 1047 O  O     . HOH I 3 .  ? 4.398   15.221  13.162  1.00 64.55 ? 12  HOH D O     1 
HETATM 1048 O  O     . HOH I 3 .  ? 11.480  1.698   8.698   1.00 62.61 ? 13  HOH D O     1 
HETATM 1049 O  O     . HOH I 3 .  ? 8.642   7.631   8.198   1.00 56.98 ? 14  HOH D O     1 
HETATM 1050 O  O     . HOH I 3 .  ? 6.332   6.725   8.253   1.00 58.23 ? 15  HOH D O     1 
HETATM 1051 O  O     . HOH I 3 .  ? 11.286  6.332   7.309   1.00 49.35 ? 16  HOH D O     1 
HETATM 1052 O  O     . HOH I 3 .  ? 13.360  1.873   11.363  1.00 27.05 ? 17  HOH D O     1 
HETATM 1053 O  O     . HOH I 3 .  ? 15.028  -0.299  10.878  1.00 31.44 ? 18  HOH D O     1 
HETATM 1054 O  O     . HOH I 3 .  ? 11.429  16.026  0.244   1.00 45.59 ? 19  HOH D O     1 
HETATM 1055 O  O     . HOH I 3 .  ? 9.347   16.444  -1.690  1.00 26.12 ? 20  HOH D O     1 
HETATM 1056 O  O     . HOH I 3 .  ? 9.155   15.511  1.219   1.00 56.87 ? 21  HOH D O     1 
HETATM 1057 O  O     . HOH I 3 .  ? 10.209  18.172  0.667   1.00 30.98 ? 22  HOH D O     1 
HETATM 1058 O  O     . HOH I 3 .  ? 17.214  0.187   1.192   1.00 55.90 ? 23  HOH D O     1 
HETATM 1059 O  O     . HOH I 3 .  ? -0.218  20.092  0.591   1.00 45.40 ? 24  HOH D O     1 
HETATM 1060 O  O     . HOH I 3 .  ? 9.478   9.516   5.390   1.00 56.38 ? 25  HOH D O     1 
HETATM 1061 O  O     . HOH I 3 .  ? 9.140   11.386  6.806   1.00 62.68 ? 26  HOH D O     1 
HETATM 1062 O  O     . HOH I 3 .  ? 6.723   9.758   5.895   1.00 32.70 ? 27  HOH D O     1 
HETATM 1063 O  O     . HOH I 3 .  ? 16.686  -5.768  9.698   1.00 45.92 ? 28  HOH D O     1 
HETATM 1064 O  O     . HOH I 3 .  ? 8.171   15.003  3.974   1.00 38.63 ? 29  HOH D O     1 
HETATM 1065 O  O     . HOH I 3 .  ? 16.748  -3.585  23.192  1.00 30.07 ? 30  HOH D O     1 
HETATM 1066 O  O     . HOH I 3 .  ? 9.044   1.664   5.539   1.00 40.07 ? 31  HOH D O     1 
HETATM 1067 O  O     . HOH I 3 .  ? 8.115   16.378  6.624   1.00 43.87 ? 32  HOH D O     1 
HETATM 1068 O  O     . HOH I 3 .  ? 4.138   2.212   10.544  1.00 55.52 ? 33  HOH D O     1 
HETATM 1069 O  O     . HOH I 3 .  ? 11.036  19.089  5.405   1.00 32.41 ? 34  HOH D O     1 
HETATM 1070 O  O     . HOH I 3 .  ? 19.981  -5.761  11.959  1.00 65.36 ? 35  HOH D O     1 
HETATM 1071 O  O     . HOH I 3 .  ? 19.230  -3.685  15.257  1.00 33.70 ? 36  HOH D O     1 
HETATM 1072 O  O     . HOH I 3 .  ? 4.788   13.845  6.436   1.00 32.82 ? 37  HOH D O     1 
HETATM 1073 O  O     . HOH I 3 .  ? 7.730   12.674  4.996   1.00 48.62 ? 38  HOH D O     1 
HETATM 1074 O  O     . HOH I 3 .  ? 25.250  -0.321  12.316  1.00 33.67 ? 39  HOH D O     1 
HETATM 1075 O  O     . HOH I 3 .  ? 1.682   20.330  2.989   1.00 33.39 ? 40  HOH D O     1 
HETATM 1076 O  O     . HOH I 3 .  ? 2.018   22.645  1.874   1.00 46.37 ? 41  HOH D O     1 
HETATM 1077 O  O     . HOH I 3 .  ? 17.254  -5.437  15.263  1.00 40.52 ? 42  HOH D O     1 
HETATM 1078 O  O     . HOH I 3 .  ? 5.248   12.976  9.411   1.00 42.76 ? 43  HOH D O     1 
HETATM 1079 O  O     . HOH I 3 .  ? 24.795  -4.000  9.688   1.00 45.59 ? 44  HOH D O     1 
HETATM 1080 O  O     . HOH I 3 .  ? 8.244   17.929  11.229  1.00 54.72 ? 45  HOH D O     1 
HETATM 1081 O  O     . HOH I 3 .  ? 4.718   -0.253  9.896   1.00 53.90 ? 46  HOH D O     1 
HETATM 1082 O  O     . HOH I 3 .  ? 5.430   -3.257  8.109   1.00 56.65 ? 47  HOH D O     1 
HETATM 1083 O  O     . HOH I 3 .  ? 4.803   0.234   6.927   1.00 57.66 ? 48  HOH D O     1 
HETATM 1084 O  O     . HOH I 3 .  ? 2.692   4.093   6.400   1.00 59.70 ? 49  HOH D O     1 
HETATM 1085 O  O     . HOH I 3 .  ? 21.761  -2.162  5.402   1.00 62.15 ? 50  HOH D O     1 
HETATM 1086 O  O     . HOH I 3 .  ? 1.745   7.634   -1.146  1.00 50.47 ? 51  HOH D O     1 
HETATM 1087 O  O     . HOH I 3 .  ? 14.092  18.520  4.835   1.00 36.26 ? 52  HOH D O     1 
HETATM 1088 O  O     . HOH I 3 .  ? 11.632  21.290  -1.301  1.00 64.23 ? 53  HOH D O     1 
HETATM 1089 O  O     . HOH I 3 .  ? 13.119  22.055  3.114   1.00 68.56 ? 54  HOH D O     1 
HETATM 1090 O  O     . HOH I 3 .  ? 13.541  23.860  4.981   1.00 56.82 ? 55  HOH D O     1 
HETATM 1091 O  O     . HOH I 3 .  ? 12.100  -4.826  1.656   1.00 60.45 ? 56  HOH D O     1 
HETATM 1092 O  O     . HOH I 3 .  ? -1.405  18.566  -1.894  1.00 60.06 ? 57  HOH D O     1 
HETATM 1093 O  O     . HOH I 3 .  ? 20.574  -5.850  18.965  1.00 79.98 ? 58  HOH D O     1 
HETATM 1094 O  O     . HOH I 3 .  ? 13.727  19.965  -0.751  1.00 71.29 ? 59  HOH D O     1 
HETATM 1095 O  O     . HOH I 3 .  ? 8.453   -3.444  0.429   1.00 59.01 ? 60  HOH D O     1 
HETATM 1096 O  O     . HOH I 3 .  ? -2.349  15.245  4.554   1.00 65.34 ? 61  HOH D O     1 
HETATM 1097 O  O     . HOH I 3 .  ? 1.693   2.042   -0.323  1.00 60.14 ? 62  HOH D O     1 
HETATM 1098 O  O     . HOH I 3 .  ? 5.352   -2.915  0.819   1.00 41.90 ? 63  HOH D O     1 
HETATM 1099 O  O     . HOH I 3 .  ? -2.433  13.007  6.624   1.00 45.64 ? 64  HOH D O     1 
HETATM 1100 O  O     . HOH I 3 .  ? 3.313   -4.650  2.520   1.00 63.00 ? 65  HOH D O     1 
HETATM 1101 O  O     . HOH I 3 .  ? 21.214  2.214   3.618   1.00 55.48 ? 66  HOH D O     1 
HETATM 1102 O  O     . HOH I 3 .  ? 1.064   4.395   -2.186  1.00 61.86 ? 67  HOH D O     1 
HETATM 1103 O  O     . HOH I 3 .  ? 11.307  -4.335  6.215   1.00 54.17 ? 68  HOH D O     1 
# 
